data_2W8B
#
_entry.id   2W8B
#
_cell.length_a   74.740
_cell.length_b   89.240
_cell.length_c   90.900
_cell.angle_alpha   86.81
_cell.angle_beta   89.81
_cell.angle_gamma   68.62
#
_symmetry.space_group_name_H-M   'P 1'
#
loop_
_entity.id
_entity.type
_entity.pdbx_description
1 polymer 'PROTEIN TOLB'
2 polymer 'PROTEIN TOLB'
3 polymer 'PEPTIDOGLYCAN-ASSOCIATED LIPOPROTEIN'
4 non-polymer 'SULFATE ION'
5 non-polymer GLYCEROL
6 non-polymer 'ACETATE ION'
7 water water
#
loop_
_entity_poly.entity_id
_entity_poly.type
_entity_poly.pdbx_seq_one_letter_code
_entity_poly.pdbx_strand_id
1 'polypeptide(L)'
;EVRIVIDSGVDSGRPIGVVPFQWAGPGAAPEDIGGIVAADLRNSGKFNPLDRARLPQQPGSAQEVQPAAWSALGIDAVVV
GQVTPNPDGSYNVAYQLVDTGGAPGTVLAQNSYKVNKQWLRYAGHTASDEVFEKLTGIKGAFRTRIAYVVQTNGGQFPYE
LRVSDYDGYNQFVVHRSPQPLMSPAWSPDGSKLAYVTFESGRSALVIQTLANGAVRQVASFPRHNGAPAFSPDGSKLAFA
LSKTGSLNLYVMDLASGQIRQVTDGRSNNTEPTWFPDSQNLAFTSDQAGRPQVYKVNINGGAPQRITWEGSQNQDADVSS
DGKFMVMVSSNGGQQHIAKQDLATGGVQVLSSTFLDETPSLAPNGTMVLYSSSQGMGSVLNLVSTDGRFKARLPATDGQV
KFPAWSPYL
;
A
2 'polypeptide(L)'
;EVRIVIDSGVDSGRPIGVVPFQWAGPGAAPEDIGGIVAADLRNSGKFNPLDRARLPQQPGSAQEVQPAAWSALGIDAVVV
GQVTPNPDGSYNVAYQLVDTGGAPGTVLAQNSYKVNKQWLRYAGHTASDEVFEKLTGIKGAFRTRIAYVVQTNGGQFPYE
LRVSDYDGYNQFVVHRSPQPLMSPAWSPDGSKLAYVTFESGRSALVIQTLANGAVRQVASFPRHNGAPAFSPDGSKLAFA
LSKTGSLNLYVMDLASGQIRQVTDGRSNNTEPTWFPDSQNLAFTSDQAGRPQVYKVNINGGAPQRITWEGSQNQDADVSS
DGKFMVMVSSNGGQQHIAKQDLATGGVQVLSSTFLDETPSLAPNGTMVIYSSSQGMGSVLNLVSTDGRFKARLPATDGQV
KFPAWSPYL
;
B,D,F
3 'polypeptide(L)'
;MLQQNNIVYFDLDKYDIRSDFAQMLDAHANFLRSNPSYKVTVEGHADERGTPEYNISLGERRANAVKMYLQGKGVSADQI
SIVSYGKEKPAVLGHDEAAYSKNRRAVLVYLEHHHHHH
;
C,E,G,H
#
loop_
_chem_comp.id
_chem_comp.type
_chem_comp.name
_chem_comp.formula
ACT non-polymer 'ACETATE ION' 'C2 H3 O2 -1'
GOL non-polymer GLYCEROL 'C3 H8 O3'
SO4 non-polymer 'SULFATE ION' 'O4 S -2'
#
# COMPACT_ATOMS: atom_id res chain seq x y z
N GLU A 1 28.22 43.06 -2.04
CA GLU A 1 28.34 41.90 -3.02
C GLU A 1 28.48 40.46 -2.44
N VAL A 2 27.42 39.95 -1.83
CA VAL A 2 27.25 38.55 -1.40
C VAL A 2 27.91 37.36 -2.21
N ARG A 3 28.50 36.41 -1.49
CA ARG A 3 28.98 35.12 -2.04
C ARG A 3 28.62 34.05 -1.00
N ILE A 4 28.47 32.79 -1.40
CA ILE A 4 28.17 31.72 -0.43
C ILE A 4 29.42 31.30 0.35
N VAL A 5 29.33 31.08 1.65
CA VAL A 5 30.49 30.51 2.34
C VAL A 5 29.88 29.34 3.09
N ILE A 6 30.41 28.14 2.91
CA ILE A 6 29.92 26.96 3.55
C ILE A 6 30.57 26.73 4.91
N ASP A 7 29.77 26.29 5.87
CA ASP A 7 30.27 26.16 7.23
C ASP A 7 30.28 24.71 7.54
N SER A 8 29.24 24.02 7.15
CA SER A 8 29.34 22.57 6.96
C SER A 8 28.36 21.94 5.98
N GLY A 9 28.71 20.73 5.53
CA GLY A 9 28.49 20.22 4.15
C GLY A 9 29.87 20.17 3.46
N VAL A 10 30.90 20.59 4.24
CA VAL A 10 32.33 20.48 3.92
C VAL A 10 32.79 19.07 3.63
N ASP A 11 33.71 18.90 2.68
CA ASP A 11 34.36 17.60 2.47
C ASP A 11 33.42 16.41 2.73
N SER A 12 32.17 16.49 2.33
CA SER A 12 31.37 15.28 2.41
C SER A 12 30.27 15.43 1.36
N GLY A 13 29.45 14.38 1.21
CA GLY A 13 28.45 14.25 0.12
C GLY A 13 28.92 13.23 -0.92
N ARG A 14 28.09 13.00 -1.94
CA ARG A 14 28.46 12.05 -2.98
C ARG A 14 29.71 12.52 -3.78
N PRO A 15 30.78 11.70 -3.83
CA PRO A 15 31.97 12.10 -4.65
C PRO A 15 31.61 12.26 -6.13
N ILE A 16 32.10 13.29 -6.81
CA ILE A 16 31.84 13.46 -8.24
C ILE A 16 33.07 14.16 -8.88
N GLY A 17 33.38 13.81 -10.13
CA GLY A 17 34.43 14.50 -10.89
C GLY A 17 33.83 15.64 -11.71
N VAL A 18 34.29 16.88 -11.54
CA VAL A 18 33.86 17.95 -12.46
C VAL A 18 35.13 18.52 -13.09
N VAL A 19 35.25 18.42 -14.41
CA VAL A 19 36.52 18.72 -15.05
C VAL A 19 36.50 20.10 -15.65
N PRO A 20 37.63 20.86 -15.59
CA PRO A 20 37.54 22.18 -16.27
C PRO A 20 37.09 21.95 -17.74
N PHE A 21 36.24 22.83 -18.27
CA PHE A 21 35.73 22.60 -19.60
C PHE A 21 36.83 23.04 -20.60
N GLN A 22 36.83 22.39 -21.74
CA GLN A 22 37.75 22.72 -22.78
C GLN A 22 37.42 24.09 -23.41
N TRP A 23 38.42 24.82 -23.85
CA TRP A 23 38.13 26.15 -24.42
C TRP A 23 38.76 26.34 -25.79
N ALA A 24 37.89 26.48 -26.81
CA ALA A 24 38.28 26.73 -28.22
C ALA A 24 38.68 28.19 -28.51
N GLY A 25 39.74 28.65 -27.84
CA GLY A 25 40.25 29.98 -28.09
C GLY A 25 41.58 30.11 -27.42
N PRO A 26 42.28 31.21 -27.75
CA PRO A 26 43.52 31.62 -27.07
C PRO A 26 43.17 32.03 -25.63
N GLY A 27 44.11 31.91 -24.69
CA GLY A 27 43.83 32.37 -23.34
C GLY A 27 42.85 31.52 -22.56
N ALA A 28 42.10 32.16 -21.65
CA ALA A 28 41.15 31.42 -20.80
C ALA A 28 39.72 31.67 -21.31
N ALA A 29 38.82 30.76 -21.00
CA ALA A 29 37.43 30.98 -21.36
C ALA A 29 36.88 32.32 -20.78
N PRO A 30 35.84 32.88 -21.36
CA PRO A 30 35.22 34.04 -20.70
C PRO A 30 34.62 33.74 -19.30
N GLU A 31 34.53 32.46 -18.95
CA GLU A 31 33.88 32.08 -17.73
C GLU A 31 34.27 30.63 -17.43
N ASP A 32 34.40 30.28 -16.15
CA ASP A 32 34.87 28.93 -15.76
C ASP A 32 33.66 28.05 -15.49
N ILE A 33 33.08 27.48 -16.53
CA ILE A 33 31.84 26.71 -16.38
C ILE A 33 31.99 25.49 -15.43
N GLY A 34 33.06 24.70 -15.58
CA GLY A 34 33.27 23.60 -14.64
C GLY A 34 33.35 24.07 -13.22
N GLY A 35 33.93 25.25 -13.01
CA GLY A 35 33.96 25.84 -11.64
C GLY A 35 32.53 26.09 -11.11
N ILE A 36 31.69 26.69 -11.95
CA ILE A 36 30.29 26.86 -11.61
C ILE A 36 29.55 25.56 -11.27
N VAL A 37 29.72 24.55 -12.11
CA VAL A 37 29.02 23.29 -11.92
C VAL A 37 29.50 22.70 -10.62
N ALA A 38 30.82 22.66 -10.38
CA ALA A 38 31.36 22.15 -9.10
C ALA A 38 30.77 22.89 -7.87
N ALA A 39 30.83 24.22 -7.91
CA ALA A 39 30.31 25.03 -6.86
C ALA A 39 28.79 24.73 -6.62
N ASP A 40 28.00 24.80 -7.67
CA ASP A 40 26.56 24.50 -7.52
C ASP A 40 26.33 23.15 -6.84
N LEU A 41 26.91 22.07 -7.39
CA LEU A 41 26.70 20.75 -6.78
C LEU A 41 27.11 20.72 -5.32
N ARG A 42 28.23 21.37 -4.97
CA ARG A 42 28.62 21.39 -3.57
C ARG A 42 27.57 22.22 -2.79
N ASN A 43 27.10 23.36 -3.34
CA ASN A 43 26.13 24.17 -2.63
C ASN A 43 24.84 23.39 -2.34
N SER A 44 24.59 22.31 -3.08
CA SER A 44 23.32 21.61 -2.88
C SER A 44 23.35 20.80 -1.56
N GLY A 45 24.54 20.59 -1.00
CA GLY A 45 24.72 19.81 0.23
C GLY A 45 24.72 18.30 -0.11
N LYS A 46 24.56 17.95 -1.37
CA LYS A 46 24.51 16.53 -1.75
C LYS A 46 25.78 15.98 -2.42
N PHE A 47 26.74 16.81 -2.79
CA PHE A 47 27.90 16.31 -3.58
C PHE A 47 29.20 16.86 -3.04
N ASN A 48 30.28 16.13 -3.25
CA ASN A 48 31.64 16.51 -2.86
C ASN A 48 32.53 16.47 -4.11
N PRO A 49 32.59 17.59 -4.83
CA PRO A 49 33.33 17.41 -6.08
C PRO A 49 34.80 17.35 -5.77
N LEU A 50 35.52 16.52 -6.52
CA LEU A 50 36.94 16.29 -6.28
C LEU A 50 37.77 17.59 -6.48
N ASP A 51 38.67 17.89 -5.57
CA ASP A 51 39.31 19.18 -5.87
C ASP A 51 40.28 19.15 -7.07
N ARG A 52 40.43 20.30 -7.71
CA ARG A 52 41.25 20.41 -8.87
C ARG A 52 42.65 19.78 -8.74
N ALA A 53 43.32 19.98 -7.61
CA ALA A 53 44.65 19.42 -7.41
C ALA A 53 44.68 17.89 -7.54
N ARG A 54 43.54 17.23 -7.34
CA ARG A 54 43.55 15.79 -7.24
C ARG A 54 43.00 15.10 -8.49
N LEU A 55 42.52 15.88 -9.48
CA LEU A 55 41.92 15.23 -10.66
C LEU A 55 42.91 14.23 -11.30
N PRO A 56 42.48 12.96 -11.54
CA PRO A 56 43.48 12.09 -12.13
C PRO A 56 43.66 12.32 -13.65
N GLN A 57 42.71 12.94 -14.32
CA GLN A 57 42.91 13.30 -15.71
C GLN A 57 41.96 14.48 -15.92
N GLN A 58 42.17 15.24 -17.02
CA GLN A 58 41.30 16.36 -17.35
C GLN A 58 40.73 16.14 -18.75
N PRO A 59 39.90 15.11 -18.93
CA PRO A 59 39.37 14.85 -20.27
C PRO A 59 38.54 16.03 -20.77
N GLY A 60 38.66 16.42 -22.06
CA GLY A 60 37.83 17.48 -22.63
C GLY A 60 36.63 16.99 -23.44
N SER A 61 36.37 15.68 -23.39
CA SER A 61 35.27 15.07 -24.08
C SER A 61 34.91 13.74 -23.39
N ALA A 62 33.76 13.17 -23.74
CA ALA A 62 33.31 11.94 -23.09
C ALA A 62 34.19 10.79 -23.45
N GLN A 63 34.67 10.83 -24.70
CA GLN A 63 35.40 9.72 -25.26
C GLN A 63 36.72 9.68 -24.52
N GLU A 64 37.17 10.81 -23.97
CA GLU A 64 38.47 10.81 -23.31
C GLU A 64 38.44 10.40 -21.86
N VAL A 65 37.25 10.22 -21.29
CA VAL A 65 37.16 9.79 -19.90
C VAL A 65 37.71 8.36 -19.80
N GLN A 66 38.54 8.14 -18.79
CA GLN A 66 39.04 6.81 -18.46
C GLN A 66 38.29 6.44 -17.15
N PRO A 67 37.20 5.66 -17.27
CA PRO A 67 36.38 5.38 -16.08
C PRO A 67 37.17 4.80 -14.90
N ALA A 68 38.15 3.94 -15.19
CA ALA A 68 38.85 3.23 -14.11
C ALA A 68 39.59 4.21 -13.20
N ALA A 69 39.99 5.34 -13.76
CA ALA A 69 40.73 6.34 -12.98
C ALA A 69 39.84 6.99 -11.94
N TRP A 70 38.52 6.91 -12.17
CA TRP A 70 37.60 7.55 -11.20
C TRP A 70 36.97 6.53 -10.23
N SER A 71 36.72 5.30 -10.70
CA SER A 71 36.19 4.26 -9.84
C SER A 71 37.25 3.96 -8.78
N ALA A 72 38.54 4.11 -9.13
CA ALA A 72 39.61 3.89 -8.16
C ALA A 72 39.50 4.90 -7.01
N LEU A 73 38.77 5.98 -7.22
CA LEU A 73 38.62 7.03 -6.22
C LEU A 73 37.19 7.04 -5.65
N GLY A 74 36.38 6.05 -6.00
CA GLY A 74 35.00 5.92 -5.50
C GLY A 74 34.13 7.00 -6.11
N ILE A 75 34.49 7.40 -7.32
CA ILE A 75 33.72 8.44 -8.04
C ILE A 75 33.01 7.80 -9.21
N ASP A 76 31.69 7.94 -9.26
CA ASP A 76 30.92 7.18 -10.25
C ASP A 76 30.32 8.02 -11.37
N ALA A 77 30.64 9.30 -11.35
CA ALA A 77 30.22 10.17 -12.47
C ALA A 77 31.17 11.32 -12.60
N VAL A 78 31.30 11.80 -13.82
CA VAL A 78 32.24 12.83 -14.19
C VAL A 78 31.55 13.77 -15.15
N VAL A 79 31.70 15.07 -14.89
CA VAL A 79 31.21 16.10 -15.78
C VAL A 79 32.35 16.63 -16.61
N VAL A 80 32.22 16.63 -17.92
CA VAL A 80 33.22 17.30 -18.80
C VAL A 80 32.42 18.22 -19.70
N GLY A 81 33.08 19.04 -20.50
CA GLY A 81 32.33 20.01 -21.30
C GLY A 81 33.24 20.86 -22.16
N GLN A 82 32.66 21.77 -22.94
CA GLN A 82 33.44 22.54 -23.90
C GLN A 82 32.73 23.87 -23.99
N VAL A 83 33.51 24.93 -24.18
CA VAL A 83 32.97 26.24 -24.45
C VAL A 83 33.62 26.68 -25.80
N THR A 84 32.80 27.06 -26.77
CA THR A 84 33.34 27.48 -28.07
C THR A 84 32.72 28.83 -28.45
N PRO A 85 33.44 29.68 -29.21
CA PRO A 85 32.89 30.99 -29.62
C PRO A 85 32.10 30.86 -30.93
N ASN A 86 31.03 31.64 -31.11
CA ASN A 86 30.39 31.76 -32.40
C ASN A 86 30.73 33.12 -33.06
N PRO A 87 30.58 33.19 -34.40
CA PRO A 87 30.91 34.44 -35.13
C PRO A 87 30.10 35.67 -34.76
N ASP A 88 28.83 35.49 -34.30
CA ASP A 88 28.00 36.60 -33.79
C ASP A 88 28.40 37.11 -32.42
N GLY A 89 29.46 36.58 -31.81
CA GLY A 89 29.95 37.09 -30.52
C GLY A 89 29.41 36.26 -29.33
N SER A 90 28.45 35.39 -29.62
CA SER A 90 27.88 34.48 -28.59
C SER A 90 28.77 33.26 -28.34
N TYR A 91 28.35 32.40 -27.38
CA TYR A 91 29.12 31.20 -27.01
C TYR A 91 28.26 29.98 -27.03
N ASN A 92 28.87 28.81 -27.25
CA ASN A 92 28.20 27.55 -27.05
C ASN A 92 28.77 26.96 -25.77
N VAL A 93 27.89 26.54 -24.85
CA VAL A 93 28.37 25.90 -23.61
C VAL A 93 27.79 24.50 -23.60
N ALA A 94 28.64 23.47 -23.62
CA ALA A 94 28.10 22.09 -23.71
C ALA A 94 28.70 21.25 -22.62
N TYR A 95 27.95 20.29 -22.05
CA TYR A 95 28.53 19.42 -21.02
C TYR A 95 28.16 17.99 -21.44
N GLN A 96 28.86 16.95 -20.92
CA GLN A 96 28.40 15.60 -20.99
C GLN A 96 28.68 15.02 -19.62
N LEU A 97 27.72 14.24 -19.15
CA LEU A 97 27.77 13.61 -17.83
C LEU A 97 28.08 12.14 -18.13
N VAL A 98 29.21 11.62 -17.65
CA VAL A 98 29.68 10.31 -18.08
C VAL A 98 29.67 9.37 -16.87
N ASP A 99 29.04 8.23 -16.97
CA ASP A 99 29.00 7.23 -15.87
C ASP A 99 30.43 6.64 -15.79
N THR A 100 30.98 6.66 -14.59
CA THR A 100 32.26 5.99 -14.37
C THR A 100 32.10 4.91 -13.28
N GLY A 101 30.93 4.31 -13.14
CA GLY A 101 30.81 3.20 -12.21
C GLY A 101 30.40 1.93 -12.92
N GLY A 102 29.12 1.60 -12.85
CA GLY A 102 28.66 0.30 -13.38
C GLY A 102 28.33 0.30 -14.85
N ALA A 103 28.25 1.50 -15.45
CA ALA A 103 28.06 1.60 -16.87
C ALA A 103 29.14 2.49 -17.50
N PRO A 104 30.42 2.02 -17.44
CA PRO A 104 31.57 2.90 -17.66
C PRO A 104 31.58 3.51 -19.06
N GLY A 105 31.81 4.81 -19.14
CA GLY A 105 31.79 5.46 -20.44
C GLY A 105 30.41 5.81 -20.98
N THR A 106 29.31 5.36 -20.36
CA THR A 106 27.97 5.69 -20.88
C THR A 106 27.71 7.17 -20.60
N VAL A 107 27.17 7.88 -21.60
CA VAL A 107 26.81 9.28 -21.45
C VAL A 107 25.38 9.31 -20.92
N LEU A 108 25.26 9.76 -19.68
CA LEU A 108 24.05 9.73 -18.91
C LEU A 108 23.17 10.93 -19.23
N ALA A 109 23.80 12.03 -19.65
CA ALA A 109 23.09 13.22 -20.05
C ALA A 109 24.10 14.13 -20.77
N GLN A 110 23.57 14.97 -21.65
CA GLN A 110 24.41 15.93 -22.32
C GLN A 110 23.52 17.03 -22.88
N ASN A 111 24.10 18.20 -23.11
CA ASN A 111 23.33 19.29 -23.70
C ASN A 111 24.26 20.34 -24.25
N SER A 112 23.76 21.24 -25.08
CA SER A 112 24.57 22.41 -25.49
C SER A 112 23.68 23.66 -25.47
N TYR A 113 24.19 24.78 -25.00
CA TYR A 113 23.40 26.01 -24.98
C TYR A 113 24.15 27.11 -25.70
N LYS A 114 23.43 27.85 -26.54
CA LYS A 114 23.99 29.05 -27.14
C LYS A 114 23.59 30.28 -26.33
N VAL A 115 24.52 30.99 -25.72
CA VAL A 115 24.20 32.17 -24.92
C VAL A 115 25.14 33.33 -25.27
N ASN A 116 24.74 34.60 -25.07
CA ASN A 116 25.82 35.60 -25.05
C ASN A 116 26.63 35.72 -23.72
N LYS A 117 27.68 36.53 -23.75
CA LYS A 117 28.64 36.56 -22.67
C LYS A 117 27.91 36.76 -21.38
N GLN A 118 26.94 37.67 -21.38
CA GLN A 118 26.39 38.05 -20.09
C GLN A 118 25.53 36.94 -19.48
N TRP A 119 25.32 35.86 -20.24
CA TRP A 119 24.46 34.72 -19.77
C TRP A 119 25.24 33.37 -19.62
N LEU A 120 26.55 33.47 -19.61
CA LEU A 120 27.40 32.31 -19.38
C LEU A 120 27.14 31.62 -18.02
N ARG A 121 26.98 32.39 -16.94
CA ARG A 121 26.70 31.80 -15.61
C ARG A 121 25.37 31.06 -15.67
N TYR A 122 24.39 31.71 -16.26
CA TYR A 122 23.06 31.07 -16.55
C TYR A 122 23.21 29.67 -17.22
N ALA A 123 24.04 29.58 -18.27
CA ALA A 123 24.25 28.32 -18.96
C ALA A 123 24.92 27.32 -18.03
N GLY A 124 25.96 27.76 -17.31
CA GLY A 124 26.62 26.87 -16.33
C GLY A 124 25.60 26.27 -15.37
N HIS A 125 24.68 27.12 -14.91
CA HIS A 125 23.64 26.71 -13.94
C HIS A 125 22.67 25.71 -14.60
N THR A 126 22.42 25.86 -15.90
CA THR A 126 21.50 24.92 -16.55
C THR A 126 22.18 23.58 -16.59
N ALA A 127 23.48 23.58 -16.94
CA ALA A 127 24.25 22.32 -16.89
C ALA A 127 24.21 21.70 -15.46
N SER A 128 24.46 22.49 -14.41
CA SER A 128 24.28 21.96 -13.01
C SER A 128 22.91 21.31 -12.72
N ASP A 129 21.85 21.98 -13.19
CA ASP A 129 20.49 21.51 -12.99
C ASP A 129 20.28 20.14 -13.62
N GLU A 130 20.74 19.97 -14.85
CA GLU A 130 20.51 18.68 -15.57
C GLU A 130 21.32 17.55 -14.91
N VAL A 131 22.57 17.86 -14.56
CA VAL A 131 23.41 16.85 -13.93
C VAL A 131 22.82 16.49 -12.61
N PHE A 132 22.45 17.53 -11.85
CA PHE A 132 21.80 17.35 -10.53
C PHE A 132 20.55 16.47 -10.63
N GLU A 133 19.62 16.75 -11.57
CA GLU A 133 18.39 15.99 -11.62
C GLU A 133 18.59 14.53 -12.11
N LYS A 134 19.53 14.35 -13.03
CA LYS A 134 19.88 13.05 -13.57
C LYS A 134 20.46 12.18 -12.44
N LEU A 135 21.32 12.74 -11.61
CA LEU A 135 22.01 11.93 -10.62
C LEU A 135 21.16 11.74 -9.33
N THR A 136 20.30 12.70 -8.99
CA THR A 136 19.60 12.59 -7.72
C THR A 136 18.10 12.43 -7.87
N GLY A 137 17.56 12.67 -9.08
CA GLY A 137 16.09 12.64 -9.32
C GLY A 137 15.27 13.83 -8.81
N ILE A 138 15.96 14.81 -8.26
CA ILE A 138 15.36 16.04 -7.73
C ILE A 138 15.65 17.19 -8.68
N LYS A 139 14.61 17.96 -9.01
CA LYS A 139 14.74 19.09 -9.95
C LYS A 139 15.75 20.11 -9.41
N GLY A 140 16.60 20.63 -10.30
CA GLY A 140 17.62 21.57 -9.91
C GLY A 140 17.04 22.96 -9.71
N ALA A 141 17.63 23.70 -8.77
CA ALA A 141 17.29 25.10 -8.58
C ALA A 141 18.46 26.07 -8.75
N PHE A 142 19.47 25.74 -9.55
CA PHE A 142 20.71 26.60 -9.60
C PHE A 142 20.56 27.89 -10.39
N ARG A 143 19.47 27.96 -11.14
CA ARG A 143 19.19 29.13 -11.98
C ARG A 143 18.37 30.17 -11.23
N THR A 144 18.16 29.94 -9.95
CA THR A 144 17.20 30.75 -9.23
C THR A 144 17.84 32.03 -8.78
N ARG A 145 17.01 32.96 -8.38
CA ARG A 145 17.53 34.14 -7.71
C ARG A 145 17.02 34.26 -6.25
N ILE A 146 17.62 35.17 -5.45
CA ILE A 146 17.04 35.52 -4.16
C ILE A 146 16.82 37.04 -4.10
N ALA A 147 15.74 37.45 -3.43
CA ALA A 147 15.47 38.89 -3.08
C ALA A 147 15.85 39.09 -1.62
N TYR A 148 16.27 40.31 -1.24
CA TYR A 148 16.55 40.53 0.15
C TYR A 148 16.69 42.04 0.36
N VAL A 149 16.71 42.46 1.60
CA VAL A 149 16.71 43.89 1.92
C VAL A 149 18.07 44.15 2.58
N VAL A 150 18.81 45.14 2.14
CA VAL A 150 20.06 45.53 2.73
C VAL A 150 19.80 46.88 3.46
N GLN A 151 20.26 47.01 4.70
CA GLN A 151 20.07 48.24 5.46
C GLN A 151 21.48 48.75 5.80
N THR A 152 21.85 49.90 5.27
CA THR A 152 23.14 50.46 5.65
C THR A 152 23.01 51.32 6.87
N ASN A 153 24.14 51.65 7.50
CA ASN A 153 24.15 52.65 8.57
C ASN A 153 24.11 54.00 7.85
N GLY A 154 23.06 54.78 8.09
CA GLY A 154 22.91 56.11 7.47
C GLY A 154 22.80 56.30 5.97
N GLY A 155 22.84 57.57 5.54
CA GLY A 155 22.56 57.94 4.19
C GLY A 155 21.09 58.30 4.04
N GLN A 156 20.74 58.96 2.95
CA GLN A 156 19.36 59.39 2.82
C GLN A 156 18.43 58.21 2.53
N PHE A 157 18.94 57.14 1.94
CA PHE A 157 18.17 55.94 1.55
C PHE A 157 18.82 54.66 2.10
N PRO A 158 18.72 54.46 3.41
CA PRO A 158 19.42 53.38 4.11
C PRO A 158 18.88 51.97 3.74
N TYR A 159 17.69 51.90 3.15
CA TYR A 159 17.02 50.60 2.96
C TYR A 159 16.95 50.24 1.45
N GLU A 160 17.46 49.09 1.04
CA GLU A 160 17.43 48.76 -0.37
C GLU A 160 16.92 47.35 -0.57
N LEU A 161 15.91 47.17 -1.43
CA LEU A 161 15.52 45.81 -1.80
C LEU A 161 16.39 45.42 -2.96
N ARG A 162 17.01 44.23 -2.93
CA ARG A 162 17.88 43.87 -4.01
C ARG A 162 17.60 42.46 -4.32
N VAL A 163 18.05 42.08 -5.52
CA VAL A 163 17.98 40.73 -6.09
C VAL A 163 19.38 40.33 -6.56
N SER A 164 19.72 39.07 -6.33
CA SER A 164 20.87 38.48 -6.96
C SER A 164 20.57 37.04 -7.35
N ASP A 165 21.52 36.42 -8.02
CA ASP A 165 21.44 35.01 -8.26
C ASP A 165 21.60 34.36 -6.88
N TYR A 166 21.28 33.08 -6.81
CA TYR A 166 21.20 32.42 -5.49
C TYR A 166 22.57 32.36 -4.87
N ASP A 167 23.61 32.34 -5.69
CA ASP A 167 25.00 32.27 -5.17
C ASP A 167 25.69 33.65 -5.03
N GLY A 168 24.88 34.73 -5.15
CA GLY A 168 25.34 36.12 -4.93
C GLY A 168 25.67 36.94 -6.17
N TYR A 169 25.96 36.29 -7.30
CA TYR A 169 26.40 36.99 -8.55
C TYR A 169 25.23 37.76 -9.17
N ASN A 170 25.54 38.79 -9.98
CA ASN A 170 24.53 39.56 -10.71
C ASN A 170 23.51 40.28 -9.79
N GLN A 171 23.97 40.89 -8.70
CA GLN A 171 23.10 41.67 -7.80
C GLN A 171 22.62 42.92 -8.56
N PHE A 172 21.39 43.37 -8.30
CA PHE A 172 20.94 44.67 -8.77
C PHE A 172 20.00 45.25 -7.74
N VAL A 173 19.85 46.56 -7.79
CA VAL A 173 18.99 47.18 -6.83
C VAL A 173 17.61 47.29 -7.40
N VAL A 174 16.62 46.72 -6.69
CA VAL A 174 15.21 46.88 -7.09
C VAL A 174 14.57 48.18 -6.67
N HIS A 175 14.77 48.58 -5.42
CA HIS A 175 14.16 49.82 -4.91
C HIS A 175 14.93 50.29 -3.68
N ARG A 176 15.07 51.63 -3.56
CA ARG A 176 15.74 52.30 -2.46
C ARG A 176 14.70 53.13 -1.73
N SER A 177 14.86 53.24 -0.41
CA SER A 177 13.85 53.91 0.41
C SER A 177 14.47 54.59 1.65
N PRO A 178 13.88 55.69 2.10
CA PRO A 178 14.31 56.35 3.34
C PRO A 178 13.78 55.62 4.56
N GLN A 179 12.78 54.78 4.33
CA GLN A 179 12.10 54.08 5.44
C GLN A 179 12.03 52.60 5.18
N PRO A 180 11.80 51.80 6.25
CA PRO A 180 11.92 50.34 6.13
C PRO A 180 11.10 49.71 4.99
N LEU A 181 11.64 48.62 4.50
CA LEU A 181 11.01 47.84 3.48
C LEU A 181 10.76 46.45 4.12
N MET A 182 9.63 45.79 3.85
CA MET A 182 9.49 44.45 4.43
C MET A 182 9.09 43.43 3.41
N SER A 183 9.46 42.17 3.71
CA SER A 183 8.74 40.99 3.17
C SER A 183 8.59 40.86 1.66
N PRO A 184 9.70 40.84 0.89
CA PRO A 184 9.53 40.62 -0.55
C PRO A 184 8.91 39.19 -0.88
N ALA A 185 8.08 39.12 -1.91
CA ALA A 185 7.45 37.89 -2.30
C ALA A 185 7.53 37.80 -3.80
N TRP A 186 7.98 36.66 -4.32
CA TRP A 186 8.11 36.50 -5.76
C TRP A 186 6.79 36.01 -6.42
N SER A 187 6.43 36.58 -7.55
CA SER A 187 5.39 35.91 -8.39
C SER A 187 5.94 34.62 -9.00
N PRO A 188 5.05 33.66 -9.22
CA PRO A 188 5.46 32.34 -9.66
C PRO A 188 6.22 32.31 -11.01
N ASP A 189 6.04 33.36 -11.83
CA ASP A 189 6.76 33.41 -13.10
C ASP A 189 8.10 34.11 -12.98
N GLY A 190 8.37 34.60 -11.77
CA GLY A 190 9.62 35.20 -11.44
C GLY A 190 9.69 36.66 -11.87
N SER A 191 8.64 37.19 -12.50
CA SER A 191 8.76 38.51 -13.12
C SER A 191 8.50 39.71 -12.17
N LYS A 192 7.88 39.47 -11.02
N LYS A 192 7.84 39.46 -11.04
CA LYS A 192 7.52 40.58 -10.13
CA LYS A 192 7.46 40.54 -10.10
C LYS A 192 7.80 40.26 -8.68
C LYS A 192 7.92 40.24 -8.68
N LEU A 193 8.14 41.28 -7.89
CA LEU A 193 8.23 41.16 -6.42
C LEU A 193 7.14 42.01 -5.79
N ALA A 194 6.43 41.43 -4.85
CA ALA A 194 5.62 42.23 -3.96
C ALA A 194 6.48 42.60 -2.76
N TYR A 195 6.30 43.82 -2.22
CA TYR A 195 6.86 44.16 -0.93
C TYR A 195 6.13 45.28 -0.21
N VAL A 196 6.54 45.51 1.03
CA VAL A 196 5.97 46.54 1.86
C VAL A 196 6.94 47.69 1.99
N THR A 197 6.42 48.92 1.87
CA THR A 197 7.32 50.06 2.08
C THR A 197 6.67 51.07 3.02
N PHE A 198 7.47 51.66 3.90
CA PHE A 198 6.96 52.74 4.74
C PHE A 198 7.37 54.12 4.26
N GLU A 199 7.77 54.23 3.00
CA GLU A 199 8.33 55.55 2.59
C GLU A 199 7.30 56.65 2.53
N SER A 200 6.02 56.33 2.45
CA SER A 200 5.02 57.42 2.45
C SER A 200 4.71 57.97 3.84
N GLY A 201 5.32 57.43 4.89
CA GLY A 201 4.78 57.79 6.18
C GLY A 201 4.01 56.67 6.83
N ARG A 202 3.39 55.78 6.04
CA ARG A 202 2.85 54.55 6.61
C ARG A 202 3.05 53.33 5.65
N SER A 203 2.64 52.12 6.05
CA SER A 203 2.93 50.98 5.23
C SER A 203 2.13 51.04 3.93
N ALA A 204 2.72 50.62 2.81
CA ALA A 204 1.94 50.46 1.59
C ALA A 204 2.37 49.14 1.07
N LEU A 205 1.46 48.42 0.44
CA LEU A 205 1.85 47.15 -0.19
C LEU A 205 1.78 47.32 -1.69
N VAL A 206 2.90 47.04 -2.38
CA VAL A 206 3.01 47.24 -3.83
C VAL A 206 3.56 45.97 -4.56
N ILE A 207 3.43 45.94 -5.89
CA ILE A 207 4.00 44.89 -6.72
C ILE A 207 4.83 45.58 -7.78
N GLN A 208 6.11 45.28 -7.81
CA GLN A 208 7.00 45.87 -8.78
C GLN A 208 7.38 44.85 -9.85
N THR A 209 7.16 45.22 -11.12
CA THR A 209 7.71 44.50 -12.27
C THR A 209 9.21 44.73 -12.39
N LEU A 210 9.98 43.64 -12.35
CA LEU A 210 11.41 43.76 -12.24
C LEU A 210 12.04 44.34 -13.56
N ALA A 211 11.56 43.92 -14.72
CA ALA A 211 12.21 44.28 -15.99
C ALA A 211 12.17 45.82 -16.26
N ASN A 212 11.17 46.53 -15.77
CA ASN A 212 11.01 47.98 -16.15
C ASN A 212 10.79 48.88 -14.90
N GLY A 213 10.84 48.27 -13.73
CA GLY A 213 10.55 48.98 -12.49
C GLY A 213 9.09 49.43 -12.30
N ALA A 214 8.12 48.98 -13.12
CA ALA A 214 6.73 49.44 -12.97
C ALA A 214 6.19 49.02 -11.60
N VAL A 215 5.50 49.96 -10.91
CA VAL A 215 4.87 49.68 -9.62
C VAL A 215 3.32 49.69 -9.62
N ARG A 216 2.73 48.58 -9.14
CA ARG A 216 1.27 48.50 -8.95
C ARG A 216 0.96 48.62 -7.45
N GLN A 217 0.16 49.64 -7.09
CA GLN A 217 -0.30 49.84 -5.71
C GLN A 217 -1.31 48.75 -5.39
N VAL A 218 -1.13 47.99 -4.32
CA VAL A 218 -2.10 46.93 -4.00
C VAL A 218 -2.98 47.38 -2.87
N ALA A 219 -2.33 47.90 -1.83
CA ALA A 219 -3.07 48.27 -0.61
C ALA A 219 -2.33 49.26 0.24
N SER A 220 -2.96 50.39 0.55
CA SER A 220 -2.46 51.24 1.64
C SER A 220 -3.66 51.77 2.47
N PHE A 221 -4.40 50.86 3.08
CA PHE A 221 -5.45 51.23 4.04
C PHE A 221 -4.85 51.72 5.37
N PRO A 222 -5.68 52.36 6.20
CA PRO A 222 -5.08 52.83 7.45
C PRO A 222 -4.35 51.63 8.01
N ARG A 223 -3.51 51.87 9.02
CA ARG A 223 -2.73 50.82 9.73
C ARG A 223 -1.75 49.95 8.87
N HIS A 224 -1.77 48.62 8.98
CA HIS A 224 -0.69 47.85 8.31
C HIS A 224 -1.25 47.21 7.05
N ASN A 225 -0.45 47.23 6.00
CA ASN A 225 -0.68 46.44 4.75
C ASN A 225 0.60 45.67 4.45
N GLY A 226 0.64 44.36 4.67
CA GLY A 226 1.89 43.67 4.35
C GLY A 226 1.72 42.19 4.21
N ALA A 227 2.84 41.47 4.43
CA ALA A 227 2.92 39.98 4.43
C ALA A 227 2.38 39.32 3.14
N PRO A 228 2.88 39.79 1.97
CA PRO A 228 2.33 39.23 0.71
C PRO A 228 2.80 37.81 0.37
N ALA A 229 2.00 37.10 -0.42
CA ALA A 229 2.44 35.82 -0.97
C ALA A 229 1.62 35.60 -2.24
N PHE A 230 2.29 35.32 -3.34
CA PHE A 230 1.58 35.02 -4.59
C PHE A 230 1.12 33.58 -4.60
N SER A 231 -0.11 33.32 -5.08
CA SER A 231 -0.57 31.94 -5.28
C SER A 231 0.21 31.25 -6.39
N PRO A 232 0.50 29.99 -6.19
CA PRO A 232 1.27 29.32 -7.20
C PRO A 232 0.58 29.29 -8.58
N ASP A 233 -0.75 29.35 -8.69
CA ASP A 233 -1.32 29.33 -10.08
C ASP A 233 -1.27 30.68 -10.73
N GLY A 234 -0.67 31.68 -10.09
CA GLY A 234 -0.55 33.01 -10.75
C GLY A 234 -1.78 33.92 -10.61
N SER A 235 -2.82 33.45 -9.96
CA SER A 235 -4.07 34.20 -10.01
C SER A 235 -4.31 35.21 -8.90
N LYS A 236 -3.61 35.04 -7.79
CA LYS A 236 -3.95 35.76 -6.61
C LYS A 236 -2.74 36.17 -5.80
N LEU A 237 -2.95 37.20 -5.00
CA LEU A 237 -2.01 37.60 -3.94
C LEU A 237 -2.75 37.54 -2.60
N ALA A 238 -2.26 36.73 -1.65
CA ALA A 238 -2.75 36.80 -0.30
C ALA A 238 -1.91 37.84 0.46
N PHE A 239 -2.47 38.42 1.49
CA PHE A 239 -1.73 39.45 2.30
C PHE A 239 -2.49 39.71 3.56
N ALA A 240 -1.93 40.58 4.42
CA ALA A 240 -2.58 40.89 5.65
C ALA A 240 -2.81 42.38 5.79
N LEU A 241 -3.99 42.72 6.32
CA LEU A 241 -4.31 44.14 6.64
C LEU A 241 -4.84 44.22 8.07
N SER A 242 -4.49 45.30 8.76
CA SER A 242 -5.02 45.45 10.10
C SER A 242 -5.99 46.62 10.22
N LYS A 243 -6.56 47.13 9.12
CA LYS A 243 -7.52 48.24 9.20
C LYS A 243 -8.68 47.93 10.16
N THR A 244 -9.14 46.69 10.19
CA THR A 244 -10.22 46.30 11.14
C THR A 244 -9.86 46.33 12.62
N GLY A 245 -8.59 46.56 12.98
CA GLY A 245 -8.23 46.61 14.40
C GLY A 245 -7.29 45.49 14.85
N SER A 246 -7.09 44.51 13.97
CA SER A 246 -6.07 43.46 14.18
C SER A 246 -5.82 42.98 12.77
N LEU A 247 -4.69 42.31 12.58
CA LEU A 247 -4.28 41.73 11.32
C LEU A 247 -5.21 40.62 10.93
N ASN A 248 -5.64 40.66 9.69
CA ASN A 248 -6.51 39.62 9.12
C ASN A 248 -6.05 39.29 7.70
N LEU A 249 -6.35 38.09 7.20
CA LEU A 249 -5.97 37.71 5.82
C LEU A 249 -6.98 38.19 4.71
N TYR A 250 -6.44 38.72 3.60
CA TYR A 250 -7.22 39.08 2.40
C TYR A 250 -6.53 38.47 1.21
N VAL A 251 -7.27 38.28 0.12
CA VAL A 251 -6.72 37.84 -1.13
CA VAL A 251 -6.69 37.88 -1.15
C VAL A 251 -7.20 38.83 -2.19
N MET A 252 -6.36 39.13 -3.14
CA MET A 252 -6.73 39.97 -4.26
CA MET A 252 -6.72 39.98 -4.26
C MET A 252 -6.68 39.12 -5.53
N ASP A 253 -7.71 39.23 -6.35
CA ASP A 253 -7.68 38.64 -7.68
C ASP A 253 -6.78 39.57 -8.54
N LEU A 254 -5.65 39.09 -9.04
CA LEU A 254 -4.70 39.98 -9.69
C LEU A 254 -5.29 40.55 -10.98
N ALA A 255 -6.04 39.74 -11.73
CA ALA A 255 -6.68 40.26 -12.94
C ALA A 255 -7.63 41.44 -12.74
N SER A 256 -8.56 41.32 -11.81
CA SER A 256 -9.53 42.39 -11.61
C SER A 256 -9.11 43.44 -10.57
N GLY A 257 -8.13 43.10 -9.72
CA GLY A 257 -7.83 43.94 -8.54
C GLY A 257 -8.85 43.75 -7.41
N GLN A 258 -9.81 42.86 -7.58
CA GLN A 258 -10.79 42.71 -6.51
C GLN A 258 -10.25 42.04 -5.23
N ILE A 259 -10.47 42.69 -4.09
CA ILE A 259 -9.98 42.20 -2.77
C ILE A 259 -11.06 41.54 -1.97
N ARG A 260 -10.79 40.34 -1.47
CA ARG A 260 -11.73 39.67 -0.61
C ARG A 260 -11.10 39.38 0.75
N GLN A 261 -11.86 39.60 1.83
CA GLN A 261 -11.45 39.24 3.16
C GLN A 261 -11.56 37.74 3.41
N VAL A 262 -10.55 37.14 4.01
CA VAL A 262 -10.57 35.72 4.28
C VAL A 262 -10.72 35.37 5.76
N THR A 263 -10.07 36.10 6.67
CA THR A 263 -10.28 35.84 8.08
C THR A 263 -10.89 37.08 8.68
N ASP A 264 -11.66 36.94 9.75
CA ASP A 264 -12.25 38.13 10.35
C ASP A 264 -12.21 38.14 11.85
N GLY A 265 -11.19 37.50 12.39
CA GLY A 265 -11.11 37.34 13.82
C GLY A 265 -10.62 38.58 14.51
N ARG A 266 -10.76 38.60 15.84
CA ARG A 266 -10.23 39.70 16.65
C ARG A 266 -8.78 39.45 16.96
N SER A 267 -8.30 38.25 16.67
CA SER A 267 -6.88 37.95 16.85
C SER A 267 -6.16 38.52 15.65
N ASN A 268 -4.84 38.39 15.68
CA ASN A 268 -3.99 38.73 14.57
C ASN A 268 -3.65 37.49 13.79
N ASN A 269 -3.83 37.63 12.48
CA ASN A 269 -3.69 36.61 11.48
C ASN A 269 -2.85 37.18 10.35
N THR A 270 -1.66 36.64 10.18
CA THR A 270 -0.77 37.24 9.24
C THR A 270 0.23 36.22 8.68
N GLU A 271 1.25 36.65 7.92
CA GLU A 271 2.27 35.76 7.34
C GLU A 271 1.68 34.57 6.58
N PRO A 272 0.80 34.82 5.60
CA PRO A 272 0.19 33.73 4.86
C PRO A 272 1.20 33.04 3.95
N THR A 273 1.05 31.73 3.73
CA THR A 273 1.87 30.97 2.79
C THR A 273 0.94 29.96 2.07
N TRP A 274 1.14 29.78 0.76
CA TRP A 274 0.17 29.03 -0.05
C TRP A 274 0.52 27.54 -0.04
N PHE A 275 -0.50 26.69 0.02
CA PHE A 275 -0.35 25.28 -0.35
C PHE A 275 -0.38 25.22 -1.88
N PRO A 276 0.14 24.13 -2.45
CA PRO A 276 0.26 23.92 -3.89
C PRO A 276 -1.04 24.10 -4.69
N ASP A 277 -2.19 24.01 -4.06
CA ASP A 277 -3.50 24.08 -4.78
C ASP A 277 -4.07 25.48 -4.95
N SER A 278 -3.34 26.48 -4.50
CA SER A 278 -3.83 27.86 -4.59
C SER A 278 -5.21 28.03 -4.02
N GLN A 279 -5.56 27.26 -3.00
CA GLN A 279 -6.85 27.38 -2.32
C GLN A 279 -6.68 27.41 -0.81
N ASN A 280 -5.61 26.82 -0.32
CA ASN A 280 -5.41 26.81 1.10
C ASN A 280 -4.19 27.60 1.47
N LEU A 281 -4.24 28.23 2.64
CA LEU A 281 -3.10 28.94 3.18
C LEU A 281 -2.71 28.37 4.52
N ALA A 282 -1.43 28.39 4.85
CA ALA A 282 -1.02 28.27 6.29
C ALA A 282 -0.66 29.70 6.69
N PHE A 283 -0.71 29.95 7.97
CA PHE A 283 -0.50 31.34 8.42
C PHE A 283 -0.37 31.41 9.93
N THR A 284 0.13 32.55 10.40
CA THR A 284 0.29 32.76 11.84
C THR A 284 -0.96 33.36 12.48
N SER A 285 -1.48 32.68 13.49
CA SER A 285 -2.49 33.31 14.35
C SER A 285 -2.06 33.34 15.82
N ASP A 286 -2.40 34.43 16.54
CA ASP A 286 -2.31 34.42 18.00
C ASP A 286 -3.64 34.09 18.70
N GLN A 287 -4.63 33.50 18.00
CA GLN A 287 -5.90 33.24 18.68
CA GLN A 287 -5.91 33.22 18.65
C GLN A 287 -5.79 32.29 19.86
N ALA A 288 -4.80 31.41 19.84
CA ALA A 288 -4.66 30.50 20.99
C ALA A 288 -3.84 31.11 22.09
N GLY A 289 -3.31 32.33 21.89
CA GLY A 289 -2.44 32.89 22.94
C GLY A 289 -1.17 33.25 22.24
N ARG A 290 -0.09 32.52 22.54
CA ARG A 290 1.20 32.65 21.78
C ARG A 290 1.02 32.21 20.30
N PRO A 291 1.77 32.81 19.34
CA PRO A 291 1.55 32.55 17.95
C PRO A 291 1.66 31.08 17.67
N GLN A 292 0.82 30.59 16.74
CA GLN A 292 0.92 29.23 16.23
C GLN A 292 0.57 29.29 14.73
N VAL A 293 0.84 28.20 14.01
CA VAL A 293 0.44 28.14 12.60
C VAL A 293 -0.91 27.41 12.49
N TYR A 294 -1.76 27.98 11.64
CA TYR A 294 -3.11 27.53 11.33
C TYR A 294 -3.19 27.37 9.83
N LYS A 295 -4.33 26.80 9.41
CA LYS A 295 -4.51 26.46 8.04
C LYS A 295 -5.96 26.83 7.76
N VAL A 296 -6.21 27.48 6.62
CA VAL A 296 -7.56 27.85 6.27
C VAL A 296 -7.71 27.76 4.77
N ASN A 297 -8.91 27.33 4.36
CA ASN A 297 -9.26 27.32 2.94
C ASN A 297 -9.81 28.71 2.59
N ILE A 298 -9.42 29.31 1.48
CA ILE A 298 -9.78 30.69 1.27
C ILE A 298 -11.25 30.79 0.94
N ASN A 299 -11.91 29.66 0.72
CA ASN A 299 -13.33 29.75 0.30
C ASN A 299 -14.36 29.68 1.45
N GLY A 300 -13.99 29.11 2.58
CA GLY A 300 -14.89 29.13 3.74
C GLY A 300 -14.41 28.18 4.82
N GLY A 301 -14.85 28.39 6.07
CA GLY A 301 -14.56 27.47 7.17
C GLY A 301 -13.60 28.09 8.19
N ALA A 302 -13.55 27.51 9.37
CA ALA A 302 -12.79 28.04 10.50
C ALA A 302 -11.31 27.62 10.36
N PRO A 303 -10.39 28.56 10.59
CA PRO A 303 -8.99 28.12 10.55
C PRO A 303 -8.72 26.97 11.55
N GLN A 304 -7.82 26.03 11.20
CA GLN A 304 -7.53 24.92 12.09
C GLN A 304 -6.06 25.04 12.52
N ARG A 305 -5.79 24.95 13.83
CA ARG A 305 -4.40 24.91 14.34
C ARG A 305 -3.61 23.71 13.77
N ILE A 306 -2.37 23.91 13.29
CA ILE A 306 -1.56 22.77 12.88
C ILE A 306 -0.23 22.58 13.62
N THR A 307 0.19 23.53 14.46
CA THR A 307 1.47 23.38 15.20
C THR A 307 1.33 23.19 16.70
N TRP A 308 2.19 22.35 17.29
CA TRP A 308 2.26 22.09 18.74
C TRP A 308 3.71 21.95 19.34
N GLU A 309 4.72 22.03 18.49
CA GLU A 309 6.16 22.04 18.84
C GLU A 309 6.47 23.16 19.80
N GLY A 310 7.24 22.85 20.86
CA GLY A 310 7.78 23.91 21.75
C GLY A 310 6.63 24.78 22.25
N SER A 311 6.83 26.08 22.45
CA SER A 311 5.82 26.92 23.04
CA SER A 311 5.77 26.90 23.01
C SER A 311 5.11 27.83 21.99
N GLN A 312 5.70 27.97 20.82
CA GLN A 312 5.26 29.03 19.89
C GLN A 312 5.78 28.74 18.49
N ASN A 313 4.96 29.01 17.48
CA ASN A 313 5.35 28.75 16.12
C ASN A 313 4.73 29.77 15.16
N GLN A 314 5.46 30.19 14.13
CA GLN A 314 4.89 31.21 13.27
C GLN A 314 5.72 31.37 12.03
N ASP A 315 5.27 32.24 11.12
CA ASP A 315 6.10 32.67 10.00
C ASP A 315 6.52 31.51 9.09
N ALA A 316 5.53 30.81 8.59
CA ALA A 316 5.74 29.50 7.94
C ALA A 316 5.88 29.66 6.42
N ASP A 317 6.45 28.65 5.77
CA ASP A 317 6.59 28.65 4.33
C ASP A 317 6.36 27.20 3.97
N VAL A 318 5.31 26.98 3.21
CA VAL A 318 4.91 25.61 2.81
C VAL A 318 5.71 25.17 1.57
N SER A 319 6.14 23.90 1.51
CA SER A 319 6.98 23.45 0.38
C SER A 319 6.19 23.40 -0.96
N SER A 320 6.90 23.46 -2.07
CA SER A 320 6.21 23.50 -3.38
C SER A 320 5.46 22.22 -3.64
N ASP A 321 5.81 21.11 -2.97
CA ASP A 321 5.00 19.87 -3.12
C ASP A 321 3.95 19.65 -2.02
N GLY A 322 3.82 20.58 -1.08
CA GLY A 322 2.81 20.49 0.01
C GLY A 322 3.11 19.48 1.14
N LYS A 323 4.22 18.77 1.08
CA LYS A 323 4.53 17.68 2.07
C LYS A 323 5.01 18.20 3.44
N PHE A 324 5.62 19.39 3.46
CA PHE A 324 6.19 19.96 4.69
C PHE A 324 6.18 21.49 4.63
N MET A 325 6.36 22.08 5.81
CA MET A 325 6.59 23.51 5.88
C MET A 325 7.85 23.72 6.70
N VAL A 326 8.49 24.87 6.50
CA VAL A 326 9.47 25.31 7.51
C VAL A 326 8.89 26.50 8.25
N MET A 327 9.34 26.75 9.47
CA MET A 327 8.75 27.82 10.26
C MET A 327 9.72 28.26 11.32
N VAL A 328 9.32 29.27 12.08
CA VAL A 328 10.17 29.83 13.18
C VAL A 328 9.51 29.35 14.48
N SER A 329 10.28 28.59 15.22
CA SER A 329 9.75 27.86 16.38
C SER A 329 10.48 28.37 17.62
N SER A 330 9.74 28.74 18.65
CA SER A 330 10.34 29.50 19.78
C SER A 330 10.23 28.67 21.06
N ASN A 331 11.34 28.54 21.79
CA ASN A 331 11.30 27.81 23.05
C ASN A 331 12.49 28.29 23.94
N GLY A 332 12.23 28.39 25.24
CA GLY A 332 13.27 28.74 26.21
C GLY A 332 13.98 30.03 25.85
N GLY A 333 13.26 31.03 25.38
CA GLY A 333 13.94 32.29 25.01
C GLY A 333 14.77 32.27 23.73
N GLN A 334 14.69 31.19 22.96
CA GLN A 334 15.40 31.09 21.69
C GLN A 334 14.40 30.80 20.55
N GLN A 335 14.79 31.07 19.30
CA GLN A 335 13.90 30.82 18.18
C GLN A 335 14.79 30.31 17.02
N HIS A 336 14.36 29.24 16.34
CA HIS A 336 15.13 28.59 15.30
C HIS A 336 14.22 28.17 14.15
N ILE A 337 14.81 27.84 13.03
CA ILE A 337 14.01 27.34 11.94
C ILE A 337 13.74 25.85 12.16
N ALA A 338 12.48 25.44 11.93
CA ALA A 338 12.04 24.07 12.12
C ALA A 338 11.27 23.65 10.86
N LYS A 339 11.24 22.34 10.64
CA LYS A 339 10.53 21.72 9.57
C LYS A 339 9.48 20.78 10.13
N GLN A 340 8.26 20.85 9.60
CA GLN A 340 7.13 20.07 10.09
C GLN A 340 6.57 19.34 8.87
N ASP A 341 6.44 18.04 9.00
CA ASP A 341 5.89 17.18 7.99
C ASP A 341 4.38 17.33 8.12
N LEU A 342 3.75 17.77 7.05
CA LEU A 342 2.38 18.22 7.17
C LEU A 342 1.42 17.05 7.23
N ALA A 343 1.85 15.84 6.92
CA ALA A 343 0.96 14.66 7.03
C ALA A 343 1.07 14.08 8.44
N THR A 344 2.26 14.00 9.00
CA THR A 344 2.41 13.29 10.29
C THR A 344 2.40 14.21 11.53
N GLY A 345 2.76 15.48 11.34
CA GLY A 345 2.92 16.44 12.42
C GLY A 345 4.34 16.34 13.02
N GLY A 346 5.22 15.50 12.48
CA GLY A 346 6.55 15.38 13.07
C GLY A 346 7.37 16.63 12.77
N VAL A 347 8.32 16.95 13.67
CA VAL A 347 9.11 18.17 13.57
C VAL A 347 10.59 17.87 13.72
N GLN A 348 11.40 18.53 12.89
CA GLN A 348 12.83 18.48 13.06
C GLN A 348 13.33 19.92 13.10
N VAL A 349 14.13 20.26 14.12
CA VAL A 349 14.81 21.57 14.18
C VAL A 349 16.00 21.61 13.24
N LEU A 350 16.08 22.64 12.38
CA LEU A 350 17.12 22.71 11.35
C LEU A 350 18.33 23.53 11.78
N SER A 351 18.09 24.62 12.50
CA SER A 351 19.13 25.60 12.68
C SER A 351 19.44 25.81 14.14
N SER A 352 20.63 26.34 14.41
CA SER A 352 21.00 26.64 15.78
C SER A 352 21.53 28.03 15.88
N THR A 353 21.36 28.81 14.83
CA THR A 353 21.79 30.22 14.90
C THR A 353 20.87 31.06 15.80
N PHE A 354 21.26 32.33 16.01
CA PHE A 354 20.56 33.21 16.94
C PHE A 354 19.57 34.16 16.26
N LEU A 355 18.33 34.13 16.73
CA LEU A 355 17.25 35.06 16.34
C LEU A 355 16.87 34.73 14.92
N ASP A 356 16.59 33.44 14.71
CA ASP A 356 16.30 33.03 13.34
C ASP A 356 14.93 33.52 12.95
N GLU A 357 14.82 34.03 11.74
CA GLU A 357 13.47 34.45 11.24
C GLU A 357 13.31 34.34 9.72
N THR A 358 12.09 34.56 9.23
CA THR A 358 11.79 34.63 7.83
C THR A 358 12.40 33.56 6.92
N PRO A 359 12.04 32.29 7.13
CA PRO A 359 12.60 31.27 6.27
C PRO A 359 11.89 31.21 4.86
N SER A 360 12.66 31.05 3.78
CA SER A 360 12.09 30.88 2.45
C SER A 360 12.67 29.60 1.82
N LEU A 361 11.83 28.75 1.27
CA LEU A 361 12.31 27.53 0.65
C LEU A 361 12.68 27.72 -0.81
N ALA A 362 13.79 27.12 -1.24
CA ALA A 362 14.11 26.94 -2.65
C ALA A 362 12.97 26.14 -3.30
N PRO A 363 12.79 26.32 -4.61
CA PRO A 363 11.57 25.79 -5.27
C PRO A 363 11.61 24.24 -5.46
N ASN A 364 12.80 23.63 -5.31
CA ASN A 364 12.82 22.15 -5.13
C ASN A 364 12.69 21.59 -3.72
N GLY A 365 12.46 22.46 -2.72
CA GLY A 365 12.20 21.94 -1.38
C GLY A 365 13.43 21.40 -0.64
N THR A 366 14.65 21.64 -1.13
CA THR A 366 15.81 21.04 -0.48
C THR A 366 16.65 21.99 0.40
N MET A 367 16.32 23.27 0.34
CA MET A 367 17.20 24.30 0.90
C MET A 367 16.35 25.44 1.40
N VAL A 368 16.80 26.02 2.49
CA VAL A 368 16.13 27.15 3.12
C VAL A 368 17.09 28.33 3.18
N LEU A 369 16.59 29.46 2.68
N LEU A 369 16.66 29.48 2.65
CA LEU A 369 17.13 30.80 2.92
CA LEU A 369 17.34 30.71 3.05
C LEU A 369 16.45 31.44 4.16
C LEU A 369 16.52 31.42 4.14
N TYR A 370 17.21 31.95 5.13
CA TYR A 370 16.59 32.69 6.21
C TYR A 370 17.59 33.71 6.76
N SER A 371 17.13 34.50 7.75
CA SER A 371 17.98 35.50 8.40
C SER A 371 18.14 35.27 9.91
N SER A 372 19.34 35.58 10.42
CA SER A 372 19.58 35.56 11.85
C SER A 372 20.39 36.81 12.22
N SER A 373 20.82 36.87 13.48
CA SER A 373 21.56 38.01 13.96
C SER A 373 22.95 37.52 14.34
N GLN A 374 23.98 38.19 13.84
CA GLN A 374 25.35 37.85 14.20
C GLN A 374 25.87 39.17 14.67
N GLY A 375 26.39 39.23 15.91
CA GLY A 375 26.81 40.53 16.48
C GLY A 375 25.64 41.49 16.44
N MET A 376 25.86 42.73 16.04
CA MET A 376 24.78 43.72 16.17
C MET A 376 23.80 43.86 14.97
N GLY A 377 23.92 42.98 13.95
CA GLY A 377 23.14 43.11 12.73
C GLY A 377 22.61 41.79 12.17
N SER A 378 21.64 41.90 11.28
CA SER A 378 21.11 40.73 10.56
C SER A 378 22.00 40.29 9.48
N VAL A 379 22.00 38.97 9.25
CA VAL A 379 22.73 38.34 8.14
C VAL A 379 21.85 37.26 7.47
N LEU A 380 22.27 36.77 6.29
CA LEU A 380 21.55 35.65 5.62
C LEU A 380 22.26 34.31 5.91
N ASN A 381 21.47 33.26 6.07
CA ASN A 381 21.92 31.90 6.33
C ASN A 381 21.27 30.92 5.38
N LEU A 382 21.98 29.85 5.06
CA LEU A 382 21.39 28.73 4.32
C LEU A 382 21.47 27.45 5.15
N VAL A 383 20.41 26.66 5.18
CA VAL A 383 20.49 25.38 5.84
C VAL A 383 19.65 24.45 4.95
N SER A 384 20.17 23.28 4.65
CA SER A 384 19.33 22.25 3.97
C SER A 384 18.14 21.75 4.76
N THR A 385 17.17 21.15 4.09
CA THR A 385 15.94 20.77 4.79
C THR A 385 16.14 19.44 5.58
N ASP A 386 17.32 18.83 5.43
CA ASP A 386 17.69 17.67 6.27
C ASP A 386 18.62 18.15 7.42
N GLY A 387 18.87 19.44 7.44
CA GLY A 387 19.58 20.00 8.53
C GLY A 387 21.06 19.72 8.52
N ARG A 388 21.57 19.09 7.48
CA ARG A 388 22.99 18.74 7.46
C ARG A 388 23.91 19.77 6.85
N PHE A 389 23.46 20.44 5.79
CA PHE A 389 24.28 21.47 5.13
C PHE A 389 24.01 22.88 5.71
N LYS A 390 25.06 23.63 5.99
CA LYS A 390 24.87 24.99 6.56
C LYS A 390 25.89 25.95 5.96
N ALA A 391 25.40 27.11 5.52
CA ALA A 391 26.28 28.11 4.90
C ALA A 391 25.75 29.48 5.21
N ARG A 392 26.47 30.47 4.69
CA ARG A 392 26.12 31.83 4.89
C ARG A 392 26.38 32.59 3.58
N LEU A 393 25.85 33.80 3.49
CA LEU A 393 26.18 34.69 2.39
C LEU A 393 26.70 35.99 2.98
N PRO A 394 27.90 35.95 3.53
CA PRO A 394 28.37 37.17 4.18
C PRO A 394 28.28 38.35 3.23
N ALA A 395 27.99 39.56 3.74
CA ALA A 395 27.88 40.78 2.91
C ALA A 395 28.84 41.88 3.37
N THR A 396 29.03 42.83 2.48
CA THR A 396 29.99 43.89 2.70
C THR A 396 29.37 45.18 3.28
N ASP A 397 28.21 45.56 2.78
CA ASP A 397 27.84 46.95 2.90
C ASP A 397 26.71 47.24 3.85
N GLY A 398 26.29 46.26 4.65
CA GLY A 398 25.28 46.49 5.68
C GLY A 398 24.55 45.26 6.20
N GLN A 399 23.54 45.44 7.03
CA GLN A 399 22.80 44.27 7.51
C GLN A 399 21.99 43.77 6.32
N VAL A 400 21.70 42.47 6.30
CA VAL A 400 20.93 41.86 5.21
C VAL A 400 19.87 40.96 5.85
N LYS A 401 18.61 41.10 5.43
CA LYS A 401 17.49 40.40 6.03
C LYS A 401 16.36 40.21 4.98
N PHE A 402 15.17 39.77 5.42
CA PHE A 402 14.02 39.56 4.53
C PHE A 402 14.36 38.81 3.24
N PRO A 403 15.03 37.64 3.35
CA PRO A 403 15.29 36.91 2.12
C PRO A 403 14.01 36.26 1.52
N ALA A 404 13.99 36.06 0.21
CA ALA A 404 12.93 35.26 -0.46
C ALA A 404 13.48 34.55 -1.63
N TRP A 405 13.32 33.23 -1.68
CA TRP A 405 13.86 32.43 -2.77
C TRP A 405 12.91 32.54 -3.99
N SER A 406 13.42 32.90 -5.16
CA SER A 406 12.57 32.88 -6.39
C SER A 406 12.02 31.44 -6.71
N PRO A 407 10.90 31.36 -7.50
CA PRO A 407 10.48 30.09 -8.14
C PRO A 407 11.58 29.64 -9.13
N TYR A 408 11.33 28.55 -9.88
CA TYR A 408 12.30 28.10 -10.88
C TYR A 408 12.34 29.18 -11.95
N LEU A 409 13.53 29.50 -12.43
CA LEU A 409 13.71 30.48 -13.53
C LEU A 409 14.40 29.91 -14.80
N GLU B 1 -8.61 14.96 -20.65
CA GLU B 1 -7.86 14.80 -19.37
C GLU B 1 -8.02 13.40 -18.68
N VAL B 2 -9.23 12.88 -18.41
CA VAL B 2 -9.32 11.60 -17.65
C VAL B 2 -8.74 10.41 -18.43
N ARG B 3 -8.12 9.49 -17.69
CA ARG B 3 -7.67 8.20 -18.22
C ARG B 3 -7.96 7.13 -17.18
N ILE B 4 -8.06 5.88 -17.61
CA ILE B 4 -8.36 4.83 -16.66
C ILE B 4 -7.08 4.42 -15.96
N VAL B 5 -7.14 4.22 -14.66
CA VAL B 5 -6.06 3.58 -13.92
C VAL B 5 -6.66 2.41 -13.16
N ILE B 6 -6.18 1.20 -13.46
CA ILE B 6 -6.62 0.00 -12.77
C ILE B 6 -5.94 -0.19 -11.41
N ASP B 7 -6.71 -0.58 -10.40
CA ASP B 7 -6.19 -0.73 -9.05
C ASP B 7 -6.15 -2.21 -8.70
N SER B 8 -7.20 -2.93 -9.09
CA SER B 8 -7.19 -4.39 -9.04
C SER B 8 -8.25 -4.96 -9.96
N GLY B 9 -8.29 -6.30 -10.02
CA GLY B 9 -8.72 -7.02 -11.23
C GLY B 9 -7.42 -7.27 -11.94
N VAL B 10 -6.43 -6.45 -11.55
CA VAL B 10 -5.04 -6.53 -11.97
C VAL B 10 -4.35 -7.52 -11.05
N ASP B 11 -3.63 -8.49 -11.63
CA ASP B 11 -3.72 -8.87 -13.04
C ASP B 11 -4.00 -10.32 -12.68
N SER B 12 -4.76 -11.05 -13.49
CA SER B 12 -5.85 -10.48 -14.28
C SER B 12 -6.64 -11.74 -14.56
N GLY B 13 -7.49 -11.73 -15.59
CA GLY B 13 -8.28 -12.89 -15.95
C GLY B 13 -7.81 -13.75 -17.15
N ARG B 14 -8.66 -13.90 -18.17
CA ARG B 14 -8.33 -14.81 -19.27
C ARG B 14 -7.08 -14.35 -20.11
N PRO B 15 -6.04 -15.19 -20.20
CA PRO B 15 -4.85 -14.68 -20.92
C PRO B 15 -5.12 -14.57 -22.40
N ILE B 16 -4.63 -13.51 -23.04
CA ILE B 16 -4.92 -13.36 -24.47
C ILE B 16 -3.74 -12.64 -25.09
N GLY B 17 -3.39 -12.97 -26.32
CA GLY B 17 -2.31 -12.27 -27.01
C GLY B 17 -2.88 -11.18 -27.92
N VAL B 18 -2.41 -9.95 -27.79
CA VAL B 18 -2.83 -8.88 -28.73
C VAL B 18 -1.57 -8.29 -29.36
N VAL B 19 -1.47 -8.35 -30.68
CA VAL B 19 -0.19 -8.00 -31.32
C VAL B 19 -0.29 -6.60 -31.95
N PRO B 20 0.76 -5.84 -31.88
CA PRO B 20 0.71 -4.53 -32.57
C PRO B 20 0.32 -4.75 -34.05
N PHE B 21 -0.53 -3.90 -34.61
CA PHE B 21 -1.01 -4.09 -35.97
C PHE B 21 0.08 -3.70 -37.01
N GLN B 22 0.07 -4.37 -38.16
CA GLN B 22 0.98 -3.99 -39.25
C GLN B 22 0.61 -2.62 -39.75
N TRP B 23 1.61 -1.82 -40.11
CA TRP B 23 1.29 -0.50 -40.65
C TRP B 23 1.94 -0.33 -42.01
N ALA B 24 1.10 -0.16 -43.07
CA ALA B 24 1.58 -0.01 -44.45
C ALA B 24 2.02 1.42 -44.80
N GLY B 25 3.06 1.91 -44.15
CA GLY B 25 3.65 3.18 -44.53
C GLY B 25 4.88 3.35 -43.67
N PRO B 26 5.57 4.47 -43.85
CA PRO B 26 6.77 4.82 -43.10
C PRO B 26 6.38 5.41 -41.74
N GLY B 27 7.36 5.67 -40.87
CA GLY B 27 7.05 6.14 -39.53
C GLY B 27 6.03 5.23 -38.85
N ALA B 28 5.31 5.78 -37.86
CA ALA B 28 4.38 4.97 -37.06
C ALA B 28 2.96 5.15 -37.53
N ALA B 29 2.17 4.14 -37.26
CA ALA B 29 0.77 4.16 -37.46
C ALA B 29 0.17 5.49 -36.91
N PRO B 30 -0.90 5.99 -37.52
CA PRO B 30 -1.56 7.16 -36.97
C PRO B 30 -2.20 6.90 -35.58
N GLU B 31 -2.49 5.64 -35.27
CA GLU B 31 -2.96 5.29 -33.93
C GLU B 31 -2.49 3.87 -33.65
N ASP B 32 -2.42 3.46 -32.39
CA ASP B 32 -1.94 2.09 -32.12
C ASP B 32 -3.15 1.18 -31.84
N ILE B 33 -3.73 0.64 -32.89
CA ILE B 33 -4.96 -0.11 -32.76
C ILE B 33 -4.82 -1.33 -31.80
N GLY B 34 -3.70 -2.04 -31.83
CA GLY B 34 -3.50 -3.17 -30.95
C GLY B 34 -3.39 -2.71 -29.53
N GLY B 35 -2.84 -1.52 -29.33
CA GLY B 35 -2.81 -0.94 -28.00
C GLY B 35 -4.22 -0.73 -27.45
N ILE B 36 -5.13 -0.23 -28.31
CA ILE B 36 -6.51 0.02 -27.90
C ILE B 36 -7.26 -1.28 -27.55
N VAL B 37 -7.09 -2.29 -28.40
CA VAL B 37 -7.73 -3.54 -28.20
C VAL B 37 -7.26 -4.14 -26.90
N ALA B 38 -5.95 -4.15 -26.63
CA ALA B 38 -5.49 -4.72 -25.36
C ALA B 38 -6.04 -3.95 -24.16
N ALA B 39 -6.04 -2.63 -24.24
CA ALA B 39 -6.51 -1.85 -23.12
C ALA B 39 -8.02 -2.11 -22.90
N ASP B 40 -8.81 -2.09 -23.98
CA ASP B 40 -10.26 -2.35 -23.86
C ASP B 40 -10.48 -3.67 -23.14
N LEU B 41 -9.84 -4.72 -23.65
CA LEU B 41 -9.99 -6.03 -23.05
C LEU B 41 -9.54 -6.08 -21.62
N ARG B 42 -8.40 -5.47 -21.27
CA ARG B 42 -8.05 -5.42 -19.85
C ARG B 42 -9.16 -4.64 -19.05
N ASN B 43 -9.60 -3.50 -19.57
CA ASN B 43 -10.56 -2.68 -18.86
C ASN B 43 -11.90 -3.46 -18.56
N SER B 44 -12.21 -4.51 -19.34
CA SER B 44 -13.44 -5.24 -19.17
C SER B 44 -13.38 -6.06 -17.87
N GLY B 45 -12.20 -6.24 -17.29
CA GLY B 45 -12.09 -7.11 -16.10
C GLY B 45 -12.04 -8.62 -16.50
N LYS B 46 -12.33 -8.92 -17.77
CA LYS B 46 -12.32 -10.35 -18.18
C LYS B 46 -11.00 -10.90 -18.76
N PHE B 47 -10.02 -10.03 -19.07
CA PHE B 47 -8.87 -10.51 -19.89
C PHE B 47 -7.55 -10.06 -19.34
N ASN B 48 -6.52 -10.84 -19.59
CA ASN B 48 -5.21 -10.42 -19.18
C ASN B 48 -4.33 -10.45 -20.43
N PRO B 49 -4.21 -9.32 -21.15
CA PRO B 49 -3.41 -9.38 -22.35
C PRO B 49 -1.92 -9.41 -22.03
N LEU B 50 -1.19 -10.24 -22.77
CA LEU B 50 0.23 -10.40 -22.56
C LEU B 50 0.97 -9.07 -22.78
N ASP B 51 1.85 -8.79 -21.85
CA ASP B 51 2.78 -7.67 -21.88
C ASP B 51 3.41 -7.53 -23.27
N ARG B 52 3.34 -6.34 -23.86
CA ARG B 52 3.91 -6.21 -25.20
C ARG B 52 5.39 -6.68 -25.27
N ALA B 53 6.13 -6.44 -24.19
CA ALA B 53 7.52 -6.83 -24.06
C ALA B 53 7.75 -8.35 -23.96
N ARG B 54 6.70 -9.10 -23.73
CA ARG B 54 6.84 -10.54 -23.55
C ARG B 54 6.23 -11.34 -24.72
N LEU B 55 5.78 -10.67 -25.78
CA LEU B 55 5.10 -11.44 -26.85
C LEU B 55 6.09 -12.47 -27.40
N PRO B 56 5.66 -13.71 -27.66
CA PRO B 56 6.70 -14.59 -28.19
C PRO B 56 7.04 -14.33 -29.68
N GLN B 57 6.17 -13.64 -30.42
CA GLN B 57 6.46 -13.30 -31.82
C GLN B 57 5.55 -12.11 -32.13
N GLN B 58 5.80 -11.41 -33.23
CA GLN B 58 4.88 -10.34 -33.63
C GLN B 58 4.23 -10.59 -34.99
N PRO B 59 3.43 -11.64 -35.10
CA PRO B 59 2.87 -11.93 -36.44
C PRO B 59 1.96 -10.77 -36.95
N GLY B 60 1.96 -10.51 -38.26
CA GLY B 60 1.16 -9.45 -38.88
C GLY B 60 0.00 -10.02 -39.70
N SER B 61 -0.24 -11.32 -39.55
CA SER B 61 -1.32 -11.97 -40.24
C SER B 61 -1.57 -13.31 -39.58
N ALA B 62 -2.69 -13.93 -39.90
CA ALA B 62 -3.07 -15.15 -39.22
C ALA B 62 -2.08 -16.25 -39.59
N GLN B 63 -1.65 -16.24 -40.86
CA GLN B 63 -0.76 -17.29 -41.34
C GLN B 63 0.59 -17.25 -40.60
N GLU B 64 0.98 -16.09 -40.11
CA GLU B 64 2.24 -15.95 -39.41
C GLU B 64 2.20 -16.31 -37.94
N VAL B 65 1.00 -16.50 -37.41
CA VAL B 65 0.88 -16.86 -36.02
C VAL B 65 1.40 -18.29 -35.87
N GLN B 66 2.22 -18.50 -34.83
CA GLN B 66 2.75 -19.80 -34.48
C GLN B 66 1.98 -20.27 -33.25
N PRO B 67 0.91 -21.04 -33.44
CA PRO B 67 0.06 -21.37 -32.27
C PRO B 67 0.82 -21.94 -31.10
N ALA B 68 1.79 -22.82 -31.35
CA ALA B 68 2.56 -23.45 -30.26
C ALA B 68 3.21 -22.40 -29.33
N ALA B 69 3.68 -21.28 -29.88
CA ALA B 69 4.28 -20.24 -29.06
C ALA B 69 3.34 -19.64 -28.01
N TRP B 70 2.05 -19.67 -28.28
CA TRP B 70 1.12 -18.94 -27.43
C TRP B 70 0.47 -19.86 -26.42
N SER B 71 0.15 -21.05 -26.86
CA SER B 71 -0.35 -22.09 -26.03
C SER B 71 0.63 -22.38 -24.87
N ALA B 72 1.90 -22.55 -25.22
CA ALA B 72 2.97 -22.69 -24.24
C ALA B 72 2.89 -21.63 -23.12
N LEU B 73 2.30 -20.50 -23.43
CA LEU B 73 2.08 -19.50 -22.42
C LEU B 73 0.66 -19.49 -21.85
N GLY B 74 -0.17 -20.48 -22.17
CA GLY B 74 -1.50 -20.55 -21.58
C GLY B 74 -2.52 -19.70 -22.37
N ILE B 75 -2.10 -19.24 -23.55
CA ILE B 75 -2.90 -18.28 -24.34
C ILE B 75 -3.63 -18.98 -25.48
N ASP B 76 -4.96 -18.89 -25.55
CA ASP B 76 -5.66 -19.67 -26.57
C ASP B 76 -6.20 -18.84 -27.71
N ALA B 77 -5.94 -17.55 -27.69
CA ALA B 77 -6.34 -16.72 -28.85
C ALA B 77 -5.42 -15.54 -28.98
N VAL B 78 -5.22 -15.12 -30.22
CA VAL B 78 -4.35 -14.03 -30.51
C VAL B 78 -5.05 -13.08 -31.49
N VAL B 79 -4.92 -11.78 -31.23
CA VAL B 79 -5.35 -10.76 -32.14
C VAL B 79 -4.18 -10.24 -32.96
N VAL B 80 -4.34 -10.28 -34.28
CA VAL B 80 -3.40 -9.66 -35.21
C VAL B 80 -4.18 -8.68 -36.04
N GLY B 81 -3.52 -7.79 -36.79
CA GLY B 81 -4.29 -6.79 -37.57
C GLY B 81 -3.38 -5.92 -38.42
N GLN B 82 -4.00 -5.09 -39.26
CA GLN B 82 -3.24 -4.32 -40.26
C GLN B 82 -3.95 -2.98 -40.35
N VAL B 83 -3.19 -1.91 -40.48
CA VAL B 83 -3.76 -0.57 -40.73
C VAL B 83 -3.15 -0.14 -42.05
N THR B 84 -3.97 0.35 -42.97
CA THR B 84 -3.41 0.76 -44.26
C THR B 84 -4.05 2.06 -44.69
N PRO B 85 -3.28 2.89 -45.39
CA PRO B 85 -3.75 4.21 -45.89
C PRO B 85 -4.54 4.09 -47.18
N ASN B 86 -5.54 4.96 -47.37
CA ASN B 86 -6.28 5.03 -48.65
C ASN B 86 -5.96 6.36 -49.35
N PRO B 87 -6.15 6.44 -50.69
CA PRO B 87 -5.74 7.71 -51.36
C PRO B 87 -6.62 8.93 -51.00
N ASP B 88 -7.85 8.71 -50.56
CA ASP B 88 -8.68 9.81 -50.13
C ASP B 88 -8.32 10.31 -48.74
N GLY B 89 -7.22 9.80 -48.17
CA GLY B 89 -6.78 10.20 -46.84
C GLY B 89 -7.40 9.40 -45.65
N SER B 90 -8.31 8.49 -45.90
CA SER B 90 -8.82 7.57 -44.83
C SER B 90 -7.85 6.38 -44.57
N TYR B 91 -8.27 5.46 -43.68
CA TYR B 91 -7.48 4.30 -43.28
C TYR B 91 -8.42 3.11 -43.30
N ASN B 92 -7.88 1.93 -43.62
CA ASN B 92 -8.53 0.70 -43.34
C ASN B 92 -7.92 0.09 -42.07
N VAL B 93 -8.78 -0.30 -41.13
CA VAL B 93 -8.36 -0.94 -39.88
C VAL B 93 -8.95 -2.34 -39.92
N ALA B 94 -8.10 -3.37 -39.87
CA ALA B 94 -8.57 -4.75 -40.00
C ALA B 94 -7.92 -5.56 -38.88
N TYR B 95 -8.66 -6.51 -38.29
CA TYR B 95 -8.14 -7.40 -37.27
C TYR B 95 -8.49 -8.83 -37.67
N GLN B 96 -7.74 -9.80 -37.14
CA GLN B 96 -8.19 -11.18 -37.20
C GLN B 96 -7.89 -11.80 -35.85
N LEU B 97 -8.83 -12.62 -35.42
CA LEU B 97 -8.79 -13.25 -34.12
C LEU B 97 -8.48 -14.70 -34.43
N VAL B 98 -7.36 -15.21 -33.94
CA VAL B 98 -6.81 -16.49 -34.40
C VAL B 98 -6.80 -17.46 -33.20
N ASP B 99 -7.31 -18.66 -33.41
CA ASP B 99 -7.43 -19.69 -32.35
C ASP B 99 -6.03 -20.21 -32.16
N THR B 100 -5.53 -20.17 -30.93
CA THR B 100 -4.25 -20.85 -30.60
C THR B 100 -4.42 -21.93 -29.51
N GLY B 101 -5.52 -22.66 -29.59
CA GLY B 101 -5.84 -23.64 -28.60
C GLY B 101 -6.14 -24.95 -29.27
N GLY B 102 -7.43 -25.28 -29.36
CA GLY B 102 -7.81 -26.57 -29.88
C GLY B 102 -8.04 -26.60 -31.37
N ALA B 103 -8.06 -25.44 -32.05
CA ALA B 103 -8.23 -25.40 -33.49
C ALA B 103 -7.20 -24.44 -34.03
N PRO B 104 -5.89 -24.74 -33.83
CA PRO B 104 -4.82 -23.77 -33.97
C PRO B 104 -4.75 -23.22 -35.40
N GLY B 105 -4.64 -21.92 -35.56
CA GLY B 105 -4.51 -21.30 -36.89
C GLY B 105 -5.85 -20.85 -37.45
N THR B 106 -6.94 -21.38 -36.89
CA THR B 106 -8.29 -21.03 -37.34
C THR B 106 -8.65 -19.57 -37.04
N VAL B 107 -9.25 -18.85 -38.00
CA VAL B 107 -9.68 -17.48 -37.74
C VAL B 107 -11.08 -17.55 -37.11
N LEU B 108 -11.21 -17.05 -35.90
CA LEU B 108 -12.50 -17.10 -35.16
C LEU B 108 -13.40 -15.93 -35.51
N ALA B 109 -12.82 -14.78 -35.84
CA ALA B 109 -13.59 -13.58 -36.23
C ALA B 109 -12.62 -12.69 -36.91
N GLN B 110 -13.14 -11.83 -37.76
CA GLN B 110 -12.30 -10.89 -38.48
C GLN B 110 -13.15 -9.75 -39.07
N ASN B 111 -12.58 -8.58 -39.33
CA ASN B 111 -13.32 -7.54 -40.05
C ASN B 111 -12.41 -6.47 -40.55
N SER B 112 -12.96 -5.52 -41.30
CA SER B 112 -12.19 -4.35 -41.71
CA SER B 112 -12.20 -4.35 -41.73
C SER B 112 -13.05 -3.08 -41.75
N TYR B 113 -12.48 -2.00 -41.31
CA TYR B 113 -13.24 -0.76 -41.20
C TYR B 113 -12.56 0.39 -41.93
N LYS B 114 -13.32 1.11 -42.78
CA LYS B 114 -12.74 2.24 -43.46
C LYS B 114 -13.12 3.45 -42.63
N VAL B 115 -12.14 4.13 -42.03
CA VAL B 115 -12.49 5.31 -41.24
C VAL B 115 -11.57 6.46 -41.50
N ASN B 116 -12.06 7.66 -41.21
CA ASN B 116 -11.16 8.80 -41.27
C ASN B 116 -10.30 8.83 -40.03
N LYS B 117 -9.27 9.66 -40.00
CA LYS B 117 -8.34 9.56 -38.90
C LYS B 117 -9.03 9.89 -37.61
N GLN B 118 -9.98 10.82 -37.67
CA GLN B 118 -10.66 11.26 -36.44
C GLN B 118 -11.40 10.10 -35.78
N TRP B 119 -11.68 9.06 -36.55
CA TRP B 119 -12.42 7.89 -36.07
C TRP B 119 -11.61 6.58 -35.94
N LEU B 120 -10.28 6.68 -35.81
CA LEU B 120 -9.43 5.51 -35.61
C LEU B 120 -9.70 4.81 -34.26
N ARG B 121 -9.80 5.61 -33.19
CA ARG B 121 -10.07 5.05 -31.88
C ARG B 121 -11.37 4.25 -31.89
N TYR B 122 -12.38 4.77 -32.61
CA TYR B 122 -13.69 4.13 -32.79
C TYR B 122 -13.56 2.81 -33.53
N ALA B 123 -12.83 2.79 -34.66
CA ALA B 123 -12.45 1.53 -35.35
C ALA B 123 -11.80 0.56 -34.35
N GLY B 124 -10.81 1.03 -33.58
CA GLY B 124 -10.12 0.17 -32.58
C GLY B 124 -11.08 -0.48 -31.59
N HIS B 125 -12.00 0.33 -31.03
CA HIS B 125 -13.03 -0.20 -30.07
C HIS B 125 -14.03 -1.17 -30.71
N THR B 126 -14.33 -0.94 -31.99
CA THR B 126 -15.21 -1.85 -32.75
C THR B 126 -14.61 -3.26 -32.86
N ALA B 127 -13.33 -3.30 -33.19
CA ALA B 127 -12.57 -4.54 -33.12
C ALA B 127 -12.58 -5.13 -31.69
N SER B 128 -12.26 -4.35 -30.66
CA SER B 128 -12.40 -4.89 -29.28
C SER B 128 -13.82 -5.40 -28.99
N ASP B 129 -14.86 -4.73 -29.48
CA ASP B 129 -16.24 -5.23 -29.31
C ASP B 129 -16.45 -6.62 -29.94
N GLU B 130 -15.92 -6.83 -31.15
CA GLU B 130 -16.18 -8.11 -31.83
C GLU B 130 -15.39 -9.24 -31.16
N VAL B 131 -14.17 -8.95 -30.74
CA VAL B 131 -13.35 -9.98 -30.16
C VAL B 131 -13.99 -10.36 -28.83
N PHE B 132 -14.41 -9.33 -28.11
CA PHE B 132 -14.98 -9.49 -26.76
C PHE B 132 -16.23 -10.39 -26.81
N GLU B 133 -17.09 -10.09 -27.77
CA GLU B 133 -18.36 -10.79 -27.82
C GLU B 133 -18.08 -12.20 -28.32
N LYS B 134 -17.17 -12.32 -29.29
CA LYS B 134 -16.92 -13.67 -29.85
C LYS B 134 -16.38 -14.60 -28.75
N LEU B 135 -15.46 -14.12 -27.93
CA LEU B 135 -14.91 -14.95 -26.85
C LEU B 135 -15.74 -15.06 -25.56
N THR B 136 -16.62 -14.10 -25.27
CA THR B 136 -17.37 -14.16 -24.02
C THR B 136 -18.86 -14.40 -24.18
N GLY B 137 -19.37 -14.13 -25.37
CA GLY B 137 -20.81 -14.18 -25.64
C GLY B 137 -21.55 -12.97 -25.08
N ILE B 138 -20.83 -12.02 -24.49
CA ILE B 138 -21.42 -10.79 -23.94
C ILE B 138 -21.16 -9.63 -24.91
N LYS B 139 -22.19 -8.82 -25.17
CA LYS B 139 -22.02 -7.72 -26.15
C LYS B 139 -20.95 -6.73 -25.66
N GLY B 140 -20.14 -6.17 -26.57
CA GLY B 140 -19.16 -5.19 -26.14
C GLY B 140 -19.76 -3.78 -26.03
N ALA B 141 -19.23 -3.06 -25.05
CA ALA B 141 -19.52 -1.66 -24.75
C ALA B 141 -18.33 -0.71 -24.93
N PHE B 142 -17.34 -1.02 -25.78
CA PHE B 142 -16.09 -0.22 -25.82
C PHE B 142 -16.16 1.10 -26.57
N ARG B 143 -17.21 1.23 -27.38
CA ARG B 143 -17.49 2.43 -28.12
C ARG B 143 -18.35 3.43 -27.36
N THR B 144 -18.56 3.21 -26.07
CA THR B 144 -19.48 4.03 -25.34
C THR B 144 -18.80 5.30 -24.84
N ARG B 145 -19.61 6.27 -24.47
CA ARG B 145 -19.13 7.46 -23.83
C ARG B 145 -19.62 7.53 -22.37
N ILE B 146 -19.11 8.49 -21.60
CA ILE B 146 -19.60 8.77 -20.25
C ILE B 146 -19.72 10.27 -20.25
N ALA B 147 -20.68 10.73 -19.45
CA ALA B 147 -20.90 12.17 -19.18
C ALA B 147 -20.56 12.37 -17.70
N TYR B 148 -20.10 13.56 -17.31
CA TYR B 148 -19.84 13.75 -15.90
C TYR B 148 -19.72 15.27 -15.67
N VAL B 149 -19.79 15.65 -14.41
CA VAL B 149 -19.73 17.06 -14.07
C VAL B 149 -18.35 17.31 -13.46
N VAL B 150 -17.64 18.31 -13.98
CA VAL B 150 -16.35 18.74 -13.44
C VAL B 150 -16.61 20.03 -12.70
N GLN B 151 -16.12 20.12 -11.47
CA GLN B 151 -16.25 21.33 -10.72
C GLN B 151 -14.88 21.89 -10.39
N THR B 152 -14.50 22.98 -11.03
CA THR B 152 -13.22 23.58 -10.74
C THR B 152 -13.37 24.51 -9.57
N ASN B 153 -12.24 24.98 -9.08
CA ASN B 153 -12.17 25.82 -7.87
C ASN B 153 -12.79 27.22 -8.02
N GLY B 154 -12.43 27.98 -9.04
CA GLY B 154 -13.07 29.28 -9.24
C GLY B 154 -13.47 29.53 -10.69
N GLY B 155 -13.59 30.82 -11.05
CA GLY B 155 -13.88 31.24 -12.43
C GLY B 155 -15.34 31.69 -12.51
N GLN B 156 -15.76 32.27 -13.62
CA GLN B 156 -17.16 32.64 -13.65
C GLN B 156 -18.04 31.38 -13.81
N PHE B 157 -17.42 30.31 -14.31
CA PHE B 157 -18.20 29.14 -14.71
C PHE B 157 -17.57 27.88 -14.15
N PRO B 158 -17.68 27.70 -12.81
CA PRO B 158 -16.98 26.60 -12.10
C PRO B 158 -17.56 25.23 -12.42
N TYR B 159 -18.77 25.17 -12.92
CA TYR B 159 -19.35 23.85 -13.16
C TYR B 159 -19.42 23.50 -14.69
N GLU B 160 -18.88 22.35 -15.09
CA GLU B 160 -18.97 21.97 -16.47
C GLU B 160 -19.50 20.57 -16.61
N LEU B 161 -20.41 20.40 -17.57
CA LEU B 161 -20.94 19.10 -17.94
C LEU B 161 -20.10 18.70 -19.11
N ARG B 162 -19.43 17.55 -19.03
CA ARG B 162 -18.60 17.14 -20.14
C ARG B 162 -18.94 15.70 -20.55
N VAL B 163 -18.49 15.30 -21.73
CA VAL B 163 -18.61 13.95 -22.22
C VAL B 163 -17.24 13.49 -22.67
N SER B 164 -16.93 12.19 -22.49
CA SER B 164 -15.72 11.63 -23.12
C SER B 164 -16.00 10.20 -23.55
N ASP B 165 -15.05 9.58 -24.26
CA ASP B 165 -15.22 8.14 -24.49
C ASP B 165 -15.12 7.50 -23.09
N TYR B 166 -15.58 6.25 -22.97
CA TYR B 166 -15.54 5.58 -21.63
C TYR B 166 -14.14 5.52 -21.07
N ASP B 167 -13.14 5.54 -21.95
CA ASP B 167 -11.75 5.49 -21.45
C ASP B 167 -11.04 6.86 -21.27
N GLY B 168 -11.81 7.95 -21.41
CA GLY B 168 -11.34 9.31 -21.17
C GLY B 168 -10.88 10.06 -22.44
N TYR B 169 -10.72 9.39 -23.58
CA TYR B 169 -10.28 10.14 -24.79
C TYR B 169 -11.42 10.93 -25.39
N ASN B 170 -11.08 11.92 -26.23
CA ASN B 170 -12.11 12.71 -26.92
C ASN B 170 -13.13 13.41 -26.01
N GLN B 171 -12.63 14.02 -24.95
CA GLN B 171 -13.43 14.84 -24.05
C GLN B 171 -13.92 16.07 -24.78
N PHE B 172 -15.12 16.53 -24.47
CA PHE B 172 -15.60 17.84 -24.89
C PHE B 172 -16.58 18.37 -23.87
N VAL B 173 -16.78 19.69 -23.90
CA VAL B 173 -17.62 20.39 -22.95
C VAL B 173 -19.03 20.54 -23.54
N VAL B 174 -20.03 20.04 -22.82
CA VAL B 174 -21.38 20.14 -23.28
C VAL B 174 -21.94 21.49 -22.80
N HIS B 175 -21.62 21.86 -21.57
CA HIS B 175 -22.29 23.05 -21.00
C HIS B 175 -21.51 23.56 -19.81
N ARG B 176 -21.29 24.86 -19.75
CA ARG B 176 -20.62 25.50 -18.63
C ARG B 176 -21.63 26.32 -17.83
N SER B 177 -21.54 26.30 -16.51
CA SER B 177 -22.51 27.08 -15.72
C SER B 177 -21.86 27.78 -14.50
N PRO B 178 -22.40 28.92 -14.10
CA PRO B 178 -21.89 29.54 -12.89
C PRO B 178 -22.40 28.84 -11.61
N GLN B 179 -23.42 28.01 -11.75
CA GLN B 179 -24.10 27.39 -10.60
C GLN B 179 -24.15 25.90 -10.83
N PRO B 180 -24.44 25.11 -9.76
CA PRO B 180 -24.34 23.63 -9.84
C PRO B 180 -25.13 22.98 -10.99
N LEU B 181 -24.57 21.92 -11.56
CA LEU B 181 -25.23 21.09 -12.56
C LEU B 181 -25.44 19.72 -11.91
N MET B 182 -26.61 19.09 -12.14
CA MET B 182 -26.86 17.75 -11.55
C MET B 182 -27.34 16.76 -12.58
N SER B 183 -27.05 15.51 -12.27
CA SER B 183 -27.82 14.39 -12.80
C SER B 183 -27.98 14.20 -14.30
N PRO B 184 -26.85 14.15 -15.05
CA PRO B 184 -26.96 13.95 -16.49
C PRO B 184 -27.54 12.56 -16.75
N ALA B 185 -28.35 12.47 -17.80
CA ALA B 185 -29.05 11.25 -18.20
C ALA B 185 -29.11 11.17 -19.72
N TRP B 186 -28.63 10.07 -20.28
CA TRP B 186 -28.44 9.91 -21.67
C TRP B 186 -29.72 9.47 -22.36
N SER B 187 -30.08 10.01 -23.53
CA SER B 187 -31.22 9.39 -24.26
C SER B 187 -30.75 8.02 -24.83
N PRO B 188 -31.68 7.12 -25.14
CA PRO B 188 -31.19 5.78 -25.52
C PRO B 188 -30.56 5.67 -26.91
N ASP B 189 -30.75 6.68 -27.76
CA ASP B 189 -30.04 6.76 -29.03
C ASP B 189 -28.74 7.49 -28.88
N GLY B 190 -28.46 8.00 -27.68
CA GLY B 190 -27.17 8.59 -27.38
C GLY B 190 -27.00 10.02 -27.89
N SER B 191 -28.06 10.61 -28.42
CA SER B 191 -27.90 11.93 -29.06
C SER B 191 -28.16 13.09 -28.09
N LYS B 192 -28.77 12.83 -26.93
CA LYS B 192 -29.19 13.91 -26.04
CA LYS B 192 -29.22 13.90 -26.03
C LYS B 192 -28.76 13.67 -24.59
N LEU B 193 -28.58 14.74 -23.82
CA LEU B 193 -28.46 14.60 -22.36
C LEU B 193 -29.44 15.52 -21.65
N ALA B 194 -30.10 14.96 -20.68
CA ALA B 194 -30.96 15.73 -19.85
C ALA B 194 -30.11 16.03 -18.65
N TYR B 195 -30.32 17.19 -18.02
CA TYR B 195 -29.58 17.51 -16.81
C TYR B 195 -30.26 18.66 -16.09
N VAL B 196 -29.81 18.87 -14.85
CA VAL B 196 -30.35 19.95 -14.01
C VAL B 196 -29.34 21.08 -13.91
N THR B 197 -29.82 22.33 -14.06
CA THR B 197 -28.94 23.48 -13.90
C THR B 197 -29.58 24.48 -12.93
N PHE B 198 -28.78 25.10 -12.08
CA PHE B 198 -29.26 26.15 -11.17
C PHE B 198 -28.86 27.53 -11.68
N GLU B 199 -28.31 27.58 -12.88
CA GLU B 199 -27.78 28.87 -13.33
C GLU B 199 -28.82 30.00 -13.37
N SER B 200 -30.11 29.69 -13.43
CA SER B 200 -31.13 30.77 -13.48
C SER B 200 -31.45 31.33 -12.07
N GLY B 201 -30.94 30.69 -11.03
CA GLY B 201 -31.31 31.06 -9.67
C GLY B 201 -32.17 29.98 -8.98
N ARG B 202 -32.78 29.07 -9.79
CA ARG B 202 -33.66 27.96 -9.34
C ARG B 202 -33.24 26.76 -10.23
N SER B 203 -33.52 25.53 -9.79
CA SER B 203 -33.33 24.34 -10.62
C SER B 203 -34.16 24.42 -11.89
N ALA B 204 -33.61 23.96 -13.01
CA ALA B 204 -34.38 23.83 -14.25
C ALA B 204 -33.86 22.54 -14.83
N LEU B 205 -34.78 21.75 -15.35
CA LEU B 205 -34.45 20.50 -16.02
C LEU B 205 -34.59 20.71 -17.53
N VAL B 206 -33.54 20.37 -18.26
CA VAL B 206 -33.51 20.63 -19.69
C VAL B 206 -33.00 19.37 -20.41
N ILE B 207 -33.16 19.31 -21.75
CA ILE B 207 -32.54 18.28 -22.58
C ILE B 207 -31.72 18.98 -23.65
N GLN B 208 -30.42 18.68 -23.70
CA GLN B 208 -29.53 19.32 -24.67
C GLN B 208 -29.21 18.27 -25.73
N THR B 209 -29.40 18.61 -27.01
CA THR B 209 -28.91 17.83 -28.16
C THR B 209 -27.40 18.04 -28.40
N LEU B 210 -26.64 16.96 -28.31
CA LEU B 210 -25.18 17.05 -28.29
C LEU B 210 -24.62 17.64 -29.61
N ALA B 211 -25.19 17.25 -30.75
CA ALA B 211 -24.57 17.56 -32.04
C ALA B 211 -24.64 19.07 -32.38
N ASN B 212 -25.68 19.76 -31.90
CA ASN B 212 -25.89 21.17 -32.26
C ASN B 212 -26.13 22.07 -31.05
N GLY B 213 -26.10 21.48 -29.83
CA GLY B 213 -26.24 22.32 -28.61
C GLY B 213 -27.67 22.78 -28.39
N ALA B 214 -28.62 22.27 -29.17
CA ALA B 214 -30.02 22.68 -28.99
C ALA B 214 -30.51 22.34 -27.60
N VAL B 215 -31.29 23.22 -26.97
CA VAL B 215 -31.81 22.92 -25.63
C VAL B 215 -33.31 23.04 -25.58
N ARG B 216 -33.94 22.06 -24.95
CA ARG B 216 -35.39 22.09 -24.81
C ARG B 216 -35.61 22.19 -23.31
N GLN B 217 -36.41 23.14 -22.88
CA GLN B 217 -36.71 23.27 -21.45
C GLN B 217 -37.76 22.22 -21.07
N VAL B 218 -37.49 21.40 -20.08
CA VAL B 218 -38.46 20.37 -19.71
C VAL B 218 -39.31 20.87 -18.55
N ALA B 219 -38.66 21.34 -17.48
CA ALA B 219 -39.42 21.76 -16.35
C ALA B 219 -38.65 22.75 -15.45
N SER B 220 -39.30 23.85 -15.10
CA SER B 220 -38.74 24.71 -14.02
C SER B 220 -39.86 25.26 -13.19
N PHE B 221 -40.63 24.37 -12.59
CA PHE B 221 -41.64 24.79 -11.64
C PHE B 221 -40.97 25.43 -10.42
N PRO B 222 -41.76 25.87 -9.43
CA PRO B 222 -41.18 26.36 -8.18
C PRO B 222 -40.34 25.21 -7.73
N ARG B 223 -39.61 25.37 -6.61
CA ARG B 223 -38.82 24.29 -5.94
C ARG B 223 -37.92 23.41 -6.86
N HIS B 224 -37.91 22.10 -6.65
CA HIS B 224 -36.96 21.27 -7.35
C HIS B 224 -37.50 20.66 -8.64
N ASN B 225 -36.71 20.72 -9.69
CA ASN B 225 -36.97 19.95 -10.93
C ASN B 225 -35.73 19.13 -11.23
N GLY B 226 -35.76 17.80 -11.17
CA GLY B 226 -34.49 17.09 -11.32
C GLY B 226 -34.57 15.61 -11.48
N ALA B 227 -33.42 14.94 -11.30
CA ALA B 227 -33.31 13.48 -11.38
C ALA B 227 -33.90 12.84 -12.67
N PRO B 228 -33.48 13.31 -13.87
CA PRO B 228 -34.08 12.76 -15.12
C PRO B 228 -33.61 11.35 -15.48
N ALA B 229 -34.44 10.63 -16.25
CA ALA B 229 -34.03 9.31 -16.79
C ALA B 229 -34.96 9.09 -18.00
N PHE B 230 -34.37 8.84 -19.16
CA PHE B 230 -35.12 8.56 -20.41
C PHE B 230 -35.55 7.09 -20.41
N SER B 231 -36.77 6.77 -20.87
CA SER B 231 -37.18 5.36 -21.03
C SER B 231 -36.35 4.70 -22.13
N PRO B 232 -36.14 3.40 -22.00
CA PRO B 232 -35.35 2.71 -22.96
C PRO B 232 -35.90 2.88 -24.37
N ASP B 233 -37.22 2.96 -24.53
CA ASP B 233 -37.77 3.12 -25.88
C ASP B 233 -37.69 4.58 -26.31
N GLY B 234 -37.17 5.47 -25.46
CA GLY B 234 -36.89 6.87 -25.86
C GLY B 234 -38.09 7.80 -25.87
N SER B 235 -39.27 7.31 -25.56
CA SER B 235 -40.48 8.17 -25.70
C SER B 235 -40.79 9.03 -24.50
N LYS B 236 -40.17 8.75 -23.34
CA LYS B 236 -40.64 9.31 -22.07
C LYS B 236 -39.44 9.79 -21.26
N LEU B 237 -39.59 10.88 -20.55
CA LEU B 237 -38.61 11.25 -19.52
C LEU B 237 -39.23 11.20 -18.14
N ALA B 238 -38.67 10.39 -17.23
CA ALA B 238 -39.12 10.44 -15.86
C ALA B 238 -38.25 11.40 -15.12
N PHE B 239 -38.81 11.97 -14.08
CA PHE B 239 -38.10 12.96 -13.26
C PHE B 239 -38.82 13.26 -11.95
N ALA B 240 -38.17 14.05 -11.07
CA ALA B 240 -38.85 14.40 -9.86
C ALA B 240 -39.10 15.90 -9.77
N LEU B 241 -40.28 16.30 -9.30
CA LEU B 241 -40.63 17.73 -9.02
C LEU B 241 -41.07 17.83 -7.60
N SER B 242 -40.67 18.90 -6.89
CA SER B 242 -41.15 19.04 -5.50
C SER B 242 -42.11 20.19 -5.29
N LYS B 243 -42.62 20.77 -6.39
CA LYS B 243 -43.61 21.84 -6.30
C LYS B 243 -44.83 21.54 -5.40
N THR B 244 -45.19 20.28 -5.19
CA THR B 244 -46.31 19.92 -4.28
C THR B 244 -45.97 19.96 -2.79
N GLY B 245 -44.70 20.08 -2.48
CA GLY B 245 -44.35 20.17 -1.07
C GLY B 245 -43.42 19.06 -0.69
N SER B 246 -43.33 18.03 -1.55
CA SER B 246 -42.33 17.01 -1.40
C SER B 246 -42.05 16.49 -2.81
N LEU B 247 -41.01 15.71 -2.95
CA LEU B 247 -40.57 15.29 -4.26
C LEU B 247 -41.48 14.15 -4.68
N ASN B 248 -42.01 14.26 -5.88
CA ASN B 248 -42.86 13.22 -6.44
C ASN B 248 -42.45 12.89 -7.87
N LEU B 249 -42.79 11.68 -8.36
CA LEU B 249 -42.41 11.27 -9.71
C LEU B 249 -43.40 11.77 -10.76
N TYR B 250 -42.86 12.22 -11.89
CA TYR B 250 -43.66 12.72 -13.06
C TYR B 250 -43.04 12.09 -14.28
N VAL B 251 -43.84 11.98 -15.35
CA VAL B 251 -43.29 11.51 -16.64
C VAL B 251 -43.70 12.47 -17.74
N MET B 252 -42.75 12.91 -18.57
CA MET B 252 -43.14 13.67 -19.77
C MET B 252 -43.15 12.82 -21.02
N ASP B 253 -44.29 12.82 -21.70
CA ASP B 253 -44.43 12.27 -23.05
C ASP B 253 -43.64 13.22 -23.93
N LEU B 254 -42.47 12.81 -24.39
CA LEU B 254 -41.56 13.69 -25.14
C LEU B 254 -42.18 14.21 -26.45
N ALA B 255 -42.92 13.35 -27.15
CA ALA B 255 -43.60 13.87 -28.38
C ALA B 255 -44.44 15.12 -28.11
N SER B 256 -45.30 15.09 -27.10
CA SER B 256 -46.33 16.11 -26.95
C SER B 256 -45.92 17.19 -25.93
N GLY B 257 -45.04 16.80 -25.00
CA GLY B 257 -44.72 17.69 -23.86
C GLY B 257 -45.67 17.54 -22.70
N GLN B 258 -46.64 16.63 -22.79
CA GLN B 258 -47.57 16.37 -21.66
C GLN B 258 -46.84 15.77 -20.48
N ILE B 259 -47.13 16.27 -19.28
CA ILE B 259 -46.55 15.76 -18.03
C ILE B 259 -47.64 15.11 -17.23
N ARG B 260 -47.47 13.83 -16.87
CA ARG B 260 -48.33 13.20 -15.94
C ARG B 260 -47.60 12.99 -14.64
N GLN B 261 -48.35 13.03 -13.55
CA GLN B 261 -47.80 12.83 -12.23
C GLN B 261 -47.96 11.36 -11.85
N VAL B 262 -46.88 10.71 -11.42
CA VAL B 262 -46.89 9.26 -11.19
C VAL B 262 -46.96 8.91 -9.72
N THR B 263 -46.45 9.76 -8.84
CA THR B 263 -46.68 9.52 -7.43
C THR B 263 -47.25 10.80 -6.82
N ASP B 264 -48.00 10.66 -5.74
CA ASP B 264 -48.63 11.81 -5.17
C ASP B 264 -48.59 11.72 -3.66
N GLY B 265 -47.45 11.34 -3.07
CA GLY B 265 -47.41 11.09 -1.65
C GLY B 265 -46.78 12.26 -0.93
N ARG B 266 -46.77 12.21 0.40
CA ARG B 266 -46.27 13.32 1.23
C ARG B 266 -44.84 12.97 1.49
N SER B 267 -44.45 11.74 1.20
CA SER B 267 -43.07 11.32 1.30
C SER B 267 -42.30 11.98 0.15
N ASN B 268 -40.97 11.94 0.20
CA ASN B 268 -40.15 12.25 -1.01
C ASN B 268 -39.88 11.05 -1.87
N ASN B 269 -40.15 11.16 -3.17
CA ASN B 269 -39.95 10.14 -4.15
C ASN B 269 -39.10 10.69 -5.30
N THR B 270 -37.91 10.15 -5.51
CA THR B 270 -36.99 10.74 -6.50
C THR B 270 -36.04 9.70 -7.07
N GLU B 271 -35.00 10.11 -7.79
CA GLU B 271 -34.04 9.16 -8.41
C GLU B 271 -34.62 7.97 -9.20
N PRO B 272 -35.52 8.22 -10.18
CA PRO B 272 -36.19 7.11 -10.84
C PRO B 272 -35.25 6.49 -11.83
N THR B 273 -35.45 5.20 -12.08
CA THR B 273 -34.67 4.46 -13.03
C THR B 273 -35.64 3.47 -13.71
N TRP B 274 -35.49 3.29 -15.02
CA TRP B 274 -36.47 2.57 -15.85
C TRP B 274 -36.21 1.08 -15.86
N PHE B 275 -37.29 0.29 -15.78
CA PHE B 275 -37.18 -1.11 -16.21
C PHE B 275 -37.17 -1.22 -17.74
N PRO B 276 -36.77 -2.38 -18.26
CA PRO B 276 -36.62 -2.51 -19.72
C PRO B 276 -37.93 -2.28 -20.50
N ASP B 277 -39.06 -2.50 -19.87
CA ASP B 277 -40.32 -2.29 -20.56
C ASP B 277 -40.84 -0.85 -20.76
N SER B 278 -40.10 0.17 -20.31
CA SER B 278 -40.53 1.56 -20.48
C SER B 278 -41.89 1.75 -19.86
N GLN B 279 -42.23 0.98 -18.81
CA GLN B 279 -43.54 1.19 -18.14
C GLN B 279 -43.41 1.23 -16.61
N ASN B 280 -42.32 0.69 -16.11
CA ASN B 280 -42.12 0.58 -14.68
C ASN B 280 -40.81 1.28 -14.33
N LEU B 281 -40.83 1.92 -13.15
CA LEU B 281 -39.66 2.56 -12.54
C LEU B 281 -39.35 1.91 -11.17
N ALA B 282 -38.07 1.82 -10.85
CA ALA B 282 -37.64 1.75 -9.49
C ALA B 282 -37.28 3.19 -9.10
N PHE B 283 -37.39 3.50 -7.82
CA PHE B 283 -37.03 4.86 -7.36
C PHE B 283 -36.77 4.87 -5.87
N THR B 284 -36.31 6.01 -5.38
CA THR B 284 -36.04 6.15 -3.96
C THR B 284 -37.27 6.80 -3.30
N SER B 285 -37.75 6.23 -2.20
CA SER B 285 -38.76 6.86 -1.35
C SER B 285 -38.35 6.83 0.09
N ASP B 286 -38.75 7.87 0.83
CA ASP B 286 -38.54 7.81 2.24
C ASP B 286 -39.84 7.53 2.97
N GLN B 287 -40.78 6.94 2.28
CA GLN B 287 -42.04 6.72 2.95
C GLN B 287 -41.93 5.73 4.12
N ALA B 288 -40.90 4.89 4.16
CA ALA B 288 -40.85 3.93 5.23
C ALA B 288 -39.95 4.51 6.32
N GLY B 289 -39.49 5.75 6.15
CA GLY B 289 -38.51 6.32 7.06
C GLY B 289 -37.18 6.60 6.39
N ARG B 290 -36.15 5.80 6.67
CA ARG B 290 -34.92 5.91 5.88
C ARG B 290 -35.18 5.53 4.43
N PRO B 291 -34.49 6.18 3.50
CA PRO B 291 -34.74 5.83 2.11
C PRO B 291 -34.60 4.33 1.85
N GLN B 292 -35.44 3.85 0.94
CA GLN B 292 -35.44 2.48 0.44
C GLN B 292 -35.82 2.61 -1.02
N VAL B 293 -35.57 1.57 -1.82
CA VAL B 293 -35.98 1.59 -3.20
C VAL B 293 -37.33 0.85 -3.38
N TYR B 294 -38.17 1.40 -4.24
CA TYR B 294 -39.55 0.95 -4.44
C TYR B 294 -39.73 0.76 -5.97
N LYS B 295 -40.81 0.13 -6.39
CA LYS B 295 -41.02 -0.05 -7.82
C LYS B 295 -42.44 0.39 -8.04
N VAL B 296 -42.75 0.99 -9.20
CA VAL B 296 -44.13 1.37 -9.52
C VAL B 296 -44.35 1.38 -11.04
N ASN B 297 -45.56 1.05 -11.47
CA ASN B 297 -45.94 1.23 -12.88
C ASN B 297 -46.39 2.67 -13.15
N ILE B 298 -45.99 3.26 -14.27
CA ILE B 298 -46.33 4.64 -14.52
C ILE B 298 -47.81 4.82 -14.78
N ASN B 299 -48.50 3.71 -15.02
CA ASN B 299 -49.92 3.74 -15.42
C ASN B 299 -50.83 3.64 -14.22
N GLY B 300 -50.26 3.51 -13.01
CA GLY B 300 -51.05 3.47 -11.76
C GLY B 300 -50.67 2.24 -10.95
N GLY B 301 -51.31 2.07 -9.78
CA GLY B 301 -50.86 1.06 -8.84
C GLY B 301 -50.04 1.72 -7.74
N ALA B 302 -50.07 1.10 -6.57
CA ALA B 302 -49.31 1.52 -5.42
C ALA B 302 -47.81 1.16 -5.55
N PRO B 303 -46.91 2.09 -5.17
CA PRO B 303 -45.52 1.64 -5.13
C PRO B 303 -45.33 0.40 -4.24
N GLN B 304 -44.43 -0.48 -4.62
CA GLN B 304 -44.08 -1.61 -3.80
C GLN B 304 -42.59 -1.45 -3.37
N ARG B 305 -42.30 -1.69 -2.10
CA ARG B 305 -40.93 -1.65 -1.59
C ARG B 305 -40.17 -2.83 -2.17
N ILE B 306 -38.88 -2.67 -2.54
CA ILE B 306 -38.14 -3.81 -3.05
C ILE B 306 -36.80 -4.02 -2.39
N THR B 307 -36.34 -3.11 -1.52
CA THR B 307 -35.06 -3.30 -0.83
C THR B 307 -35.23 -3.51 0.68
N TRP B 308 -34.55 -4.53 1.18
CA TRP B 308 -34.64 -4.94 2.55
C TRP B 308 -33.28 -5.14 3.21
N GLU B 309 -32.13 -5.06 2.52
CA GLU B 309 -30.91 -5.34 3.25
CA GLU B 309 -30.80 -5.32 3.12
C GLU B 309 -30.23 -4.08 3.78
N GLY B 310 -29.65 -4.21 4.97
CA GLY B 310 -28.95 -3.05 5.57
C GLY B 310 -29.94 -2.08 6.22
N SER B 311 -29.61 -0.82 6.43
CA SER B 311 -30.61 0.07 7.05
CA SER B 311 -30.65 0.03 7.03
C SER B 311 -31.21 1.04 6.02
N GLN B 312 -30.63 1.11 4.84
CA GLN B 312 -31.02 2.21 3.94
C GLN B 312 -30.51 1.99 2.55
N ASN B 313 -31.37 2.24 1.57
CA ASN B 313 -31.00 2.01 0.20
C ASN B 313 -31.57 3.05 -0.74
N GLN B 314 -30.82 3.40 -1.78
CA GLN B 314 -31.30 4.52 -2.61
C GLN B 314 -30.51 4.69 -3.88
N ASP B 315 -31.07 5.51 -4.76
CA ASP B 315 -30.34 6.04 -5.89
C ASP B 315 -29.99 4.91 -6.84
N ALA B 316 -30.99 4.21 -7.34
CA ALA B 316 -30.71 2.92 -7.99
C ALA B 316 -30.55 3.09 -9.51
N ASP B 317 -30.01 2.07 -10.19
CA ASP B 317 -29.92 2.04 -11.62
C ASP B 317 -30.19 0.60 -12.02
N VAL B 318 -31.30 0.39 -12.72
CA VAL B 318 -31.69 -0.95 -13.19
C VAL B 318 -30.94 -1.38 -14.45
N SER B 319 -30.42 -2.61 -14.48
CA SER B 319 -29.66 -3.08 -15.66
C SER B 319 -30.55 -3.14 -16.93
N SER B 320 -29.91 -3.13 -18.07
CA SER B 320 -30.66 -3.04 -19.35
C SER B 320 -31.45 -4.33 -19.70
N ASP B 321 -31.10 -5.43 -19.05
CA ASP B 321 -31.86 -6.69 -19.19
C ASP B 321 -32.86 -6.92 -18.05
N GLY B 322 -32.98 -5.97 -17.09
CA GLY B 322 -33.96 -6.07 -15.99
C GLY B 322 -33.62 -7.09 -14.91
N LYS B 323 -32.50 -7.78 -15.02
CA LYS B 323 -32.19 -8.80 -14.01
C LYS B 323 -31.64 -8.32 -12.67
N PHE B 324 -31.06 -7.12 -12.61
CA PHE B 324 -30.53 -6.64 -11.34
C PHE B 324 -30.50 -5.13 -11.34
N MET B 325 -30.21 -4.55 -10.16
CA MET B 325 -29.96 -3.11 -10.11
C MET B 325 -28.73 -2.90 -9.29
N VAL B 326 -28.11 -1.74 -9.46
CA VAL B 326 -27.12 -1.30 -8.53
C VAL B 326 -27.68 -0.12 -7.78
N MET B 327 -27.13 0.15 -6.59
CA MET B 327 -27.67 1.15 -5.74
C MET B 327 -26.70 1.52 -4.65
N VAL B 328 -27.10 2.52 -3.89
CA VAL B 328 -26.25 3.03 -2.81
C VAL B 328 -26.93 2.54 -1.52
N SER B 329 -26.16 1.75 -0.78
CA SER B 329 -26.59 1.15 0.47
CA SER B 329 -26.57 1.16 0.48
C SER B 329 -25.73 1.73 1.60
N SER B 330 -26.42 2.19 2.66
CA SER B 330 -25.79 2.92 3.81
C SER B 330 -26.02 2.12 5.06
N ASN B 331 -24.94 1.92 5.83
CA ASN B 331 -24.95 1.19 7.10
C ASN B 331 -23.77 1.64 7.94
N GLY B 332 -23.96 1.70 9.25
CA GLY B 332 -22.85 2.00 10.15
C GLY B 332 -22.16 3.31 9.81
N GLY B 333 -22.90 4.28 9.31
CA GLY B 333 -22.34 5.55 8.85
C GLY B 333 -21.47 5.46 7.61
N GLN B 334 -21.52 4.36 6.87
CA GLN B 334 -20.82 4.30 5.58
C GLN B 334 -21.84 4.06 4.42
N GLN B 335 -21.43 4.38 3.20
CA GLN B 335 -22.29 4.13 2.10
C GLN B 335 -21.45 3.65 0.93
N HIS B 336 -21.94 2.56 0.33
CA HIS B 336 -21.27 1.84 -0.75
C HIS B 336 -22.20 1.43 -1.87
N ILE B 337 -21.62 1.09 -3.03
CA ILE B 337 -22.40 0.59 -4.15
C ILE B 337 -22.70 -0.86 -3.91
N ALA B 338 -23.91 -1.30 -4.21
CA ALA B 338 -24.30 -2.72 -4.07
C ALA B 338 -25.15 -3.10 -5.26
N LYS B 339 -25.25 -4.40 -5.47
CA LYS B 339 -26.02 -4.93 -6.53
C LYS B 339 -27.14 -5.80 -5.99
N GLN B 340 -28.36 -5.64 -6.48
CA GLN B 340 -29.43 -6.54 -6.08
C GLN B 340 -29.99 -7.34 -7.25
N ASP B 341 -30.04 -8.65 -7.10
CA ASP B 341 -30.72 -9.50 -8.03
C ASP B 341 -32.23 -9.30 -7.87
N LEU B 342 -32.92 -8.83 -8.93
CA LEU B 342 -34.31 -8.48 -8.84
C LEU B 342 -35.24 -9.68 -8.93
N ALA B 343 -34.75 -10.86 -9.27
CA ALA B 343 -35.58 -12.05 -9.13
C ALA B 343 -35.46 -12.65 -7.71
N THR B 344 -34.26 -12.61 -7.11
CA THR B 344 -34.07 -13.41 -5.88
C THR B 344 -34.08 -12.53 -4.66
N GLY B 345 -33.75 -11.24 -4.84
CA GLY B 345 -33.59 -10.33 -3.71
C GLY B 345 -32.19 -10.39 -3.09
N GLY B 346 -31.30 -11.27 -3.61
CA GLY B 346 -29.91 -11.36 -3.15
C GLY B 346 -29.13 -10.08 -3.34
N VAL B 347 -28.23 -9.78 -2.41
CA VAL B 347 -27.44 -8.54 -2.49
C VAL B 347 -25.96 -8.83 -2.32
N GLN B 348 -25.17 -8.10 -3.09
CA GLN B 348 -23.75 -8.19 -2.99
C GLN B 348 -23.23 -6.76 -2.95
N VAL B 349 -22.38 -6.44 -1.98
CA VAL B 349 -21.76 -5.12 -1.94
C VAL B 349 -20.59 -5.10 -2.90
N LEU B 350 -20.53 -4.10 -3.77
CA LEU B 350 -19.47 -4.09 -4.81
C LEU B 350 -18.23 -3.28 -4.41
N SER B 351 -18.42 -2.21 -3.63
CA SER B 351 -17.37 -1.26 -3.45
C SER B 351 -17.00 -1.09 -1.98
N SER B 352 -15.76 -0.67 -1.76
CA SER B 352 -15.38 -0.32 -0.39
C SER B 352 -14.87 1.13 -0.31
N THR B 353 -15.11 1.96 -1.34
CA THR B 353 -14.55 3.33 -1.31
C THR B 353 -15.40 4.30 -0.41
N PHE B 354 -14.98 5.57 -0.31
CA PHE B 354 -15.63 6.50 0.63
C PHE B 354 -16.77 7.34 0.03
N LEU B 355 -17.93 7.26 0.65
CA LEU B 355 -19.04 8.15 0.34
C LEU B 355 -19.51 7.89 -1.14
N ASP B 356 -19.85 6.65 -1.42
CA ASP B 356 -20.07 6.20 -2.78
C ASP B 356 -21.46 6.66 -3.18
N GLU B 357 -21.58 7.13 -4.41
CA GLU B 357 -22.85 7.63 -4.86
C GLU B 357 -23.01 7.55 -6.40
N THR B 358 -24.27 7.71 -6.84
CA THR B 358 -24.68 7.90 -8.26
C THR B 358 -24.07 6.85 -9.18
N PRO B 359 -24.36 5.58 -8.92
CA PRO B 359 -23.86 4.54 -9.79
C PRO B 359 -24.57 4.45 -11.16
N SER B 360 -23.81 4.23 -12.25
CA SER B 360 -24.47 4.14 -13.54
C SER B 360 -23.97 2.88 -14.23
N LEU B 361 -24.85 2.06 -14.76
CA LEU B 361 -24.37 0.84 -15.39
C LEU B 361 -23.99 0.99 -16.88
N ALA B 362 -22.87 0.40 -17.27
CA ALA B 362 -22.56 0.22 -18.68
C ALA B 362 -23.66 -0.60 -19.37
N PRO B 363 -23.79 -0.37 -20.64
CA PRO B 363 -24.98 -0.88 -21.28
C PRO B 363 -24.98 -2.43 -21.47
N ASN B 364 -23.84 -3.09 -21.30
CA ASN B 364 -23.81 -4.55 -21.29
C ASN B 364 -24.01 -5.15 -19.87
N GLY B 365 -24.21 -4.30 -18.87
CA GLY B 365 -24.44 -4.78 -17.48
C GLY B 365 -23.19 -5.32 -16.75
N THR B 366 -21.99 -5.09 -17.29
CA THR B 366 -20.84 -5.76 -16.65
C THR B 366 -20.01 -4.84 -15.75
N MET B 367 -20.36 -3.57 -15.72
CA MET B 367 -19.45 -2.56 -15.16
C MET B 367 -20.26 -1.37 -14.64
N VAL B 368 -19.81 -0.74 -13.54
CA VAL B 368 -20.52 0.38 -12.97
C VAL B 368 -19.55 1.54 -12.94
N ILE B 369 -19.96 2.71 -13.43
CA ILE B 369 -19.23 3.94 -13.04
C ILE B 369 -19.97 4.66 -11.91
N TYR B 370 -19.25 5.26 -10.97
CA TYR B 370 -19.87 5.87 -9.79
C TYR B 370 -18.86 6.92 -9.27
N SER B 371 -19.28 7.70 -8.28
CA SER B 371 -18.46 8.76 -7.71
C SER B 371 -18.23 8.50 -6.23
N SER B 372 -17.03 8.82 -5.75
CA SER B 372 -16.77 8.72 -4.32
C SER B 372 -15.93 9.95 -3.91
N SER B 373 -15.52 10.01 -2.63
CA SER B 373 -14.71 11.15 -2.20
C SER B 373 -13.30 10.70 -1.84
N GLN B 374 -12.32 11.42 -2.30
CA GLN B 374 -10.95 11.10 -1.92
C GLN B 374 -10.44 12.38 -1.35
N GLY B 375 -9.91 12.36 -0.14
CA GLY B 375 -9.58 13.63 0.51
C GLY B 375 -10.80 14.56 0.47
N MET B 376 -10.57 15.79 0.02
CA MET B 376 -11.59 16.81 0.13
C MET B 376 -12.48 16.93 -1.11
N GLY B 377 -12.32 16.04 -2.10
CA GLY B 377 -12.97 16.21 -3.43
C GLY B 377 -13.60 14.95 -4.04
N SER B 378 -14.62 15.15 -4.87
CA SER B 378 -15.25 14.03 -5.64
C SER B 378 -14.36 13.52 -6.74
N VAL B 379 -14.37 12.20 -6.91
CA VAL B 379 -13.73 11.55 -8.02
C VAL B 379 -14.67 10.48 -8.61
N LEU B 380 -14.25 9.91 -9.72
CA LEU B 380 -14.99 8.81 -10.39
C LEU B 380 -14.31 7.47 -10.17
N ASN B 381 -15.11 6.40 -10.06
CA ASN B 381 -14.62 5.06 -9.86
C ASN B 381 -15.31 4.14 -10.83
N LEU B 382 -14.56 3.12 -11.27
CA LEU B 382 -15.14 1.94 -11.95
C LEU B 382 -15.13 0.72 -11.05
N VAL B 383 -16.19 -0.09 -11.09
CA VAL B 383 -16.14 -1.44 -10.43
C VAL B 383 -17.00 -2.37 -11.22
N SER B 384 -16.49 -3.56 -11.53
CA SER B 384 -17.28 -4.53 -12.28
C SER B 384 -18.46 -5.05 -11.45
N THR B 385 -19.46 -5.63 -12.10
CA THR B 385 -20.66 -5.98 -11.36
C THR B 385 -20.48 -7.28 -10.55
N ASP B 386 -19.34 -7.95 -10.71
CA ASP B 386 -19.01 -9.13 -9.86
C ASP B 386 -18.04 -8.70 -8.75
N GLY B 387 -17.75 -7.39 -8.67
CA GLY B 387 -16.92 -6.91 -7.58
C GLY B 387 -15.44 -7.09 -7.71
N ARG B 388 -14.98 -7.83 -8.72
CA ARG B 388 -13.55 -8.16 -8.72
C ARG B 388 -12.66 -7.16 -9.44
N PHE B 389 -13.19 -6.42 -10.39
CA PHE B 389 -12.37 -5.42 -11.11
C PHE B 389 -12.64 -4.03 -10.54
N LYS B 390 -11.59 -3.28 -10.23
CA LYS B 390 -11.76 -1.93 -9.70
C LYS B 390 -10.74 -0.97 -10.35
N ALA B 391 -11.20 0.24 -10.70
CA ALA B 391 -10.33 1.24 -11.30
C ALA B 391 -10.81 2.65 -11.04
N ARG B 392 -10.03 3.61 -11.49
CA ARG B 392 -10.37 5.02 -11.33
C ARG B 392 -10.08 5.80 -12.58
N LEU B 393 -10.71 6.97 -12.67
CA LEU B 393 -10.50 7.83 -13.79
C LEU B 393 -9.98 9.13 -13.24
N PRO B 394 -8.77 9.11 -12.71
CA PRO B 394 -8.24 10.34 -12.06
C PRO B 394 -8.15 11.49 -13.01
N ALA B 395 -8.40 12.70 -12.54
CA ALA B 395 -8.53 13.80 -13.45
C ALA B 395 -7.51 14.89 -13.24
N THR B 396 -7.36 15.73 -14.25
CA THR B 396 -6.46 16.87 -14.19
C THR B 396 -7.09 18.09 -13.47
N ASP B 397 -8.09 18.69 -14.09
CA ASP B 397 -8.72 19.88 -13.54
C ASP B 397 -9.90 19.35 -12.76
N GLY B 398 -10.08 19.81 -11.52
CA GLY B 398 -11.32 19.72 -10.80
C GLY B 398 -11.79 18.42 -10.15
N GLN B 399 -12.76 18.55 -9.27
CA GLN B 399 -13.51 17.40 -8.76
C GLN B 399 -14.37 16.87 -9.90
N VAL B 400 -14.62 15.56 -9.93
CA VAL B 400 -15.45 14.94 -10.95
C VAL B 400 -16.55 14.10 -10.31
N LYS B 401 -17.80 14.27 -10.76
CA LYS B 401 -18.91 13.56 -10.12
C LYS B 401 -20.10 13.41 -11.09
N PHE B 402 -21.25 12.98 -10.58
CA PHE B 402 -22.40 12.75 -11.49
C PHE B 402 -22.10 12.00 -12.81
N PRO B 403 -21.40 10.87 -12.73
CA PRO B 403 -21.08 10.21 -14.01
C PRO B 403 -22.34 9.56 -14.55
N ALA B 404 -22.46 9.42 -15.86
CA ALA B 404 -23.52 8.60 -16.45
C ALA B 404 -23.00 7.88 -17.71
N TRP B 405 -23.16 6.55 -17.74
CA TRP B 405 -22.68 5.67 -18.83
C TRP B 405 -23.65 5.72 -20.01
N SER B 406 -23.15 6.06 -21.19
CA SER B 406 -24.04 6.15 -22.37
C SER B 406 -24.61 4.79 -22.76
N PRO B 407 -25.66 4.81 -23.56
CA PRO B 407 -26.04 3.52 -24.15
C PRO B 407 -25.00 3.02 -25.18
N TYR B 408 -25.27 1.87 -25.79
CA TYR B 408 -24.41 1.40 -26.87
C TYR B 408 -24.36 2.48 -27.96
N LEU B 409 -23.15 2.65 -28.50
CA LEU B 409 -22.88 3.49 -29.64
C LEU B 409 -22.02 2.77 -30.67
N ASN C 5 -24.90 36.48 9.14
CA ASN C 5 -26.06 37.06 9.90
C ASN C 5 -27.42 36.62 9.35
N ASN C 6 -27.39 35.92 8.22
CA ASN C 6 -28.62 35.51 7.53
C ASN C 6 -28.75 33.96 7.39
N ILE C 7 -28.13 33.21 8.30
CA ILE C 7 -28.08 31.77 8.21
C ILE C 7 -28.76 31.08 9.40
N VAL C 8 -29.66 30.11 9.17
CA VAL C 8 -30.17 29.31 10.26
C VAL C 8 -29.46 27.96 10.20
N TYR C 9 -28.96 27.45 11.33
CA TYR C 9 -28.27 26.16 11.30
C TYR C 9 -29.13 25.11 11.95
N PHE C 10 -28.84 23.84 11.65
CA PHE C 10 -29.70 22.76 12.07
C PHE C 10 -28.96 21.55 12.54
N ASP C 11 -29.57 20.88 13.50
CA ASP C 11 -29.01 19.63 13.98
C ASP C 11 -29.21 18.56 12.91
N LEU C 12 -28.53 17.43 13.12
CA LEU C 12 -28.56 16.39 12.13
C LEU C 12 -29.98 15.89 11.90
N ASP C 13 -30.26 15.66 10.62
CA ASP C 13 -31.59 15.31 10.16
C ASP C 13 -32.73 16.15 10.76
N LYS C 14 -32.45 17.38 11.19
CA LYS C 14 -33.50 18.21 11.84
C LYS C 14 -33.89 19.50 11.06
N TYR C 15 -35.07 20.07 11.41
CA TYR C 15 -35.80 21.09 10.59
C TYR C 15 -36.36 22.26 11.43
N ASP C 16 -36.37 22.07 12.74
CA ASP C 16 -36.96 23.02 13.65
C ASP C 16 -36.12 24.29 13.73
N ILE C 17 -36.75 25.44 13.97
CA ILE C 17 -35.99 26.69 14.12
C ILE C 17 -35.69 27.02 15.57
N ARG C 18 -34.42 27.02 15.95
CA ARG C 18 -33.95 27.34 17.31
C ARG C 18 -34.05 28.87 17.62
N SER C 19 -34.30 29.18 18.90
CA SER C 19 -34.90 30.49 19.27
C SER C 19 -33.97 31.67 19.03
N ASP C 20 -32.66 31.43 19.14
CA ASP C 20 -31.70 32.46 18.75
C ASP C 20 -31.85 32.82 17.26
N PHE C 21 -32.14 31.80 16.42
CA PHE C 21 -32.40 32.06 15.00
C PHE C 21 -33.72 32.77 14.80
N ALA C 22 -34.66 32.54 15.70
CA ALA C 22 -35.93 33.27 15.68
C ALA C 22 -35.74 34.79 15.72
N GLN C 23 -34.83 35.23 16.59
CA GLN C 23 -34.56 36.67 16.73
C GLN C 23 -34.06 37.19 15.39
N MET C 24 -33.20 36.41 14.73
CA MET C 24 -32.71 36.81 13.42
C MET C 24 -33.84 36.81 12.39
N LEU C 25 -34.67 35.75 12.42
CA LEU C 25 -35.86 35.57 11.54
C LEU C 25 -36.84 36.73 11.78
N ASP C 26 -37.04 37.05 13.05
CA ASP C 26 -37.96 38.15 13.38
C ASP C 26 -37.56 39.44 12.67
N ALA C 27 -36.27 39.76 12.67
CA ALA C 27 -35.82 40.99 12.01
C ALA C 27 -36.03 40.91 10.51
N HIS C 28 -36.02 39.68 9.99
CA HIS C 28 -36.36 39.50 8.58
C HIS C 28 -37.89 39.67 8.41
N ALA C 29 -38.68 39.07 9.30
CA ALA C 29 -40.13 39.27 9.30
C ALA C 29 -40.57 40.75 9.23
N ASN C 30 -39.72 41.66 9.74
CA ASN C 30 -39.92 43.11 9.63
C ASN C 30 -39.27 43.69 8.38
N PHE C 31 -38.02 43.32 8.15
CA PHE C 31 -37.25 43.74 6.95
C PHE C 31 -38.18 43.54 5.77
N LEU C 32 -39.30 42.84 6.03
CA LEU C 32 -40.25 42.34 5.01
C LEU C 32 -41.63 43.02 5.01
N ARG C 33 -41.59 44.35 4.98
CA ARG C 33 -42.75 45.19 4.65
C ARG C 33 -42.14 46.16 3.66
N SER C 34 -42.11 45.82 2.41
CA SER C 34 -41.62 46.79 1.49
C SER C 34 -42.27 46.76 0.10
N SER C 37 -44.52 45.23 0.85
CA SER C 37 -43.97 43.87 0.45
C SER C 37 -42.93 43.61 -0.66
N TYR C 38 -42.04 42.66 -0.36
CA TYR C 38 -40.91 42.27 -1.18
C TYR C 38 -40.75 40.73 -1.02
N LYS C 39 -39.63 40.16 -1.48
CA LYS C 39 -39.48 38.68 -1.46
C LYS C 39 -38.05 38.11 -1.20
N VAL C 40 -37.94 37.31 -0.15
CA VAL C 40 -36.69 36.66 0.19
C VAL C 40 -36.60 35.24 -0.38
N THR C 41 -35.39 34.78 -0.67
CA THR C 41 -35.19 33.44 -1.19
C THR C 41 -34.54 32.62 -0.08
N VAL C 42 -35.22 31.59 0.40
CA VAL C 42 -34.58 30.72 1.35
C VAL C 42 -33.86 29.57 0.63
N GLU C 43 -32.53 29.61 0.68
CA GLU C 43 -31.69 28.57 0.15
C GLU C 43 -31.37 27.48 1.18
N GLY C 44 -31.81 26.25 0.91
CA GLY C 44 -31.68 25.13 1.85
C GLY C 44 -30.60 24.12 1.49
N HIS C 45 -30.02 23.50 2.52
CA HIS C 45 -28.82 22.70 2.32
C HIS C 45 -28.81 21.51 3.30
N ALA C 46 -28.17 20.43 2.82
CA ALA C 46 -27.91 19.22 3.59
C ALA C 46 -26.41 18.92 3.56
N ASP C 47 -25.96 18.11 4.50
CA ASP C 47 -24.59 17.69 4.50
C ASP C 47 -24.42 16.52 3.48
N GLU C 48 -23.20 16.03 3.30
CA GLU C 48 -22.88 15.19 2.15
C GLU C 48 -23.26 13.74 2.30
N ARG C 49 -23.62 13.29 3.49
CA ARG C 49 -24.00 11.89 3.59
C ARG C 49 -25.36 11.67 2.92
N GLY C 50 -25.48 10.63 2.09
CA GLY C 50 -26.70 10.47 1.26
C GLY C 50 -26.33 10.60 -0.21
N THR C 51 -27.35 10.88 -1.04
CA THR C 51 -27.07 11.07 -2.42
C THR C 51 -27.62 12.41 -2.94
N PRO C 52 -27.08 12.88 -4.07
CA PRO C 52 -27.47 14.26 -4.34
C PRO C 52 -28.99 14.53 -4.58
N GLU C 53 -29.69 13.70 -5.36
CA GLU C 53 -31.13 13.99 -5.60
C GLU C 53 -32.01 13.78 -4.35
N TYR C 54 -31.78 12.71 -3.60
CA TYR C 54 -32.56 12.51 -2.34
C TYR C 54 -32.30 13.68 -1.32
N ASN C 55 -31.03 14.12 -1.19
CA ASN C 55 -30.70 15.14 -0.19
C ASN C 55 -31.29 16.51 -0.46
N ILE C 56 -31.78 16.71 -1.69
CA ILE C 56 -32.56 17.93 -1.96
C ILE C 56 -33.67 18.07 -0.90
N SER C 57 -34.25 16.93 -0.54
CA SER C 57 -35.42 16.91 0.37
C SER C 57 -35.08 17.51 1.75
N LEU C 58 -33.87 17.23 2.25
CA LEU C 58 -33.43 17.65 3.60
C LEU C 58 -33.31 19.16 3.55
N GLY C 59 -32.70 19.65 2.46
CA GLY C 59 -32.58 21.07 2.22
C GLY C 59 -33.93 21.74 2.17
N GLU C 60 -34.92 21.10 1.53
CA GLU C 60 -36.26 21.72 1.37
C GLU C 60 -36.99 21.79 2.70
N ARG C 61 -36.84 20.76 3.52
CA ARG C 61 -37.49 20.81 4.84
C ARG C 61 -36.99 22.00 5.68
N ARG C 62 -35.69 22.25 5.64
CA ARG C 62 -35.15 23.43 6.35
C ARG C 62 -35.64 24.77 5.76
N ALA C 63 -35.50 24.94 4.44
CA ALA C 63 -35.96 26.17 3.82
C ALA C 63 -37.46 26.37 4.06
N ASN C 64 -38.23 25.28 4.01
CA ASN C 64 -39.65 25.33 4.31
C ASN C 64 -39.94 25.65 5.77
N ALA C 65 -39.19 25.05 6.70
CA ALA C 65 -39.39 25.34 8.12
C ALA C 65 -39.13 26.82 8.34
N VAL C 66 -38.13 27.35 7.65
CA VAL C 66 -37.97 28.75 7.73
C VAL C 66 -39.30 29.29 7.32
N LYS C 67 -39.67 29.09 6.04
CA LYS C 67 -40.87 29.70 5.45
C LYS C 67 -42.02 29.72 6.42
N MET C 68 -42.26 28.62 7.12
CA MET C 68 -43.36 28.50 8.09
C MET C 68 -43.20 29.34 9.38
N TYR C 69 -41.96 29.56 9.82
CA TYR C 69 -41.71 30.46 10.96
C TYR C 69 -41.98 31.91 10.58
N LEU C 70 -41.50 32.31 9.41
CA LEU C 70 -41.75 33.64 8.96
C LEU C 70 -43.25 33.79 8.90
N GLN C 71 -43.91 33.09 8.01
CA GLN C 71 -45.34 33.22 7.89
C GLN C 71 -45.96 33.28 9.29
N GLY C 72 -45.65 32.31 10.12
CA GLY C 72 -46.00 32.35 11.55
C GLY C 72 -45.84 33.74 12.19
N LYS C 73 -44.88 34.54 11.71
CA LYS C 73 -44.75 35.93 12.16
C LYS C 73 -45.47 36.80 11.15
N GLY C 74 -46.64 36.34 10.74
CA GLY C 74 -47.46 37.06 9.78
C GLY C 74 -46.73 37.54 8.54
N VAL C 75 -45.75 36.78 8.06
CA VAL C 75 -45.21 37.02 6.72
C VAL C 75 -46.06 36.15 5.82
N SER C 76 -46.41 36.65 4.65
CA SER C 76 -47.32 35.87 3.83
C SER C 76 -46.54 35.10 2.77
N ALA C 77 -46.98 33.85 2.58
CA ALA C 77 -46.42 32.91 1.57
C ALA C 77 -45.92 33.53 0.24
N ASP C 78 -46.63 34.54 -0.28
CA ASP C 78 -46.27 35.15 -1.57
C ASP C 78 -44.96 35.88 -1.50
N GLN C 79 -44.45 36.08 -0.30
CA GLN C 79 -43.22 36.83 -0.12
C GLN C 79 -41.97 35.94 0.12
N ILE C 80 -41.98 34.70 -0.35
CA ILE C 80 -40.93 33.80 0.06
C ILE C 80 -40.78 32.61 -0.88
N SER C 81 -39.67 32.57 -1.62
CA SER C 81 -39.35 31.42 -2.45
CA SER C 81 -39.35 31.42 -2.45
C SER C 81 -38.28 30.51 -1.80
N ILE C 82 -38.44 29.20 -1.96
CA ILE C 82 -37.44 28.25 -1.46
C ILE C 82 -36.69 27.48 -2.58
N VAL C 83 -35.37 27.34 -2.45
CA VAL C 83 -34.56 26.69 -3.46
C VAL C 83 -33.61 25.82 -2.69
N SER C 84 -33.82 24.50 -2.75
CA SER C 84 -32.84 23.63 -2.12
C SER C 84 -31.68 23.32 -3.03
N TYR C 85 -30.48 23.48 -2.50
CA TYR C 85 -29.30 22.96 -3.16
C TYR C 85 -28.83 21.55 -2.70
N GLY C 86 -29.59 20.89 -1.83
CA GLY C 86 -29.22 19.59 -1.33
C GLY C 86 -27.75 19.64 -0.86
N LYS C 87 -26.94 18.67 -1.28
CA LYS C 87 -25.54 18.70 -0.84
C LYS C 87 -24.65 19.34 -1.86
N GLU C 88 -25.19 20.03 -2.87
CA GLU C 88 -24.34 20.55 -3.98
C GLU C 88 -23.50 21.77 -3.63
N LYS C 89 -23.78 22.42 -2.53
CA LYS C 89 -23.17 23.72 -2.29
C LYS C 89 -22.73 23.86 -0.83
N PRO C 90 -21.76 23.03 -0.41
CA PRO C 90 -21.28 23.07 0.98
C PRO C 90 -20.65 24.44 1.25
N ALA C 91 -20.85 24.93 2.46
CA ALA C 91 -20.14 26.11 2.93
C ALA C 91 -18.70 25.72 3.29
N VAL C 92 -18.50 24.50 3.75
CA VAL C 92 -17.18 24.06 4.22
C VAL C 92 -16.95 22.63 3.74
N LEU C 93 -15.72 22.32 3.33
CA LEU C 93 -15.34 20.95 2.97
C LEU C 93 -14.92 20.16 4.18
N GLY C 94 -15.04 18.85 4.14
CA GLY C 94 -14.67 18.03 5.29
C GLY C 94 -15.66 16.92 5.55
N HIS C 95 -15.34 16.02 6.46
CA HIS C 95 -16.14 14.83 6.58
C HIS C 95 -16.52 14.53 7.99
N ASP C 96 -16.49 15.55 8.86
CA ASP C 96 -16.78 15.35 10.28
C ASP C 96 -17.94 16.24 10.67
N GLU C 97 -18.45 16.08 11.90
CA GLU C 97 -19.53 16.92 12.39
C GLU C 97 -19.12 18.40 12.40
N ALA C 98 -17.81 18.66 12.53
CA ALA C 98 -17.31 20.03 12.49
C ALA C 98 -17.67 20.72 11.15
N ALA C 99 -17.49 19.99 10.05
CA ALA C 99 -17.82 20.48 8.72
C ALA C 99 -19.32 20.39 8.52
N TYR C 100 -19.94 19.29 8.92
CA TYR C 100 -21.37 19.09 8.58
C TYR C 100 -22.27 20.09 9.25
N SER C 101 -22.02 20.35 10.54
CA SER C 101 -22.79 21.34 11.27
C SER C 101 -22.67 22.71 10.60
N LYS C 102 -21.68 22.96 9.75
CA LYS C 102 -21.67 24.29 9.08
C LYS C 102 -22.37 24.25 7.72
N ASN C 103 -22.78 23.04 7.30
CA ASN C 103 -23.30 22.88 5.98
C ASN C 103 -24.82 22.67 6.05
N ARG C 104 -25.30 22.10 7.15
CA ARG C 104 -26.74 21.82 7.35
C ARG C 104 -27.40 23.12 7.70
N ARG C 105 -27.94 23.85 6.71
CA ARG C 105 -28.32 25.23 6.97
C ARG C 105 -29.44 25.72 6.06
N ALA C 106 -29.98 26.88 6.37
CA ALA C 106 -30.84 27.59 5.42
C ALA C 106 -30.35 29.02 5.41
N VAL C 107 -30.21 29.58 4.22
CA VAL C 107 -29.67 30.91 4.10
C VAL C 107 -30.76 31.81 3.50
N LEU C 108 -31.06 32.94 4.14
CA LEU C 108 -31.98 33.94 3.57
C LEU C 108 -31.22 34.89 2.66
N VAL C 109 -31.57 34.96 1.37
CA VAL C 109 -30.89 35.84 0.42
CA VAL C 109 -30.88 35.89 0.47
C VAL C 109 -31.86 36.77 -0.33
N TYR C 110 -31.32 37.85 -0.91
CA TYR C 110 -32.07 38.88 -1.68
C TYR C 110 -31.38 39.23 -3.01
N GLU D 1 23.29 -7.77 29.10
CA GLU D 1 21.81 -7.59 29.47
C GLU D 1 21.12 -6.20 29.21
N VAL D 2 20.16 -6.12 28.27
CA VAL D 2 19.89 -4.82 27.63
C VAL D 2 18.48 -4.22 27.64
N ARG D 3 18.41 -2.92 27.39
CA ARG D 3 17.17 -2.15 27.33
C ARG D 3 17.42 -1.06 26.32
N ILE D 4 16.36 -0.60 25.65
CA ILE D 4 16.52 0.49 24.67
C ILE D 4 16.52 1.81 25.42
N VAL D 5 17.53 2.66 25.14
CA VAL D 5 17.49 4.07 25.56
C VAL D 5 17.55 4.95 24.31
N ILE D 6 16.59 5.85 24.16
CA ILE D 6 16.55 6.61 22.93
C ILE D 6 17.33 7.91 23.03
N ASP D 7 18.07 8.28 22.00
CA ASP D 7 18.95 9.45 22.07
C ASP D 7 18.40 10.62 21.30
N SER D 8 17.74 10.36 20.18
CA SER D 8 17.16 11.48 19.42
C SER D 8 16.24 11.00 18.34
N GLY D 9 15.42 11.94 17.87
CA GLY D 9 14.54 11.75 16.74
C GLY D 9 13.08 11.56 17.04
N VAL D 10 12.71 11.39 18.32
CA VAL D 10 11.28 11.11 18.62
C VAL D 10 10.33 12.19 18.15
N ASP D 11 10.83 13.44 18.20
CA ASP D 11 10.04 14.58 17.77
C ASP D 11 9.59 14.53 16.34
N SER D 12 10.33 13.81 15.50
CA SER D 12 9.88 13.60 14.13
C SER D 12 8.75 12.67 13.97
N GLY D 13 8.35 11.98 15.03
CA GLY D 13 7.28 10.98 14.85
C GLY D 13 5.88 11.58 14.98
N ARG D 14 4.88 10.83 14.56
CA ARG D 14 3.53 11.26 14.65
C ARG D 14 3.03 11.26 16.13
N PRO D 15 2.56 12.42 16.64
CA PRO D 15 2.05 12.46 18.00
C PRO D 15 0.91 11.48 18.13
N ILE D 16 0.86 10.73 19.22
CA ILE D 16 -0.21 9.77 19.36
C ILE D 16 -0.48 9.64 20.86
N GLY D 17 -1.70 9.28 21.24
CA GLY D 17 -2.02 9.11 22.65
C GLY D 17 -2.14 7.62 22.97
N VAL D 18 -1.46 7.15 24.01
CA VAL D 18 -1.58 5.77 24.42
C VAL D 18 -1.87 5.71 25.92
N VAL D 19 -3.04 5.19 26.27
CA VAL D 19 -3.58 5.30 27.61
C VAL D 19 -3.39 3.96 28.37
N PRO D 20 -3.03 4.04 29.64
CA PRO D 20 -2.88 2.78 30.39
C PRO D 20 -4.15 1.93 30.24
N PHE D 21 -4.02 0.60 30.11
CA PHE D 21 -5.19 -0.24 29.85
C PHE D 21 -6.00 -0.44 31.20
N GLN D 22 -7.31 -0.60 31.08
CA GLN D 22 -8.16 -0.95 32.21
C GLN D 22 -7.76 -2.34 32.72
N TRP D 23 -7.71 -2.52 34.03
CA TRP D 23 -7.35 -3.84 34.57
C TRP D 23 -8.52 -4.33 35.46
N ALA D 24 -9.16 -5.46 35.07
CA ALA D 24 -10.34 -6.02 35.81
C ALA D 24 -10.05 -6.82 37.09
N GLY D 25 -9.10 -6.37 37.88
CA GLY D 25 -8.78 -7.01 39.15
C GLY D 25 -8.24 -6.05 40.18
N PRO D 26 -7.98 -6.57 41.40
CA PRO D 26 -7.46 -5.72 42.45
C PRO D 26 -5.99 -5.40 42.18
N GLY D 27 -5.55 -4.24 42.62
CA GLY D 27 -4.12 -4.02 42.72
C GLY D 27 -3.45 -4.00 41.37
N ALA D 28 -2.18 -4.39 41.37
CA ALA D 28 -1.32 -4.28 40.18
C ALA D 28 -1.77 -5.08 38.93
N ALA D 29 -1.78 -4.44 37.77
CA ALA D 29 -1.91 -5.25 36.53
C ALA D 29 -0.64 -6.10 36.37
N PRO D 30 -0.76 -7.30 35.77
CA PRO D 30 0.37 -8.21 35.69
C PRO D 30 1.43 -7.74 34.67
N GLU D 31 1.01 -6.99 33.68
CA GLU D 31 1.93 -6.35 32.78
C GLU D 31 1.29 -4.96 32.52
N ASP D 32 2.05 -3.98 32.00
CA ASP D 32 1.45 -2.67 31.67
C ASP D 32 1.35 -2.64 30.13
N ILE D 33 0.22 -3.05 29.57
CA ILE D 33 0.13 -3.23 28.15
C ILE D 33 0.23 -1.86 27.41
N GLY D 34 -0.47 -0.86 27.92
CA GLY D 34 -0.31 0.53 27.46
C GLY D 34 1.14 1.01 27.42
N GLY D 35 1.89 0.76 28.49
CA GLY D 35 3.33 1.04 28.55
C GLY D 35 4.12 0.34 27.45
N ILE D 36 3.78 -0.91 27.13
CA ILE D 36 4.51 -1.60 26.03
C ILE D 36 4.16 -0.96 24.66
N VAL D 37 2.88 -0.64 24.47
CA VAL D 37 2.44 -0.13 23.16
C VAL D 37 3.10 1.20 22.90
N ALA D 38 3.09 2.09 23.89
CA ALA D 38 3.70 3.40 23.83
C ALA D 38 5.17 3.22 23.56
N ALA D 39 5.82 2.40 24.36
CA ALA D 39 7.23 2.23 24.13
C ALA D 39 7.54 1.68 22.71
N ASP D 40 6.76 0.71 22.23
CA ASP D 40 7.00 0.16 20.90
C ASP D 40 6.90 1.25 19.83
N LEU D 41 5.78 1.99 19.85
CA LEU D 41 5.52 2.98 18.82
C LEU D 41 6.63 4.01 18.88
N ARG D 42 7.07 4.39 20.09
CA ARG D 42 8.20 5.32 20.20
C ARG D 42 9.53 4.70 19.67
N ASN D 43 9.76 3.43 19.92
CA ASN D 43 11.06 2.83 19.50
C ASN D 43 11.12 2.76 17.97
N SER D 44 9.95 2.86 17.33
CA SER D 44 9.91 2.69 15.88
C SER D 44 10.43 3.90 15.12
N GLY D 45 10.52 5.05 15.78
CA GLY D 45 10.89 6.29 15.10
C GLY D 45 9.68 6.93 14.44
N LYS D 46 8.54 6.23 14.36
CA LYS D 46 7.40 6.77 13.59
C LYS D 46 6.32 7.49 14.42
N PHE D 47 6.41 7.38 15.74
CA PHE D 47 5.41 8.00 16.66
C PHE D 47 6.04 8.72 17.86
N ASN D 48 5.30 9.72 18.35
CA ASN D 48 5.68 10.44 19.55
C ASN D 48 4.51 10.37 20.56
N PRO D 49 4.49 9.30 21.38
CA PRO D 49 3.33 9.10 22.27
C PRO D 49 3.39 10.15 23.36
N LEU D 50 2.25 10.72 23.71
CA LEU D 50 2.22 11.75 24.74
C LEU D 50 2.78 11.23 26.06
N ASP D 51 3.54 12.04 26.77
CA ASP D 51 4.01 11.59 28.13
C ASP D 51 2.84 11.15 28.96
N ARG D 52 3.00 10.03 29.64
CA ARG D 52 1.91 9.50 30.46
C ARG D 52 1.48 10.57 31.50
N ALA D 53 2.45 11.32 32.00
CA ALA D 53 2.18 12.40 32.95
C ALA D 53 1.28 13.48 32.40
N ARG D 54 1.13 13.58 31.09
CA ARG D 54 0.38 14.72 30.54
C ARG D 54 -0.93 14.28 29.89
N LEU D 55 -1.30 13.02 30.05
CA LEU D 55 -2.55 12.58 29.41
C LEU D 55 -3.72 13.49 29.90
N PRO D 56 -4.58 14.01 28.98
CA PRO D 56 -5.72 14.82 29.40
C PRO D 56 -6.87 14.04 30.08
N GLN D 57 -6.89 12.72 29.88
CA GLN D 57 -7.90 11.88 30.49
C GLN D 57 -7.34 10.48 30.39
N GLN D 58 -7.89 9.53 31.17
CA GLN D 58 -7.51 8.14 31.02
C GLN D 58 -8.72 7.31 30.68
N PRO D 59 -9.30 7.50 29.50
CA PRO D 59 -10.46 6.69 29.09
C PRO D 59 -10.18 5.18 29.08
N GLY D 60 -11.15 4.36 29.53
CA GLY D 60 -10.92 2.93 29.55
C GLY D 60 -11.69 2.18 28.48
N SER D 61 -12.30 2.94 27.59
CA SER D 61 -13.06 2.35 26.50
C SER D 61 -13.12 3.36 25.36
N ALA D 62 -13.55 2.93 24.18
CA ALA D 62 -13.65 3.82 23.05
C ALA D 62 -14.64 4.93 23.34
N GLN D 63 -15.73 4.55 24.02
CA GLN D 63 -16.80 5.49 24.37
C GLN D 63 -16.41 6.62 25.35
N GLU D 64 -15.44 6.35 26.20
CA GLU D 64 -14.96 7.34 27.17
C GLU D 64 -13.99 8.34 26.55
N VAL D 65 -13.57 8.08 25.34
CA VAL D 65 -12.54 8.96 24.75
C VAL D 65 -13.22 10.26 24.45
N GLN D 66 -12.60 11.35 24.84
CA GLN D 66 -13.08 12.68 24.56
C GLN D 66 -12.23 13.27 23.44
N PRO D 67 -12.67 13.17 22.17
CA PRO D 67 -11.78 13.52 21.02
C PRO D 67 -11.11 14.93 21.10
N ALA D 68 -11.89 15.92 21.49
CA ALA D 68 -11.40 17.29 21.55
C ALA D 68 -10.27 17.42 22.52
N ALA D 69 -10.24 16.57 23.55
CA ALA D 69 -9.17 16.63 24.55
C ALA D 69 -7.89 16.29 23.90
N TRP D 70 -7.95 15.45 22.87
CA TRP D 70 -6.70 15.06 22.28
C TRP D 70 -6.35 15.87 21.05
N SER D 71 -7.31 16.23 20.21
CA SER D 71 -7.00 17.10 19.08
C SER D 71 -6.49 18.44 19.53
N ALA D 72 -6.82 18.80 20.75
CA ALA D 72 -6.40 20.05 21.33
C ALA D 72 -4.93 20.03 21.64
N LEU D 73 -4.34 18.84 21.61
CA LEU D 73 -2.92 18.69 21.84
C LEU D 73 -2.20 18.28 20.55
N GLY D 74 -2.90 18.33 19.41
CA GLY D 74 -2.28 17.97 18.11
C GLY D 74 -2.23 16.47 17.90
N ILE D 75 -3.08 15.74 18.61
CA ILE D 75 -3.09 14.29 18.54
C ILE D 75 -4.36 13.77 17.85
N ASP D 76 -4.20 13.00 16.77
CA ASP D 76 -5.35 12.52 16.02
C ASP D 76 -5.72 11.05 16.13
N ALA D 77 -5.02 10.29 16.97
CA ALA D 77 -5.43 8.96 17.34
C ALA D 77 -5.03 8.62 18.78
N VAL D 78 -5.83 7.77 19.42
CA VAL D 78 -5.63 7.39 20.82
C VAL D 78 -5.83 5.86 20.94
N VAL D 79 -4.96 5.16 21.65
CA VAL D 79 -5.13 3.75 21.86
C VAL D 79 -5.65 3.58 23.31
N VAL D 80 -6.74 2.86 23.46
CA VAL D 80 -7.19 2.45 24.77
C VAL D 80 -7.29 0.92 24.78
N GLY D 81 -7.52 0.33 25.95
CA GLY D 81 -7.59 -1.13 25.99
C GLY D 81 -7.88 -1.66 27.39
N GLN D 82 -7.97 -2.98 27.47
CA GLN D 82 -8.46 -3.63 28.68
C GLN D 82 -7.72 -4.93 28.84
N VAL D 83 -7.34 -5.23 30.08
CA VAL D 83 -6.75 -6.50 30.43
C VAL D 83 -7.69 -7.22 31.43
N THR D 84 -8.15 -8.43 31.11
CA THR D 84 -9.07 -9.10 32.01
C THR D 84 -8.60 -10.52 32.31
N PRO D 85 -8.96 -11.04 33.50
CA PRO D 85 -8.44 -12.38 33.91
C PRO D 85 -9.44 -13.47 33.56
N ASN D 86 -8.98 -14.64 33.12
CA ASN D 86 -9.84 -15.79 32.84
C ASN D 86 -9.66 -16.80 33.93
N PRO D 87 -10.67 -17.65 34.11
CA PRO D 87 -10.58 -18.58 35.27
C PRO D 87 -9.47 -19.62 35.17
N ASP D 88 -8.95 -19.91 33.97
CA ASP D 88 -7.85 -20.89 33.85
C ASP D 88 -6.48 -20.26 34.11
N GLY D 89 -6.44 -19.04 34.61
CA GLY D 89 -5.21 -18.36 34.88
C GLY D 89 -4.70 -17.57 33.67
N SER D 90 -5.37 -17.67 32.54
CA SER D 90 -4.97 -16.89 31.37
C SER D 90 -5.52 -15.46 31.42
N TYR D 91 -5.24 -14.66 30.40
CA TYR D 91 -5.69 -13.28 30.37
C TYR D 91 -6.18 -12.92 28.99
N ASN D 92 -7.08 -11.94 28.91
CA ASN D 92 -7.49 -11.33 27.65
C ASN D 92 -6.89 -9.93 27.59
N VAL D 93 -6.29 -9.62 26.43
CA VAL D 93 -5.68 -8.30 26.17
C VAL D 93 -6.37 -7.76 24.95
N ALA D 94 -7.15 -6.70 25.11
CA ALA D 94 -7.85 -6.09 23.99
C ALA D 94 -7.42 -4.61 23.89
N TYR D 95 -7.33 -4.11 22.66
CA TYR D 95 -7.02 -2.69 22.47
C TYR D 95 -8.09 -2.16 21.49
N GLN D 96 -8.37 -0.85 21.54
CA GLN D 96 -9.08 -0.22 20.44
C GLN D 96 -8.27 1.04 20.06
N LEU D 97 -8.20 1.30 18.77
CA LEU D 97 -7.49 2.50 18.27
C LEU D 97 -8.61 3.46 17.87
N VAL D 98 -8.67 4.65 18.48
CA VAL D 98 -9.77 5.57 18.30
C VAL D 98 -9.35 6.84 17.59
N ASP D 99 -10.11 7.19 16.58
CA ASP D 99 -9.78 8.35 15.76
C ASP D 99 -10.06 9.58 16.60
N THR D 100 -9.10 10.50 16.68
CA THR D 100 -9.40 11.80 17.29
C THR D 100 -9.07 12.96 16.35
N GLY D 101 -9.31 12.77 15.06
CA GLY D 101 -8.88 13.73 14.02
C GLY D 101 -9.99 13.94 12.99
N GLY D 102 -9.84 13.35 11.80
CA GLY D 102 -10.81 13.54 10.74
C GLY D 102 -12.15 12.85 10.95
N ALA D 103 -12.20 11.83 11.81
CA ALA D 103 -13.43 11.09 12.01
C ALA D 103 -13.66 10.84 13.50
N PRO D 104 -13.74 11.91 14.30
CA PRO D 104 -13.52 11.72 15.74
C PRO D 104 -14.44 10.69 16.32
N GLY D 105 -13.90 9.78 17.11
CA GLY D 105 -14.73 8.87 17.89
C GLY D 105 -14.91 7.50 17.28
N THR D 106 -14.57 7.37 16.01
CA THR D 106 -14.77 6.08 15.35
C THR D 106 -13.55 5.16 15.62
N VAL D 107 -13.79 3.85 15.58
CA VAL D 107 -12.76 2.90 15.94
C VAL D 107 -12.03 2.52 14.67
N LEU D 108 -10.72 2.85 14.60
CA LEU D 108 -9.91 2.56 13.41
C LEU D 108 -9.46 1.10 13.37
N ALA D 109 -9.28 0.50 14.53
CA ALA D 109 -8.89 -0.91 14.60
C ALA D 109 -9.06 -1.36 16.01
N GLN D 110 -9.12 -2.67 16.17
CA GLN D 110 -9.30 -3.24 17.50
C GLN D 110 -9.07 -4.71 17.44
N ASN D 111 -8.70 -5.29 18.56
CA ASN D 111 -8.58 -6.73 18.57
C ASN D 111 -8.56 -7.17 19.98
N SER D 112 -8.55 -8.47 20.15
CA SER D 112 -8.44 -9.06 21.47
C SER D 112 -7.64 -10.39 21.49
N TYR D 113 -6.74 -10.59 22.46
CA TYR D 113 -5.97 -11.83 22.51
C TYR D 113 -6.02 -12.58 23.84
N LYS D 114 -6.28 -13.88 23.75
CA LYS D 114 -6.15 -14.69 24.97
C LYS D 114 -4.75 -15.24 25.10
N VAL D 115 -4.04 -14.88 26.18
CA VAL D 115 -2.69 -15.40 26.40
C VAL D 115 -2.38 -15.78 27.83
N ASN D 116 -1.36 -16.60 28.01
CA ASN D 116 -0.91 -16.92 29.37
C ASN D 116 0.00 -15.83 29.87
N LYS D 117 0.26 -15.86 31.17
CA LYS D 117 1.04 -14.82 31.84
C LYS D 117 2.37 -14.57 31.16
N GLN D 118 3.03 -15.63 30.71
CA GLN D 118 4.35 -15.47 30.12
C GLN D 118 4.25 -14.91 28.72
N TRP D 119 3.05 -14.76 28.17
CA TRP D 119 2.94 -14.19 26.81
C TRP D 119 2.26 -12.85 26.77
N LEU D 120 2.16 -12.21 27.92
CA LEU D 120 1.64 -10.83 28.04
C LEU D 120 2.42 -9.80 27.15
N ARG D 121 3.76 -9.81 27.21
CA ARG D 121 4.52 -8.91 26.33
C ARG D 121 4.24 -9.15 24.86
N TYR D 122 4.17 -10.43 24.48
CA TYR D 122 3.93 -10.78 23.10
C TYR D 122 2.57 -10.22 22.67
N ALA D 123 1.58 -10.34 23.57
CA ALA D 123 0.22 -9.84 23.25
C ALA D 123 0.31 -8.32 23.08
N GLY D 124 1.04 -7.68 23.98
CA GLY D 124 1.30 -6.21 23.88
C GLY D 124 1.90 -5.80 22.55
N HIS D 125 2.95 -6.52 22.12
CA HIS D 125 3.59 -6.21 20.83
C HIS D 125 2.66 -6.48 19.67
N THR D 126 1.67 -7.32 19.89
CA THR D 126 0.78 -7.72 18.76
C THR D 126 -0.15 -6.54 18.54
N ALA D 127 -0.62 -5.94 19.62
CA ALA D 127 -1.42 -4.71 19.50
C ALA D 127 -0.60 -3.58 18.85
N SER D 128 0.63 -3.39 19.30
CA SER D 128 1.48 -2.40 18.71
C SER D 128 1.61 -2.66 17.19
N ASP D 129 1.85 -3.91 16.81
CA ASP D 129 1.96 -4.17 15.38
C ASP D 129 0.75 -3.68 14.60
N GLU D 130 -0.42 -4.05 15.10
CA GLU D 130 -1.67 -3.70 14.41
C GLU D 130 -1.84 -2.20 14.32
N VAL D 131 -1.46 -1.48 15.35
CA VAL D 131 -1.71 -0.03 15.38
C VAL D 131 -0.75 0.64 14.39
N PHE D 132 0.53 0.33 14.54
CA PHE D 132 1.61 0.67 13.63
C PHE D 132 1.22 0.45 12.15
N GLU D 133 0.78 -0.77 11.82
CA GLU D 133 0.48 -1.03 10.43
C GLU D 133 -0.77 -0.24 9.95
N LYS D 134 -1.76 -0.10 10.82
CA LYS D 134 -2.99 0.64 10.47
C LYS D 134 -2.66 2.08 10.19
N LEU D 135 -1.77 2.69 10.98
CA LEU D 135 -1.51 4.10 10.78
C LEU D 135 -0.36 4.44 9.84
N THR D 136 0.53 3.48 9.56
CA THR D 136 1.65 3.79 8.69
C THR D 136 1.58 3.04 7.39
N GLY D 137 0.82 1.97 7.35
CA GLY D 137 0.81 1.09 6.15
C GLY D 137 2.02 0.16 6.05
N ILE D 138 2.90 0.20 7.05
CA ILE D 138 4.09 -0.69 7.09
C ILE D 138 3.87 -1.79 8.15
N LYS D 139 4.28 -3.05 7.82
CA LYS D 139 4.10 -4.19 8.72
C LYS D 139 4.89 -3.98 10.00
N GLY D 140 4.28 -4.31 11.16
CA GLY D 140 4.96 -4.15 12.44
C GLY D 140 5.96 -5.28 12.68
N ALA D 141 7.02 -4.94 13.43
CA ALA D 141 8.08 -5.88 13.77
C ALA D 141 8.34 -5.90 15.26
N PHE D 142 7.31 -5.64 16.08
CA PHE D 142 7.52 -5.49 17.50
C PHE D 142 7.60 -6.81 18.21
N ARG D 143 7.22 -7.91 17.53
CA ARG D 143 7.37 -9.24 18.15
C ARG D 143 8.70 -9.89 17.84
N THR D 144 9.61 -9.17 17.24
CA THR D 144 10.88 -9.81 16.83
C THR D 144 11.86 -10.00 18.02
N ARG D 145 12.91 -10.79 17.79
CA ARG D 145 14.04 -10.97 18.72
C ARG D 145 15.31 -10.47 18.12
N ILE D 146 16.38 -10.26 18.90
CA ILE D 146 17.66 -9.99 18.34
C ILE D 146 18.62 -11.03 18.95
N ALA D 147 19.67 -11.38 18.23
CA ALA D 147 20.73 -12.20 18.77
C ALA D 147 21.90 -11.26 18.91
N TYR D 148 22.76 -11.54 19.87
CA TYR D 148 23.99 -10.76 20.05
C TYR D 148 24.98 -11.56 20.87
N VAL D 149 26.25 -11.15 20.77
CA VAL D 149 27.33 -11.77 21.51
C VAL D 149 27.73 -10.82 22.64
N VAL D 150 27.77 -11.33 23.87
CA VAL D 150 28.21 -10.56 25.04
C VAL D 150 29.59 -11.12 25.41
N GLN D 151 30.59 -10.25 25.56
CA GLN D 151 31.90 -10.67 26.00
C GLN D 151 32.15 -10.16 27.41
N THR D 152 32.30 -11.05 28.36
CA THR D 152 32.63 -10.61 29.76
C THR D 152 34.11 -10.46 30.01
N ASN D 153 34.44 -9.94 31.19
CA ASN D 153 35.81 -9.56 31.48
C ASN D 153 36.77 -10.71 31.77
N GLY D 154 36.34 -11.66 32.61
CA GLY D 154 37.13 -12.88 32.86
C GLY D 154 36.34 -14.17 32.71
N GLY D 155 36.54 -15.11 33.61
CA GLY D 155 35.80 -16.38 33.60
C GLY D 155 36.30 -17.48 32.66
N GLN D 156 35.84 -18.71 32.88
CA GLN D 156 36.21 -19.77 31.94
C GLN D 156 35.40 -19.68 30.65
N PHE D 157 34.18 -19.11 30.67
CA PHE D 157 33.48 -18.87 29.42
C PHE D 157 33.11 -17.40 29.22
N PRO D 158 34.07 -16.55 28.76
CA PRO D 158 33.84 -15.11 28.56
C PRO D 158 32.92 -14.78 27.39
N TYR D 159 32.72 -15.72 26.47
CA TYR D 159 31.91 -15.39 25.28
C TYR D 159 30.54 -16.07 25.31
N GLU D 160 29.48 -15.27 25.21
CA GLU D 160 28.15 -15.89 25.22
C GLU D 160 27.32 -15.42 24.07
N LEU D 161 26.64 -16.35 23.39
CA LEU D 161 25.67 -15.94 22.37
C LEU D 161 24.35 -15.90 23.09
N ARG D 162 23.70 -14.73 23.03
CA ARG D 162 22.38 -14.56 23.63
C ARG D 162 21.29 -14.11 22.65
N VAL D 163 20.02 -14.30 23.04
CA VAL D 163 18.89 -13.84 22.28
C VAL D 163 18.02 -13.07 23.29
N SER D 164 17.39 -11.98 22.82
CA SER D 164 16.32 -11.35 23.56
C SER D 164 15.21 -10.90 22.55
N ASP D 165 14.04 -10.51 23.09
CA ASP D 165 13.10 -9.71 22.33
C ASP D 165 13.88 -8.44 21.83
N TYR D 166 13.33 -7.77 20.83
CA TYR D 166 14.08 -6.67 20.22
C TYR D 166 14.31 -5.52 21.25
N ASP D 167 13.44 -5.43 22.28
CA ASP D 167 13.57 -4.38 23.32
C ASP D 167 14.33 -4.82 24.57
N GLY D 168 14.96 -6.00 24.49
CA GLY D 168 15.88 -6.51 25.51
C GLY D 168 15.27 -7.40 26.56
N TYR D 169 13.93 -7.47 26.64
CA TYR D 169 13.29 -8.39 27.62
C TYR D 169 13.38 -9.86 27.20
N ASN D 170 13.17 -10.76 28.15
CA ASN D 170 13.17 -12.17 27.83
C ASN D 170 14.50 -12.64 27.21
N GLN D 171 15.61 -12.19 27.79
CA GLN D 171 16.95 -12.67 27.40
C GLN D 171 17.19 -14.15 27.75
N PHE D 172 17.91 -14.87 26.92
CA PHE D 172 18.36 -16.21 27.33
C PHE D 172 19.65 -16.51 26.63
N VAL D 173 20.39 -17.50 27.15
CA VAL D 173 21.74 -17.81 26.67
C VAL D 173 21.64 -18.94 25.69
N VAL D 174 22.13 -18.74 24.47
CA VAL D 174 22.13 -19.82 23.47
C VAL D 174 23.38 -20.70 23.63
N HIS D 175 24.52 -20.09 23.90
CA HIS D 175 25.77 -20.88 23.93
C HIS D 175 26.82 -20.09 24.68
N ARG D 176 27.59 -20.77 25.54
CA ARG D 176 28.73 -20.14 26.19
C ARG D 176 30.02 -20.72 25.62
N SER D 177 31.10 -19.97 25.62
CA SER D 177 32.36 -20.45 24.96
C SER D 177 33.60 -19.81 25.64
N PRO D 178 34.72 -20.54 25.76
CA PRO D 178 35.96 -19.92 26.30
C PRO D 178 36.66 -19.15 25.19
N GLN D 179 36.16 -19.27 23.95
CA GLN D 179 36.79 -18.55 22.81
C GLN D 179 35.78 -17.71 22.03
N PRO D 180 36.24 -16.79 21.16
CA PRO D 180 35.34 -15.97 20.38
C PRO D 180 34.21 -16.69 19.65
N LEU D 181 33.11 -15.98 19.64
CA LEU D 181 31.96 -16.33 18.88
C LEU D 181 31.73 -15.19 17.89
N MET D 182 31.28 -15.56 16.69
CA MET D 182 31.03 -14.52 15.67
C MET D 182 29.74 -14.78 14.89
N SER D 183 29.25 -13.68 14.31
CA SER D 183 28.32 -13.65 13.14
C SER D 183 27.10 -14.49 13.20
N PRO D 184 26.26 -14.29 14.24
CA PRO D 184 25.06 -15.12 14.35
C PRO D 184 24.10 -14.69 13.26
N ALA D 185 23.30 -15.63 12.72
CA ALA D 185 22.41 -15.37 11.58
C ALA D 185 21.16 -16.24 11.79
N TRP D 186 19.98 -15.63 11.66
CA TRP D 186 18.70 -16.25 11.90
C TRP D 186 18.22 -17.03 10.69
N SER D 187 17.62 -18.21 10.92
CA SER D 187 16.87 -18.84 9.86
C SER D 187 15.56 -18.08 9.67
N PRO D 188 15.00 -18.09 8.48
CA PRO D 188 13.86 -17.22 8.20
C PRO D 188 12.59 -17.59 8.98
N ASP D 189 12.53 -18.81 9.51
CA ASP D 189 11.36 -19.17 10.33
C ASP D 189 11.65 -18.84 11.80
N GLY D 190 12.88 -18.40 12.10
CA GLY D 190 13.19 -17.93 13.42
C GLY D 190 13.61 -19.00 14.41
N SER D 191 13.68 -20.23 13.93
CA SER D 191 13.90 -21.33 14.86
C SER D 191 15.40 -21.65 15.10
N LYS D 192 16.29 -21.15 14.22
CA LYS D 192 17.73 -21.49 14.32
C LYS D 192 18.62 -20.29 14.22
N LEU D 193 19.78 -20.39 14.85
CA LEU D 193 20.84 -19.43 14.63
C LEU D 193 22.08 -20.16 14.12
N ALA D 194 22.68 -19.63 13.05
CA ALA D 194 24.01 -20.09 12.62
C ALA D 194 25.02 -19.18 13.29
N TYR D 195 26.18 -19.72 13.66
CA TYR D 195 27.24 -18.85 14.23
C TYR D 195 28.58 -19.53 14.16
N VAL D 196 29.63 -18.76 14.39
CA VAL D 196 30.98 -19.26 14.35
C VAL D 196 31.52 -19.35 15.78
N THR D 197 32.14 -20.46 16.14
CA THR D 197 32.77 -20.59 17.46
C THR D 197 34.26 -20.98 17.27
N PHE D 198 35.16 -20.37 18.06
CA PHE D 198 36.58 -20.76 18.04
C PHE D 198 36.90 -21.75 19.18
N GLU D 199 35.89 -22.23 19.87
CA GLU D 199 36.12 -23.02 21.09
C GLU D 199 36.89 -24.30 20.86
N SER D 200 36.96 -24.79 19.64
CA SER D 200 37.73 -26.00 19.46
C SER D 200 39.19 -25.64 19.28
N GLY D 201 39.50 -24.33 19.25
CA GLY D 201 40.87 -23.86 18.94
C GLY D 201 41.02 -23.53 17.47
N ARG D 202 39.96 -23.74 16.71
CA ARG D 202 39.84 -23.37 15.29
C ARG D 202 38.39 -22.85 15.11
N SER D 203 38.16 -21.99 14.13
CA SER D 203 36.78 -21.62 13.77
C SER D 203 36.01 -22.84 13.32
N ALA D 204 34.72 -22.91 13.74
CA ALA D 204 33.81 -23.87 13.25
C ALA D 204 32.52 -23.15 13.08
N LEU D 205 31.77 -23.55 12.07
CA LEU D 205 30.49 -22.96 11.73
C LEU D 205 29.37 -23.96 12.01
N VAL D 206 28.40 -23.56 12.84
CA VAL D 206 27.36 -24.52 13.33
C VAL D 206 26.00 -23.89 13.17
N ILE D 207 24.97 -24.71 13.22
CA ILE D 207 23.61 -24.21 13.31
C ILE D 207 22.94 -24.81 14.57
N GLN D 208 22.37 -23.95 15.40
CA GLN D 208 21.78 -24.36 16.65
C GLN D 208 20.26 -24.11 16.57
N THR D 209 19.50 -25.18 16.78
CA THR D 209 18.03 -25.02 16.99
C THR D 209 17.73 -24.47 18.39
N LEU D 210 17.10 -23.29 18.46
CA LEU D 210 16.97 -22.58 19.75
C LEU D 210 16.10 -23.33 20.78
N ALA D 211 15.08 -24.05 20.33
CA ALA D 211 14.07 -24.54 21.30
C ALA D 211 14.59 -25.76 22.00
N ASN D 212 15.56 -26.46 21.38
CA ASN D 212 16.03 -27.65 22.03
C ASN D 212 17.54 -27.72 22.19
N GLY D 213 18.26 -26.68 21.73
CA GLY D 213 19.70 -26.72 21.89
C GLY D 213 20.38 -27.63 20.89
N ALA D 214 19.65 -28.26 19.97
CA ALA D 214 20.39 -29.10 19.02
C ALA D 214 21.39 -28.38 18.13
N VAL D 215 22.56 -29.00 17.91
CA VAL D 215 23.63 -28.41 17.05
C VAL D 215 23.99 -29.28 15.81
N ARG D 216 23.96 -28.64 14.63
CA ARG D 216 24.38 -29.27 13.43
C ARG D 216 25.69 -28.63 12.99
N GLN D 217 26.70 -29.46 12.73
CA GLN D 217 28.02 -28.96 12.25
C GLN D 217 27.93 -28.63 10.79
N VAL D 218 28.22 -27.39 10.43
CA VAL D 218 28.26 -27.03 9.02
C VAL D 218 29.63 -27.15 8.41
N ALA D 219 30.65 -26.52 9.02
CA ALA D 219 31.94 -26.61 8.37
C ALA D 219 33.02 -26.33 9.36
N SER D 220 34.06 -27.15 9.30
CA SER D 220 35.24 -26.87 10.10
C SER D 220 36.52 -27.30 9.35
N PHE D 221 36.72 -26.73 8.16
CA PHE D 221 37.86 -26.97 7.34
C PHE D 221 39.03 -26.18 7.89
N PRO D 222 40.19 -26.48 7.34
CA PRO D 222 41.37 -25.73 7.80
C PRO D 222 41.06 -24.24 7.56
N ARG D 223 41.76 -23.36 8.25
CA ARG D 223 41.55 -21.90 8.24
C ARG D 223 40.13 -21.46 8.60
N HIS D 224 39.53 -20.51 7.86
CA HIS D 224 38.35 -19.86 8.44
C HIS D 224 37.09 -20.47 7.92
N ASN D 225 36.11 -20.60 8.80
CA ASN D 225 34.76 -21.03 8.46
C ASN D 225 33.81 -20.06 9.12
N GLY D 226 33.02 -19.28 8.36
CA GLY D 226 32.34 -18.12 8.97
C GLY D 226 31.35 -17.35 8.11
N ALA D 227 30.79 -16.25 8.67
CA ALA D 227 29.96 -15.27 7.93
C ALA D 227 28.75 -15.95 7.31
N PRO D 228 27.93 -16.68 8.11
CA PRO D 228 26.73 -17.39 7.60
C PRO D 228 25.53 -16.47 7.34
N ALA D 229 24.65 -16.87 6.40
CA ALA D 229 23.42 -16.11 6.11
C ALA D 229 22.49 -17.14 5.51
N PHE D 230 21.28 -17.30 6.07
CA PHE D 230 20.26 -18.27 5.58
C PHE D 230 19.51 -17.62 4.38
N SER D 231 19.18 -18.37 3.33
CA SER D 231 18.39 -17.77 2.25
C SER D 231 17.00 -17.48 2.78
N PRO D 232 16.34 -16.47 2.24
CA PRO D 232 14.97 -16.15 2.69
C PRO D 232 13.96 -17.30 2.50
N ASP D 233 14.25 -18.23 1.57
CA ASP D 233 13.37 -19.37 1.39
C ASP D 233 13.74 -20.52 2.35
N GLY D 234 14.80 -20.30 3.16
CA GLY D 234 15.20 -21.30 4.21
C GLY D 234 15.97 -22.54 3.74
N SER D 235 16.21 -22.63 2.44
CA SER D 235 16.76 -23.89 1.85
C SER D 235 18.29 -23.91 1.82
N LYS D 236 18.91 -22.75 1.98
CA LYS D 236 20.36 -22.68 1.78
C LYS D 236 21.06 -21.89 2.90
N LEU D 237 22.35 -22.17 3.11
CA LEU D 237 23.12 -21.36 4.02
C LEU D 237 24.32 -20.94 3.19
N ALA D 238 24.52 -19.63 3.01
CA ALA D 238 25.73 -19.11 2.39
C ALA D 238 26.72 -18.90 3.49
N PHE D 239 28.00 -18.96 3.15
CA PHE D 239 29.04 -18.70 4.11
C PHE D 239 30.37 -18.60 3.41
N ALA D 240 31.42 -18.28 4.19
CA ALA D 240 32.78 -18.12 3.63
C ALA D 240 33.79 -19.11 4.22
N LEU D 241 34.69 -19.65 3.39
CA LEU D 241 35.75 -20.59 3.83
C LEU D 241 36.98 -20.03 3.19
N SER D 242 38.10 -20.06 3.91
CA SER D 242 39.39 -19.63 3.43
C SER D 242 40.29 -20.84 3.24
N LYS D 243 39.75 -22.05 3.33
CA LYS D 243 40.61 -23.24 3.11
C LYS D 243 41.45 -23.18 1.81
N THR D 244 40.97 -22.50 0.77
CA THR D 244 41.68 -22.45 -0.53
C THR D 244 42.93 -21.55 -0.45
N GLY D 245 43.09 -20.80 0.64
CA GLY D 245 44.12 -19.75 0.61
C GLY D 245 43.57 -18.33 0.64
N SER D 246 42.29 -18.12 0.34
CA SER D 246 41.64 -16.81 0.56
C SER D 246 40.17 -17.12 0.81
N LEU D 247 39.46 -16.16 1.38
CA LEU D 247 38.01 -16.28 1.72
C LEU D 247 37.26 -16.35 0.42
N ASN D 248 36.43 -17.38 0.32
CA ASN D 248 35.62 -17.52 -0.86
C ASN D 248 34.20 -17.88 -0.43
N LEU D 249 33.20 -17.64 -1.27
CA LEU D 249 31.81 -17.99 -0.91
C LEU D 249 31.39 -19.41 -1.28
N TYR D 250 30.60 -20.05 -0.40
CA TYR D 250 30.09 -21.39 -0.60
C TYR D 250 28.62 -21.37 -0.19
N VAL D 251 27.85 -22.32 -0.67
CA VAL D 251 26.48 -22.48 -0.19
CA VAL D 251 26.49 -22.49 -0.17
C VAL D 251 26.23 -23.94 0.15
N MET D 252 25.54 -24.15 1.26
CA MET D 252 25.10 -25.48 1.61
C MET D 252 23.58 -25.63 1.37
N ASP D 253 23.21 -26.68 0.65
CA ASP D 253 21.84 -27.12 0.57
C ASP D 253 21.50 -27.80 1.90
N LEU D 254 20.66 -27.15 2.71
CA LEU D 254 20.34 -27.60 4.06
C LEU D 254 19.68 -28.99 4.05
N ALA D 255 18.85 -29.30 3.06
CA ALA D 255 18.21 -30.62 3.02
C ALA D 255 19.27 -31.77 2.95
N SER D 256 20.20 -31.65 2.01
CA SER D 256 21.15 -32.72 1.67
C SER D 256 22.50 -32.64 2.41
N GLY D 257 22.88 -31.46 2.87
CA GLY D 257 24.24 -31.21 3.32
C GLY D 257 25.28 -30.96 2.23
N GLN D 258 24.90 -31.02 0.95
CA GLN D 258 25.83 -30.68 -0.18
C GLN D 258 26.37 -29.25 -0.09
N ILE D 259 27.71 -29.05 -0.28
CA ILE D 259 28.28 -27.69 -0.31
C ILE D 259 28.73 -27.39 -1.74
N ARG D 260 28.34 -26.27 -2.35
CA ARG D 260 28.95 -25.90 -3.63
C ARG D 260 29.76 -24.62 -3.44
N GLN D 261 30.82 -24.49 -4.21
CA GLN D 261 31.63 -23.32 -4.10
C GLN D 261 31.12 -22.27 -5.06
N VAL D 262 30.93 -21.06 -4.58
CA VAL D 262 30.32 -20.01 -5.41
C VAL D 262 31.34 -19.05 -5.99
N THR D 263 32.42 -18.76 -5.26
CA THR D 263 33.44 -17.90 -5.88
C THR D 263 34.72 -18.66 -5.75
N ASP D 264 35.65 -18.48 -6.70
CA ASP D 264 37.00 -19.05 -6.53
C ASP D 264 38.20 -18.10 -6.78
N GLY D 265 38.06 -16.82 -6.45
CA GLY D 265 39.15 -15.87 -6.69
C GLY D 265 40.29 -16.01 -5.70
N ARG D 266 41.44 -15.46 -6.07
CA ARG D 266 42.55 -15.35 -5.15
C ARG D 266 42.25 -14.17 -4.21
N SER D 267 41.26 -13.34 -4.57
CA SER D 267 40.86 -12.25 -3.67
C SER D 267 40.13 -12.82 -2.44
N ASN D 268 39.88 -11.97 -1.44
CA ASN D 268 38.98 -12.33 -0.35
C ASN D 268 37.54 -11.96 -0.58
N ASN D 269 36.64 -12.94 -0.43
CA ASN D 269 35.20 -12.76 -0.60
C ASN D 269 34.46 -13.33 0.59
N THR D 270 33.72 -12.50 1.31
CA THR D 270 33.03 -12.94 2.56
C THR D 270 31.87 -12.02 2.88
N GLU D 271 31.27 -12.13 4.09
CA GLU D 271 30.13 -11.30 4.50
C GLU D 271 28.98 -11.38 3.50
N PRO D 272 28.59 -12.60 3.10
CA PRO D 272 27.45 -12.66 2.21
C PRO D 272 26.10 -12.32 2.86
N THR D 273 25.22 -11.74 2.06
CA THR D 273 23.87 -11.39 2.43
C THR D 273 22.93 -11.67 1.22
N TRP D 274 21.70 -12.14 1.47
CA TRP D 274 20.85 -12.61 0.37
C TRP D 274 19.88 -11.57 -0.20
N PHE D 275 19.69 -11.62 -1.52
CA PHE D 275 18.56 -10.95 -2.17
C PHE D 275 17.32 -11.77 -1.92
N PRO D 276 16.14 -11.16 -2.11
CA PRO D 276 14.86 -11.75 -1.75
C PRO D 276 14.59 -13.01 -2.57
N ASP D 277 15.29 -13.18 -3.67
CA ASP D 277 15.07 -14.35 -4.53
C ASP D 277 15.77 -15.68 -4.11
N SER D 278 16.52 -15.66 -3.03
CA SER D 278 17.31 -16.86 -2.66
C SER D 278 18.21 -17.36 -3.77
N GLN D 279 18.66 -16.50 -4.66
CA GLN D 279 19.57 -16.92 -5.73
C GLN D 279 20.76 -16.00 -5.84
N ASN D 280 20.56 -14.75 -5.46
CA ASN D 280 21.60 -13.77 -5.60
C ASN D 280 22.20 -13.35 -4.25
N LEU D 281 23.53 -13.23 -4.19
CA LEU D 281 24.17 -12.76 -2.97
C LEU D 281 24.86 -11.38 -3.17
N ALA D 282 24.71 -10.44 -2.25
CA ALA D 282 25.72 -9.37 -2.19
C ALA D 282 26.78 -9.78 -1.19
N PHE D 283 27.96 -9.20 -1.29
CA PHE D 283 29.03 -9.66 -0.47
C PHE D 283 30.24 -8.74 -0.54
N THR D 284 31.15 -8.88 0.41
CA THR D 284 32.35 -8.07 0.45
C THR D 284 33.49 -8.75 -0.34
N SER D 285 34.13 -8.03 -1.25
CA SER D 285 35.35 -8.50 -1.92
C SER D 285 36.43 -7.42 -1.90
N ASP D 286 37.67 -7.84 -1.83
CA ASP D 286 38.76 -6.91 -1.98
C ASP D 286 39.38 -7.02 -3.39
N GLN D 287 38.61 -7.54 -4.35
CA GLN D 287 39.20 -7.73 -5.65
C GLN D 287 39.69 -6.45 -6.31
N ALA D 288 39.05 -5.33 -5.99
CA ALA D 288 39.45 -4.05 -6.60
C ALA D 288 40.40 -3.29 -5.74
N GLY D 289 40.83 -3.87 -4.62
CA GLY D 289 41.69 -3.09 -3.67
C GLY D 289 41.03 -2.93 -2.33
N ARG D 290 40.66 -1.73 -1.94
CA ARG D 290 39.94 -1.62 -0.69
C ARG D 290 38.58 -2.31 -0.85
N PRO D 291 38.08 -2.92 0.23
CA PRO D 291 36.80 -3.66 0.08
C PRO D 291 35.68 -2.86 -0.57
N GLN D 292 34.86 -3.52 -1.35
CA GLN D 292 33.66 -2.91 -1.93
C GLN D 292 32.65 -4.05 -1.94
N VAL D 293 31.38 -3.73 -2.25
CA VAL D 293 30.29 -4.73 -2.19
C VAL D 293 30.01 -5.17 -3.61
N TYR D 294 29.85 -6.50 -3.78
CA TYR D 294 29.70 -7.15 -5.09
C TYR D 294 28.49 -8.04 -5.05
N LYS D 295 28.08 -8.50 -6.23
CA LYS D 295 26.86 -9.25 -6.31
C LYS D 295 27.11 -10.39 -7.24
N VAL D 296 26.55 -11.56 -6.90
CA VAL D 296 26.78 -12.77 -7.71
C VAL D 296 25.61 -13.70 -7.58
N ASN D 297 25.33 -14.44 -8.63
CA ASN D 297 24.28 -15.46 -8.56
C ASN D 297 24.92 -16.77 -8.20
N ILE D 298 24.35 -17.49 -7.24
CA ILE D 298 25.00 -18.69 -6.74
C ILE D 298 25.12 -19.74 -7.84
N ASN D 299 24.35 -19.58 -8.92
CA ASN D 299 24.25 -20.64 -9.94
C ASN D 299 25.30 -20.52 -11.01
N GLY D 300 25.91 -19.37 -11.17
CA GLY D 300 26.99 -19.19 -12.15
C GLY D 300 27.13 -17.72 -12.45
N GLY D 301 28.29 -17.30 -12.93
CA GLY D 301 28.43 -15.91 -13.41
C GLY D 301 29.58 -15.26 -12.66
N ALA D 302 30.18 -14.24 -13.24
CA ALA D 302 31.29 -13.59 -12.55
C ALA D 302 30.67 -12.55 -11.61
N PRO D 303 31.24 -12.37 -10.41
CA PRO D 303 30.67 -11.36 -9.52
C PRO D 303 30.68 -9.96 -10.17
N GLN D 304 29.78 -9.04 -9.79
CA GLN D 304 29.85 -7.65 -10.32
C GLN D 304 29.87 -6.68 -9.14
N ARG D 305 30.74 -5.67 -9.23
CA ARG D 305 30.83 -4.60 -8.22
C ARG D 305 29.51 -3.84 -8.22
N ILE D 306 28.95 -3.57 -7.04
CA ILE D 306 27.73 -2.78 -6.98
C ILE D 306 27.87 -1.54 -6.20
N THR D 307 28.98 -1.37 -5.49
CA THR D 307 29.20 -0.05 -4.81
C THR D 307 30.29 0.73 -5.52
N TRP D 308 29.87 1.80 -6.17
CA TRP D 308 30.77 2.54 -7.02
C TRP D 308 30.93 3.93 -6.40
N GLU D 309 30.32 4.15 -5.23
CA GLU D 309 30.53 5.46 -4.55
C GLU D 309 31.28 5.31 -3.26
N GLY D 310 32.40 6.02 -3.11
CA GLY D 310 33.11 6.00 -1.83
C GLY D 310 34.30 5.09 -1.90
N SER D 311 35.31 5.35 -1.09
CA SER D 311 36.54 4.64 -1.29
C SER D 311 36.52 3.24 -0.71
N GLN D 312 35.59 2.94 0.22
CA GLN D 312 35.54 1.60 0.83
C GLN D 312 34.11 1.25 1.38
N ASN D 313 33.56 0.12 1.02
CA ASN D 313 32.22 -0.25 1.55
C ASN D 313 32.20 -1.72 1.79
N GLN D 314 31.47 -2.22 2.79
CA GLN D 314 31.59 -3.63 3.02
C GLN D 314 30.52 -4.04 4.01
N ASP D 315 30.44 -5.36 4.24
CA ASP D 315 29.68 -5.88 5.37
C ASP D 315 28.20 -5.48 5.26
N ALA D 316 27.60 -5.85 4.13
CA ALA D 316 26.26 -5.40 3.76
C ALA D 316 25.13 -6.29 4.23
N ASP D 317 23.94 -5.72 4.25
CA ASP D 317 22.73 -6.48 4.55
C ASP D 317 21.67 -5.95 3.57
N VAL D 318 21.16 -6.81 2.71
CA VAL D 318 20.12 -6.42 1.78
C VAL D 318 18.70 -6.50 2.41
N SER D 319 17.86 -5.48 2.17
CA SER D 319 16.53 -5.48 2.81
C SER D 319 15.62 -6.62 2.26
N SER D 320 14.55 -6.90 3.01
CA SER D 320 13.66 -8.04 2.72
C SER D 320 12.89 -7.82 1.41
N ASP D 321 12.67 -6.56 1.05
CA ASP D 321 12.03 -6.22 -0.24
C ASP D 321 13.04 -5.99 -1.41
N GLY D 322 14.33 -6.13 -1.14
CA GLY D 322 15.36 -6.02 -2.16
C GLY D 322 15.60 -4.59 -2.66
N LYS D 323 14.95 -3.59 -2.13
CA LYS D 323 15.17 -2.26 -2.76
C LYS D 323 16.43 -1.47 -2.30
N PHE D 324 17.03 -1.85 -1.18
CA PHE D 324 18.18 -1.11 -0.68
C PHE D 324 19.02 -2.06 0.17
N MET D 325 20.22 -1.65 0.49
CA MET D 325 20.97 -2.42 1.46
C MET D 325 21.55 -1.42 2.43
N VAL D 326 21.95 -1.90 3.59
CA VAL D 326 22.76 -1.07 4.48
C VAL D 326 24.15 -1.64 4.56
N MET D 327 25.14 -0.86 5.01
CA MET D 327 26.52 -1.38 4.84
C MET D 327 27.44 -0.51 5.66
N VAL D 328 28.70 -0.90 5.71
CA VAL D 328 29.70 -0.19 6.48
C VAL D 328 30.58 0.56 5.44
N SER D 329 30.56 1.89 5.54
CA SER D 329 31.31 2.75 4.60
C SER D 329 32.37 3.51 5.35
N SER D 330 33.59 3.46 4.82
CA SER D 330 34.80 3.94 5.50
C SER D 330 35.47 5.01 4.68
N ASN D 331 35.51 6.20 5.25
CA ASN D 331 36.14 7.33 4.61
C ASN D 331 36.84 8.17 5.68
N GLY D 332 37.94 8.80 5.32
CA GLY D 332 38.69 9.55 6.32
C GLY D 332 39.29 8.51 7.21
N GLY D 333 39.24 8.69 8.49
CA GLY D 333 39.73 7.56 9.25
C GLY D 333 38.57 6.85 9.91
N GLN D 334 37.38 7.05 9.38
CA GLN D 334 36.20 6.68 10.12
C GLN D 334 35.33 5.66 9.35
N GLN D 335 34.39 5.03 10.03
CA GLN D 335 33.53 4.10 9.35
C GLN D 335 32.16 4.14 10.04
N HIS D 336 31.12 4.14 9.20
CA HIS D 336 29.79 4.48 9.63
C HIS D 336 28.80 3.61 8.86
N ILE D 337 27.58 3.52 9.36
CA ILE D 337 26.55 2.77 8.62
C ILE D 337 25.91 3.65 7.55
N ALA D 338 25.81 3.18 6.28
CA ALA D 338 25.19 3.91 5.19
C ALA D 338 24.15 3.02 4.50
N LYS D 339 23.14 3.64 3.91
CA LYS D 339 22.22 2.89 3.10
CA LYS D 339 22.14 2.96 3.11
C LYS D 339 22.44 3.18 1.63
N GLN D 340 22.25 2.17 0.77
CA GLN D 340 22.38 2.42 -0.68
C GLN D 340 21.09 1.97 -1.37
N ASP D 341 20.47 2.84 -2.15
CA ASP D 341 19.32 2.40 -2.95
C ASP D 341 19.75 1.44 -4.06
N LEU D 342 19.17 0.26 -4.17
CA LEU D 342 19.75 -0.64 -5.18
C LEU D 342 19.32 -0.26 -6.63
N ALA D 343 18.24 0.50 -6.80
CA ALA D 343 17.83 0.96 -8.16
C ALA D 343 18.65 2.14 -8.67
N THR D 344 18.95 3.14 -7.85
CA THR D 344 19.64 4.33 -8.32
C THR D 344 21.07 4.38 -7.83
N GLY D 345 21.44 3.56 -6.86
CA GLY D 345 22.80 3.65 -6.40
C GLY D 345 22.88 4.85 -5.46
N GLY D 346 21.77 5.53 -5.19
CA GLY D 346 21.73 6.59 -4.11
C GLY D 346 22.28 6.15 -2.74
N VAL D 347 23.38 6.77 -2.28
CA VAL D 347 23.94 6.54 -0.91
C VAL D 347 23.68 7.64 0.16
N GLN D 348 23.22 7.22 1.34
CA GLN D 348 22.93 8.10 2.46
C GLN D 348 23.66 7.55 3.68
N VAL D 349 24.63 8.28 4.24
CA VAL D 349 25.20 7.91 5.56
C VAL D 349 24.13 8.02 6.66
N LEU D 350 23.96 6.96 7.46
CA LEU D 350 22.95 6.96 8.52
C LEU D 350 23.50 7.31 9.92
N SER D 351 24.71 6.86 10.27
CA SER D 351 25.20 7.00 11.65
C SER D 351 26.45 7.86 11.74
N SER D 352 26.75 8.38 12.94
CA SER D 352 28.03 9.04 13.14
C SER D 352 28.76 8.55 14.37
N THR D 353 28.42 7.37 14.84
CA THR D 353 29.09 6.87 16.01
C THR D 353 30.45 6.26 15.63
N PHE D 354 31.22 5.79 16.61
CA PHE D 354 32.60 5.41 16.35
C PHE D 354 32.73 3.93 16.03
N LEU D 355 33.32 3.64 14.87
CA LEU D 355 33.74 2.27 14.50
C LEU D 355 32.53 1.35 14.30
N ASP D 356 31.62 1.84 13.45
CA ASP D 356 30.31 1.24 13.23
C ASP D 356 30.49 -0.02 12.39
N GLU D 357 29.83 -1.09 12.76
CA GLU D 357 30.01 -2.35 12.02
C GLU D 357 28.79 -3.25 12.14
N THR D 358 28.80 -4.33 11.35
CA THR D 358 27.74 -5.37 11.39
C THR D 358 26.32 -4.88 11.49
N PRO D 359 25.87 -4.10 10.49
CA PRO D 359 24.49 -3.66 10.47
C PRO D 359 23.50 -4.81 10.13
N SER D 360 22.34 -4.81 10.80
CA SER D 360 21.32 -5.79 10.51
C SER D 360 19.94 -5.13 10.49
N LEU D 361 19.16 -5.38 9.43
CA LEU D 361 17.87 -4.73 9.28
C LEU D 361 16.75 -5.47 9.98
N ALA D 362 15.94 -4.72 10.72
CA ALA D 362 14.61 -5.21 11.11
C ALA D 362 13.83 -5.77 9.86
N PRO D 363 12.94 -6.76 10.06
CA PRO D 363 12.32 -7.38 8.87
C PRO D 363 11.35 -6.49 8.10
N ASN D 364 10.92 -5.38 8.69
CA ASN D 364 10.15 -4.41 7.90
C ASN D 364 10.97 -3.37 7.17
N GLY D 365 12.29 -3.46 7.27
CA GLY D 365 13.20 -2.54 6.59
C GLY D 365 13.29 -1.10 7.11
N THR D 366 12.85 -0.82 8.34
CA THR D 366 12.74 0.58 8.76
C THR D 366 13.76 0.93 9.83
N MET D 367 14.44 -0.07 10.36
CA MET D 367 15.31 0.16 11.49
C MET D 367 16.57 -0.72 11.34
N VAL D 368 17.69 -0.19 11.79
CA VAL D 368 18.96 -0.92 11.73
C VAL D 368 19.55 -1.16 13.14
N ILE D 369 19.98 -2.38 13.46
CA ILE D 369 20.73 -2.53 14.72
C ILE D 369 22.18 -2.75 14.29
N TYR D 370 23.14 -2.22 15.03
CA TYR D 370 24.54 -2.39 14.62
C TYR D 370 25.43 -2.26 15.87
N SER D 371 26.73 -2.36 15.73
CA SER D 371 27.63 -2.25 16.89
C SER D 371 28.60 -1.16 16.67
N SER D 372 29.00 -0.46 17.74
CA SER D 372 30.06 0.53 17.64
C SER D 372 30.95 0.41 18.87
N SER D 373 31.91 1.33 19.00
CA SER D 373 32.77 1.32 20.17
C SER D 373 32.53 2.59 20.97
N GLN D 374 32.40 2.46 22.30
CA GLN D 374 32.28 3.57 23.29
C GLN D 374 33.29 3.32 24.38
N GLY D 375 34.13 4.30 24.70
CA GLY D 375 35.21 4.00 25.64
C GLY D 375 35.85 2.73 25.13
N MET D 376 36.23 1.84 26.05
CA MET D 376 37.10 0.74 25.73
C MET D 376 36.42 -0.55 25.25
N GLY D 377 35.11 -0.51 24.92
CA GLY D 377 34.41 -1.75 24.54
C GLY D 377 33.27 -1.58 23.53
N SER D 378 32.81 -2.70 22.98
CA SER D 378 31.69 -2.67 22.01
C SER D 378 30.31 -2.48 22.67
N VAL D 379 29.42 -1.79 21.96
CA VAL D 379 28.05 -1.66 22.42
C VAL D 379 27.13 -1.79 21.22
N LEU D 380 25.81 -1.80 21.45
CA LEU D 380 24.83 -1.91 20.35
C LEU D 380 24.11 -0.58 20.13
N ASN D 381 23.84 -0.28 18.85
CA ASN D 381 23.17 0.96 18.44
C ASN D 381 21.97 0.67 17.55
N LEU D 382 20.99 1.56 17.57
CA LEU D 382 19.85 1.51 16.61
C LEU D 382 19.84 2.80 15.84
N VAL D 383 19.64 2.71 14.53
CA VAL D 383 19.38 3.91 13.75
C VAL D 383 18.30 3.55 12.70
N SER D 384 17.37 4.47 12.48
CA SER D 384 16.32 4.26 11.48
C SER D 384 16.87 4.37 10.08
N THR D 385 16.16 3.77 9.13
CA THR D 385 16.70 3.80 7.79
C THR D 385 16.54 5.16 7.09
N ASP D 386 15.69 6.01 7.63
CA ASP D 386 15.70 7.42 7.20
C ASP D 386 16.67 8.30 8.05
N GLY D 387 17.36 7.69 9.01
CA GLY D 387 18.40 8.37 9.75
C GLY D 387 17.98 9.43 10.78
N ARG D 388 16.71 9.59 11.05
CA ARG D 388 16.24 10.63 11.99
C ARG D 388 16.32 10.11 13.41
N PHE D 389 16.11 8.81 13.56
CA PHE D 389 15.94 8.24 14.90
C PHE D 389 17.22 7.50 15.34
N LYS D 390 17.68 7.73 16.56
CA LYS D 390 18.91 7.14 17.12
C LYS D 390 18.74 6.68 18.57
N ALA D 391 19.18 5.44 18.81
CA ALA D 391 19.02 4.83 20.11
C ALA D 391 20.13 3.84 20.39
N ARG D 392 20.22 3.40 21.64
CA ARG D 392 21.31 2.53 22.04
C ARG D 392 20.64 1.38 22.81
N LEU D 393 21.31 0.23 22.90
CA LEU D 393 20.83 -0.90 23.77
C LEU D 393 21.87 -1.15 24.90
N PRO D 394 21.99 -0.23 25.86
CA PRO D 394 23.11 -0.35 26.84
C PRO D 394 22.93 -1.59 27.69
N ALA D 395 24.05 -2.20 28.03
CA ALA D 395 24.02 -3.50 28.70
C ALA D 395 24.69 -3.44 30.06
N THR D 396 24.44 -4.46 30.83
CA THR D 396 24.91 -4.47 32.21
CA THR D 396 24.85 -4.51 32.22
C THR D 396 26.14 -5.31 32.43
N ASP D 397 26.42 -6.29 31.60
CA ASP D 397 27.40 -7.27 32.04
C ASP D 397 28.54 -7.64 31.08
N GLY D 398 28.90 -6.74 30.20
CA GLY D 398 29.91 -7.06 29.21
C GLY D 398 29.85 -6.15 27.99
N GLN D 399 30.84 -6.26 27.13
CA GLN D 399 30.77 -5.66 25.77
C GLN D 399 29.69 -6.41 25.04
N VAL D 400 29.01 -5.74 24.10
CA VAL D 400 27.98 -6.40 23.32
C VAL D 400 28.19 -6.05 21.87
N LYS D 401 28.13 -7.06 21.02
CA LYS D 401 28.46 -6.84 19.63
C LYS D 401 27.77 -7.95 18.77
N PHE D 402 28.15 -8.05 17.49
CA PHE D 402 27.53 -9.02 16.56
C PHE D 402 25.99 -9.11 16.60
N PRO D 403 25.32 -7.96 16.50
CA PRO D 403 23.86 -8.11 16.64
C PRO D 403 23.22 -8.70 15.38
N ALA D 404 22.08 -9.39 15.48
CA ALA D 404 21.33 -9.80 14.29
C ALA D 404 19.84 -9.73 14.59
N TRP D 405 19.09 -9.08 13.70
CA TRP D 405 17.63 -8.87 13.89
C TRP D 405 16.90 -10.08 13.38
N SER D 406 15.97 -10.65 14.16
CA SER D 406 15.23 -11.87 13.70
C SER D 406 14.25 -11.53 12.58
N PRO D 407 13.79 -12.53 11.86
CA PRO D 407 12.70 -12.30 10.94
C PRO D 407 11.40 -12.03 11.75
N TYR D 408 10.28 -11.75 11.08
CA TYR D 408 9.01 -11.59 11.75
C TYR D 408 8.69 -12.81 12.60
N LEU D 409 8.07 -12.63 13.75
CA LEU D 409 7.76 -13.79 14.64
C LEU D 409 6.26 -13.82 15.04
N ASN E 5 58.29 -12.87 23.06
CA ASN E 5 59.39 -13.66 22.34
C ASN E 5 58.95 -14.40 21.02
N ASN E 6 57.64 -14.54 20.80
CA ASN E 6 57.13 -15.28 19.61
C ASN E 6 56.19 -14.50 18.71
N ILE E 7 56.35 -13.19 18.65
CA ILE E 7 55.41 -12.32 17.95
C ILE E 7 56.08 -11.54 16.85
N VAL E 8 55.48 -11.57 15.67
CA VAL E 8 55.92 -10.75 14.58
C VAL E 8 54.89 -9.62 14.49
N TYR E 9 55.35 -8.37 14.46
CA TYR E 9 54.45 -7.20 14.34
C TYR E 9 54.44 -6.62 12.92
N PHE E 10 53.34 -6.00 12.54
CA PHE E 10 53.19 -5.48 11.18
C PHE E 10 52.66 -4.06 11.17
N ASP E 11 52.92 -3.35 10.07
CA ASP E 11 52.46 -2.00 9.84
C ASP E 11 51.00 -2.06 9.44
N LEU E 12 50.44 -0.90 9.10
CA LEU E 12 49.10 -0.77 8.53
C LEU E 12 48.51 -1.13 7.21
N ASP E 13 47.87 -2.29 7.22
CA ASP E 13 47.59 -3.40 6.29
C ASP E 13 48.85 -3.86 5.51
N LYS E 14 50.03 -3.90 6.13
CA LYS E 14 51.13 -4.55 5.51
C LYS E 14 51.27 -5.92 6.09
N TYR E 15 52.03 -6.73 5.38
CA TYR E 15 52.05 -8.15 5.57
C TYR E 15 53.38 -8.79 5.22
N ASP E 16 54.45 -8.05 5.13
CA ASP E 16 55.73 -8.75 5.05
C ASP E 16 56.49 -8.74 6.36
N ILE E 17 57.44 -9.66 6.48
CA ILE E 17 58.28 -9.82 7.65
C ILE E 17 59.37 -8.74 7.68
N ARG E 18 59.26 -7.76 8.59
CA ARG E 18 60.24 -6.68 8.70
C ARG E 18 61.52 -7.32 9.28
N SER E 19 62.68 -6.90 8.79
CA SER E 19 63.91 -7.64 9.05
C SER E 19 64.24 -7.86 10.54
N ASP E 20 63.65 -7.08 11.45
CA ASP E 20 63.97 -7.27 12.85
C ASP E 20 63.28 -8.49 13.48
N PHE E 21 62.47 -9.22 12.69
CA PHE E 21 61.81 -10.44 13.18
C PHE E 21 62.47 -11.69 12.59
N ALA E 22 63.43 -11.46 11.68
CA ALA E 22 64.09 -12.56 10.99
C ALA E 22 64.80 -13.55 11.91
N GLN E 23 65.63 -13.07 12.83
CA GLN E 23 66.35 -14.02 13.73
C GLN E 23 65.43 -14.90 14.60
N MET E 24 64.38 -14.29 15.12
CA MET E 24 63.33 -15.01 15.87
C MET E 24 62.72 -16.09 15.04
N LEU E 25 62.34 -15.73 13.81
CA LEU E 25 61.79 -16.72 12.86
C LEU E 25 62.78 -17.81 12.47
N ASP E 26 64.08 -17.46 12.27
CA ASP E 26 65.10 -18.44 11.90
C ASP E 26 65.25 -19.50 12.96
N ALA E 27 65.16 -19.10 14.22
CA ALA E 27 65.25 -20.02 15.35
C ALA E 27 64.09 -21.00 15.35
N HIS E 28 62.88 -20.52 15.10
CA HIS E 28 61.73 -21.45 14.96
C HIS E 28 61.93 -22.43 13.80
N ALA E 29 62.41 -21.95 12.66
CA ALA E 29 62.73 -22.81 11.50
C ALA E 29 63.77 -23.86 11.90
N ASN E 30 64.85 -23.38 12.50
CA ASN E 30 65.86 -24.30 12.89
C ASN E 30 65.25 -25.42 13.76
N PHE E 31 64.41 -25.02 14.71
CA PHE E 31 63.76 -26.00 15.55
C PHE E 31 62.81 -26.96 14.82
N LEU E 32 61.98 -26.42 13.94
CA LEU E 32 61.02 -27.31 13.24
C LEU E 32 61.73 -28.26 12.29
N ARG E 33 62.74 -27.74 11.54
CA ARG E 33 63.52 -28.57 10.62
C ARG E 33 64.12 -29.72 11.37
N SER E 34 64.43 -29.50 12.66
CA SER E 34 65.13 -30.47 13.48
C SER E 34 64.20 -31.50 14.12
N ASN E 35 62.91 -31.17 14.23
CA ASN E 35 61.95 -32.07 14.85
C ASN E 35 60.67 -32.25 14.03
N PRO E 36 60.75 -33.05 12.92
CA PRO E 36 59.74 -33.09 11.87
C PRO E 36 58.34 -33.36 12.37
N SER E 37 58.19 -33.81 13.60
CA SER E 37 56.83 -34.14 14.07
C SER E 37 56.14 -33.01 14.83
N TYR E 38 56.87 -31.92 15.07
CA TYR E 38 56.31 -30.74 15.73
C TYR E 38 55.67 -29.81 14.72
N LYS E 39 54.54 -29.21 15.10
CA LYS E 39 53.73 -28.37 14.23
C LYS E 39 53.60 -27.02 14.91
N VAL E 40 53.85 -25.93 14.22
CA VAL E 40 53.55 -24.64 14.81
C VAL E 40 52.23 -24.15 14.22
N THR E 41 51.45 -23.44 15.03
CA THR E 41 50.22 -22.83 14.61
C THR E 41 50.50 -21.38 14.59
N VAL E 42 50.32 -20.72 13.46
CA VAL E 42 50.58 -19.30 13.42
C VAL E 42 49.24 -18.63 13.50
N GLU E 43 49.10 -17.74 14.49
CA GLU E 43 47.80 -17.15 14.81
C GLU E 43 47.83 -15.72 14.37
N GLY E 44 46.96 -15.34 13.42
CA GLY E 44 47.02 -13.98 12.86
C GLY E 44 45.97 -12.99 13.39
N HIS E 45 46.34 -11.71 13.45
CA HIS E 45 45.48 -10.75 14.06
C HIS E 45 45.45 -9.49 13.24
N ALA E 46 44.35 -8.75 13.40
CA ALA E 46 44.13 -7.42 12.79
C ALA E 46 43.80 -6.36 13.86
N ASP E 47 43.94 -5.08 13.52
CA ASP E 47 43.46 -4.10 14.49
C ASP E 47 41.98 -3.86 14.24
N GLU E 48 41.36 -2.98 15.04
CA GLU E 48 39.89 -2.93 15.08
C GLU E 48 39.26 -2.25 13.87
N ARG E 49 40.04 -1.56 13.04
CA ARG E 49 39.46 -0.80 11.94
C ARG E 49 39.06 -1.75 10.81
N GLY E 50 37.80 -1.64 10.36
CA GLY E 50 37.31 -2.67 9.42
C GLY E 50 36.13 -3.44 10.03
N THR E 51 35.85 -4.65 9.54
CA THR E 51 34.71 -5.38 10.07
C THR E 51 35.16 -6.78 10.44
N PRO E 52 34.48 -7.42 11.41
CA PRO E 52 34.98 -8.73 11.91
C PRO E 52 35.28 -9.80 10.84
N GLU E 53 34.28 -10.15 10.02
CA GLU E 53 34.51 -11.19 9.03
C GLU E 53 35.53 -10.78 7.97
N TYR E 54 35.51 -9.55 7.48
CA TYR E 54 36.54 -9.21 6.50
C TYR E 54 37.95 -9.20 7.19
N ASN E 55 38.06 -8.76 8.47
CA ASN E 55 39.40 -8.58 9.05
C ASN E 55 40.11 -9.89 9.31
N ILE E 56 39.36 -11.00 9.16
CA ILE E 56 39.94 -12.32 9.23
C ILE E 56 41.04 -12.33 8.16
N SER E 57 40.76 -11.77 6.98
CA SER E 57 41.73 -11.85 5.85
C SER E 57 43.09 -11.20 6.20
N LEU E 58 43.07 -10.11 6.98
CA LEU E 58 44.30 -9.36 7.27
C LEU E 58 45.11 -10.20 8.20
N GLY E 59 44.41 -10.92 9.08
CA GLY E 59 45.05 -11.91 9.96
C GLY E 59 45.71 -13.07 9.25
N GLU E 60 45.03 -13.57 8.24
CA GLU E 60 45.55 -14.72 7.48
C GLU E 60 46.75 -14.32 6.67
N ARG E 61 46.73 -13.11 6.12
CA ARG E 61 47.83 -12.69 5.26
C ARG E 61 49.11 -12.58 6.07
N ARG E 62 48.98 -12.03 7.29
CA ARG E 62 50.10 -11.92 8.20
C ARG E 62 50.55 -13.29 8.63
N ALA E 63 49.63 -14.18 8.99
CA ALA E 63 50.08 -15.54 9.34
C ALA E 63 50.76 -16.21 8.15
N ASN E 64 50.20 -16.05 6.95
CA ASN E 64 50.79 -16.69 5.78
C ASN E 64 52.19 -16.10 5.44
N ALA E 65 52.41 -14.81 5.69
CA ALA E 65 53.71 -14.24 5.51
C ALA E 65 54.72 -14.97 6.40
N VAL E 66 54.29 -15.29 7.62
CA VAL E 66 55.15 -16.05 8.51
C VAL E 66 55.36 -17.46 7.95
N LYS E 67 54.28 -18.08 7.48
CA LYS E 67 54.41 -19.43 6.93
C LYS E 67 55.38 -19.50 5.70
N MET E 68 55.25 -18.52 4.79
CA MET E 68 56.12 -18.39 3.61
C MET E 68 57.56 -18.24 4.09
N TYR E 69 57.78 -17.38 5.08
CA TYR E 69 59.17 -17.08 5.53
C TYR E 69 59.80 -18.36 6.05
N LEU E 70 59.07 -19.06 6.90
CA LEU E 70 59.58 -20.33 7.43
C LEU E 70 59.80 -21.38 6.33
N GLN E 71 58.91 -21.43 5.34
CA GLN E 71 59.10 -22.38 4.26
C GLN E 71 60.43 -22.00 3.53
N GLY E 72 60.69 -20.71 3.36
CA GLY E 72 61.95 -20.30 2.72
C GLY E 72 63.14 -20.76 3.56
N LYS E 73 62.89 -21.09 4.82
CA LYS E 73 63.99 -21.50 5.67
C LYS E 73 64.00 -23.00 5.79
N GLY E 74 63.37 -23.68 4.84
CA GLY E 74 63.40 -25.15 4.81
C GLY E 74 62.35 -25.87 5.63
N VAL E 75 61.40 -25.16 6.21
CA VAL E 75 60.35 -25.84 6.98
C VAL E 75 59.25 -26.33 6.02
N SER E 76 58.90 -27.60 6.14
CA SER E 76 57.81 -28.22 5.39
C SER E 76 56.41 -27.67 5.72
N ALA E 77 55.59 -27.39 4.72
CA ALA E 77 54.25 -26.84 4.90
C ALA E 77 53.36 -27.64 5.89
N ASP E 78 53.55 -28.95 5.98
CA ASP E 78 52.72 -29.79 6.81
C ASP E 78 53.06 -29.55 8.26
N GLN E 79 54.07 -28.71 8.49
CA GLN E 79 54.46 -28.42 9.86
C GLN E 79 53.90 -27.08 10.37
N ILE E 80 53.12 -26.40 9.52
CA ILE E 80 52.69 -25.05 9.82
C ILE E 80 51.18 -24.89 9.57
N SER E 81 50.40 -24.57 10.62
CA SER E 81 48.97 -24.31 10.42
C SER E 81 48.72 -22.85 10.59
N ILE E 82 47.68 -22.37 9.96
CA ILE E 82 47.29 -21.03 10.24
C ILE E 82 45.86 -20.89 10.76
N VAL E 83 45.77 -20.04 11.78
CA VAL E 83 44.50 -19.64 12.34
C VAL E 83 44.39 -18.13 12.50
N SER E 84 43.45 -17.53 11.80
CA SER E 84 43.27 -16.12 11.96
C SER E 84 42.08 -15.84 12.89
N TYR E 85 42.31 -14.91 13.84
CA TYR E 85 41.35 -14.40 14.85
C TYR E 85 40.88 -13.03 14.40
N GLY E 86 41.36 -12.58 13.25
CA GLY E 86 41.01 -11.24 12.73
C GLY E 86 41.14 -10.19 13.82
N LYS E 87 40.03 -9.54 14.14
CA LYS E 87 40.07 -8.52 15.19
C LYS E 87 39.40 -8.98 16.49
N GLU E 88 39.21 -10.28 16.67
CA GLU E 88 38.45 -10.80 17.81
C GLU E 88 39.25 -10.92 19.10
N LYS E 89 40.58 -10.91 19.02
CA LYS E 89 41.36 -11.10 20.25
C LYS E 89 42.54 -10.17 20.29
N PRO E 90 42.28 -8.87 20.46
CA PRO E 90 43.25 -7.81 20.66
C PRO E 90 44.20 -8.07 21.82
N ALA E 91 45.47 -7.70 21.68
CA ALA E 91 46.43 -7.91 22.78
C ALA E 91 46.23 -6.76 23.72
N VAL E 92 45.96 -5.58 23.15
CA VAL E 92 45.90 -4.29 23.84
C VAL E 92 44.58 -3.53 23.45
N LEU E 93 43.83 -3.07 24.44
CA LEU E 93 42.61 -2.28 24.17
C LEU E 93 42.94 -0.83 23.88
N GLY E 94 42.20 -0.19 22.97
CA GLY E 94 42.36 1.23 22.74
C GLY E 94 42.08 1.59 21.31
N HIS E 95 42.11 2.88 21.01
CA HIS E 95 41.65 3.31 19.70
C HIS E 95 42.64 4.22 19.12
N ASP E 96 43.90 3.92 19.32
CA ASP E 96 44.90 4.70 18.64
C ASP E 96 46.06 3.81 18.22
N GLU E 97 47.04 4.38 17.53
CA GLU E 97 48.08 3.60 16.88
C GLU E 97 49.00 2.90 17.86
N ALA E 98 49.12 3.44 19.07
CA ALA E 98 49.83 2.74 20.14
C ALA E 98 49.20 1.38 20.38
N ALA E 99 47.88 1.36 20.47
CA ALA E 99 47.15 0.09 20.63
C ALA E 99 47.25 -0.72 19.34
N TYR E 100 46.96 -0.08 18.21
CA TYR E 100 46.86 -0.79 16.93
C TYR E 100 48.15 -1.52 16.59
N SER E 101 49.29 -0.84 16.83
CA SER E 101 50.58 -1.44 16.53
C SER E 101 50.85 -2.65 17.39
N LYS E 102 50.19 -2.81 18.54
CA LYS E 102 50.35 -4.06 19.32
C LYS E 102 49.39 -5.15 18.93
N ASN E 103 48.37 -4.80 18.15
CA ASN E 103 47.39 -5.77 17.71
C ASN E 103 47.66 -6.41 16.35
N ARG E 104 48.24 -5.65 15.43
CA ARG E 104 48.56 -6.21 14.11
C ARG E 104 49.77 -7.15 14.25
N ARG E 105 49.52 -8.44 14.35
CA ARG E 105 50.58 -9.34 14.72
C ARG E 105 50.26 -10.74 14.25
N ALA E 106 51.28 -11.59 14.20
CA ALA E 106 51.10 -13.03 14.06
C ALA E 106 51.90 -13.69 15.20
N VAL E 107 51.31 -14.67 15.86
CA VAL E 107 51.92 -15.26 17.02
C VAL E 107 52.22 -16.73 16.76
N LEU E 108 53.45 -17.14 17.07
N LEU E 108 53.44 -17.16 17.12
CA LEU E 108 53.83 -18.52 16.82
CA LEU E 108 53.89 -18.53 16.86
C LEU E 108 53.59 -19.35 18.08
C LEU E 108 53.69 -19.45 18.05
N VAL E 109 52.68 -20.32 18.02
CA VAL E 109 52.46 -21.20 19.18
C VAL E 109 52.55 -22.67 18.87
N TYR E 110 53.04 -23.44 19.83
CA TYR E 110 53.12 -24.88 19.63
C TYR E 110 52.03 -25.46 20.47
N LEU E 111 50.94 -25.91 19.84
CA LEU E 111 49.78 -26.45 20.57
C LEU E 111 49.71 -27.94 20.34
N GLU F 1 -14.82 -34.35 15.04
CA GLU F 1 -16.02 -34.15 14.18
C GLU F 1 -15.85 -32.94 13.24
N VAL F 2 -16.62 -32.91 12.16
CA VAL F 2 -16.70 -31.72 11.34
C VAL F 2 -18.13 -31.10 11.31
N ARG F 3 -18.17 -29.78 11.14
CA ARG F 3 -19.41 -29.06 11.05
C ARG F 3 -19.15 -27.97 9.99
N ILE F 4 -20.22 -27.47 9.39
CA ILE F 4 -20.07 -26.45 8.35
C ILE F 4 -19.97 -25.05 9.00
N VAL F 5 -18.99 -24.22 8.64
CA VAL F 5 -18.96 -22.85 9.19
C VAL F 5 -18.92 -21.96 7.96
N ILE F 6 -19.95 -21.14 7.75
CA ILE F 6 -19.98 -20.34 6.52
C ILE F 6 -19.13 -19.08 6.66
N ASP F 7 -18.32 -18.76 5.67
CA ASP F 7 -17.51 -17.55 5.68
C ASP F 7 -18.11 -16.33 4.97
N SER F 8 -18.72 -16.51 3.81
CA SER F 8 -19.31 -15.37 3.13
C SER F 8 -20.26 -15.85 2.06
N GLY F 9 -21.06 -14.92 1.57
CA GLY F 9 -21.97 -15.18 0.48
C GLY F 9 -23.43 -15.28 0.81
N VAL F 10 -23.77 -15.38 2.08
CA VAL F 10 -25.16 -15.74 2.43
C VAL F 10 -26.15 -14.68 2.01
N ASP F 11 -25.68 -13.45 2.08
CA ASP F 11 -26.46 -12.29 1.67
C ASP F 11 -26.92 -12.28 0.20
N SER F 12 -26.21 -12.99 -0.67
CA SER F 12 -26.62 -13.09 -2.06
C SER F 12 -27.78 -14.04 -2.16
N GLY F 13 -28.17 -14.68 -1.07
CA GLY F 13 -29.14 -15.75 -1.23
C GLY F 13 -30.55 -15.15 -1.16
N ARG F 14 -31.53 -15.89 -1.65
CA ARG F 14 -32.95 -15.50 -1.52
C ARG F 14 -33.47 -15.51 -0.05
N PRO F 15 -33.99 -14.37 0.42
CA PRO F 15 -34.57 -14.37 1.73
C PRO F 15 -35.71 -15.35 1.87
N ILE F 16 -35.74 -16.07 2.96
CA ILE F 16 -36.83 -17.02 3.18
C ILE F 16 -37.08 -17.13 4.65
N GLY F 17 -38.33 -17.45 4.99
CA GLY F 17 -38.72 -17.65 6.36
C GLY F 17 -38.82 -19.16 6.66
N VAL F 18 -38.13 -19.62 7.68
CA VAL F 18 -38.22 -20.98 8.13
C VAL F 18 -38.65 -21.01 9.61
N VAL F 19 -39.83 -21.54 9.88
CA VAL F 19 -40.38 -21.42 11.22
C VAL F 19 -40.11 -22.71 12.03
N PRO F 20 -39.79 -22.59 13.34
CA PRO F 20 -39.68 -23.87 14.06
C PRO F 20 -40.96 -24.68 13.91
N PHE F 21 -40.81 -25.99 13.75
CA PHE F 21 -41.96 -26.87 13.49
C PHE F 21 -42.69 -27.15 14.84
N GLN F 22 -44.01 -27.24 14.79
CA GLN F 22 -44.84 -27.56 15.95
C GLN F 22 -44.57 -28.96 16.48
N TRP F 23 -44.40 -29.11 17.77
CA TRP F 23 -44.05 -30.42 18.34
C TRP F 23 -45.22 -30.85 19.23
N ALA F 24 -45.83 -31.99 18.87
CA ALA F 24 -46.95 -32.60 19.63
C ALA F 24 -46.45 -33.49 20.80
N GLY F 25 -45.91 -32.86 21.85
CA GLY F 25 -45.50 -33.58 23.03
C GLY F 25 -44.99 -32.57 24.02
N PRO F 26 -44.74 -33.01 25.28
CA PRO F 26 -44.05 -32.23 26.29
C PRO F 26 -42.61 -31.99 25.85
N GLY F 27 -41.96 -30.92 26.32
CA GLY F 27 -40.52 -30.74 26.06
C GLY F 27 -40.19 -30.50 24.60
N ALA F 28 -39.00 -30.90 24.18
CA ALA F 28 -38.58 -30.62 22.80
C ALA F 28 -38.66 -31.85 21.96
N ALA F 29 -38.84 -31.63 20.65
CA ALA F 29 -38.85 -32.70 19.66
C ALA F 29 -37.52 -33.31 19.79
N PRO F 30 -37.38 -34.55 19.33
CA PRO F 30 -36.08 -35.15 19.44
C PRO F 30 -35.12 -34.55 18.43
N GLU F 31 -35.64 -33.81 17.44
CA GLU F 31 -34.75 -33.06 16.56
C GLU F 31 -35.33 -31.65 16.20
N ASP F 32 -34.53 -30.69 15.78
CA ASP F 32 -35.07 -29.36 15.44
C ASP F 32 -35.15 -29.30 13.94
N ILE F 33 -36.23 -29.84 13.38
CA ILE F 33 -36.38 -30.00 11.95
C ILE F 33 -36.36 -28.65 11.21
N GLY F 34 -37.05 -27.63 11.73
CA GLY F 34 -36.93 -26.28 11.17
C GLY F 34 -35.51 -25.79 11.11
N GLY F 35 -34.74 -26.05 12.20
CA GLY F 35 -33.31 -25.70 12.26
C GLY F 35 -32.48 -26.34 11.19
N ILE F 36 -32.70 -27.63 10.96
CA ILE F 36 -32.04 -28.32 9.86
C ILE F 36 -32.38 -27.70 8.47
N VAL F 37 -33.68 -27.48 8.22
CA VAL F 37 -34.11 -26.92 6.93
C VAL F 37 -33.46 -25.54 6.73
N ALA F 38 -33.58 -24.64 7.70
CA ALA F 38 -32.89 -23.40 7.61
C ALA F 38 -31.40 -23.63 7.27
N ALA F 39 -30.71 -24.47 8.06
CA ALA F 39 -29.29 -24.61 7.87
C ALA F 39 -29.01 -25.17 6.47
N ASP F 40 -29.86 -26.10 5.98
CA ASP F 40 -29.59 -26.67 4.66
C ASP F 40 -29.72 -25.56 3.62
N LEU F 41 -30.81 -24.78 3.68
CA LEU F 41 -31.02 -23.81 2.62
C LEU F 41 -29.91 -22.76 2.66
N ARG F 42 -29.53 -22.32 3.85
CA ARG F 42 -28.39 -21.43 4.01
C ARG F 42 -27.08 -22.06 3.43
N ASN F 43 -26.81 -23.32 3.76
CA ASN F 43 -25.58 -24.00 3.28
C ASN F 43 -25.52 -24.04 1.74
N SER F 44 -26.69 -23.99 1.08
CA SER F 44 -26.72 -24.17 -0.34
C SER F 44 -26.16 -22.95 -1.06
N GLY F 45 -26.04 -21.81 -0.36
CA GLY F 45 -25.61 -20.54 -0.99
C GLY F 45 -26.78 -19.91 -1.76
N LYS F 46 -27.92 -20.58 -1.78
CA LYS F 46 -29.05 -20.02 -2.53
C LYS F 46 -30.11 -19.26 -1.65
N PHE F 47 -30.00 -19.35 -0.31
CA PHE F 47 -31.04 -18.81 0.57
C PHE F 47 -30.45 -18.11 1.74
N ASN F 48 -31.21 -17.14 2.24
CA ASN F 48 -30.86 -16.37 3.43
C ASN F 48 -32.03 -16.41 4.42
N PRO F 49 -32.10 -17.48 5.24
CA PRO F 49 -33.25 -17.65 6.11
C PRO F 49 -33.29 -16.58 7.16
N LEU F 50 -34.48 -16.05 7.43
CA LEU F 50 -34.59 -15.00 8.45
C LEU F 50 -34.07 -15.43 9.84
N ASP F 51 -33.32 -14.57 10.50
CA ASP F 51 -32.83 -14.86 11.83
C ASP F 51 -33.99 -15.11 12.83
N ARG F 52 -33.88 -16.14 13.67
CA ARG F 52 -34.96 -16.41 14.63
C ARG F 52 -35.45 -15.20 15.43
N ALA F 53 -34.56 -14.31 15.89
CA ALA F 53 -34.95 -13.05 16.58
C ALA F 53 -35.90 -12.17 15.80
N ARG F 54 -35.97 -12.33 14.49
CA ARG F 54 -36.78 -11.46 13.67
C ARG F 54 -38.09 -12.08 13.15
N LEU F 55 -38.31 -13.37 13.40
CA LEU F 55 -39.57 -13.96 12.87
C LEU F 55 -40.78 -13.09 13.27
N PRO F 56 -41.60 -12.68 12.31
CA PRO F 56 -42.75 -11.87 12.64
C PRO F 56 -43.89 -12.66 13.34
N GLN F 57 -43.90 -13.99 13.22
CA GLN F 57 -44.91 -14.87 13.87
C GLN F 57 -44.31 -16.27 13.75
N GLN F 58 -44.90 -17.29 14.41
CA GLN F 58 -44.42 -18.67 14.30
C GLN F 58 -45.61 -19.57 14.08
N PRO F 59 -46.21 -19.47 12.90
CA PRO F 59 -47.36 -20.30 12.53
C PRO F 59 -46.97 -21.79 12.52
N GLY F 60 -47.82 -22.66 13.09
CA GLY F 60 -47.58 -24.08 13.15
C GLY F 60 -48.29 -24.86 12.04
N SER F 61 -48.95 -24.14 11.12
CA SER F 61 -49.61 -24.70 9.95
C SER F 61 -49.68 -23.64 8.82
N ALA F 62 -50.02 -24.09 7.60
CA ALA F 62 -50.14 -23.17 6.48
C ALA F 62 -51.20 -22.11 6.71
N GLN F 63 -52.32 -22.51 7.33
CA GLN F 63 -53.48 -21.65 7.59
C GLN F 63 -53.07 -20.49 8.47
N GLU F 64 -52.10 -20.72 9.34
CA GLU F 64 -51.74 -19.72 10.30
C GLU F 64 -50.76 -18.69 9.71
N VAL F 65 -50.22 -18.97 8.53
CA VAL F 65 -49.28 -18.05 7.93
C VAL F 65 -50.04 -16.79 7.53
N GLN F 66 -49.52 -15.62 7.92
CA GLN F 66 -50.03 -14.32 7.51
C GLN F 66 -49.09 -13.79 6.44
N PRO F 67 -49.43 -13.94 5.14
CA PRO F 67 -48.48 -13.62 4.07
C PRO F 67 -47.96 -12.18 4.15
N ALA F 68 -48.82 -11.21 4.50
CA ALA F 68 -48.34 -9.84 4.57
C ALA F 68 -47.29 -9.61 5.67
N ALA F 69 -47.26 -10.43 6.72
CA ALA F 69 -46.16 -10.30 7.72
C ALA F 69 -44.80 -10.57 7.15
N TRP F 70 -44.76 -11.44 6.16
CA TRP F 70 -43.50 -11.82 5.62
C TRP F 70 -43.15 -10.98 4.43
N SER F 71 -44.10 -10.71 3.54
CA SER F 71 -43.78 -9.78 2.43
C SER F 71 -43.40 -8.39 2.96
N ALA F 72 -43.92 -8.02 4.11
CA ALA F 72 -43.50 -6.75 4.75
C ALA F 72 -42.01 -6.80 5.15
N LEU F 73 -41.40 -7.96 5.01
CA LEU F 73 -39.97 -8.07 5.36
C LEU F 73 -39.14 -8.42 4.15
N GLY F 74 -39.75 -8.32 2.99
CA GLY F 74 -39.09 -8.73 1.76
C GLY F 74 -38.99 -10.25 1.60
N ILE F 75 -39.83 -11.05 2.28
CA ILE F 75 -39.68 -12.52 2.15
C ILE F 75 -40.85 -13.10 1.31
N ASP F 76 -40.58 -13.85 0.26
CA ASP F 76 -41.69 -14.39 -0.53
C ASP F 76 -42.10 -15.85 -0.32
N ALA F 77 -41.46 -16.54 0.62
CA ALA F 77 -41.88 -17.91 0.97
C ALA F 77 -41.52 -18.20 2.42
N VAL F 78 -42.35 -19.03 3.06
CA VAL F 78 -42.17 -19.39 4.46
C VAL F 78 -42.31 -20.89 4.57
N VAL F 79 -41.46 -21.52 5.38
CA VAL F 79 -41.60 -22.97 5.63
C VAL F 79 -42.16 -23.14 7.04
N VAL F 80 -43.26 -23.88 7.16
CA VAL F 80 -43.82 -24.31 8.45
C VAL F 80 -43.94 -25.86 8.46
N GLY F 81 -44.15 -26.48 9.60
CA GLY F 81 -44.11 -27.92 9.63
C GLY F 81 -44.48 -28.42 11.01
N GLN F 82 -44.70 -29.71 11.12
CA GLN F 82 -45.14 -30.30 12.41
C GLN F 82 -44.34 -31.58 12.58
N VAL F 83 -44.01 -31.92 13.81
CA VAL F 83 -43.38 -33.17 14.15
C VAL F 83 -44.31 -33.89 15.17
N THR F 84 -44.70 -35.14 14.91
CA THR F 84 -45.63 -35.78 15.81
C THR F 84 -45.13 -37.18 16.08
N PRO F 85 -45.46 -37.71 17.29
CA PRO F 85 -45.06 -39.10 17.66
C PRO F 85 -46.09 -40.17 17.27
N ASN F 86 -45.62 -41.34 16.85
CA ASN F 86 -46.47 -42.49 16.61
C ASN F 86 -46.35 -43.53 17.75
N PRO F 87 -47.39 -44.35 17.94
CA PRO F 87 -47.37 -45.36 19.05
C PRO F 87 -46.19 -46.37 18.99
N ASP F 88 -45.63 -46.59 17.78
CA ASP F 88 -44.57 -47.58 17.60
C ASP F 88 -43.21 -46.98 17.89
N GLY F 89 -43.20 -45.73 18.30
CA GLY F 89 -41.92 -45.12 18.66
C GLY F 89 -41.33 -44.30 17.49
N SER F 90 -41.94 -44.39 16.33
CA SER F 90 -41.54 -43.53 15.20
C SER F 90 -42.19 -42.15 15.26
N TYR F 91 -41.88 -41.31 14.24
CA TYR F 91 -42.36 -39.96 14.17
C TYR F 91 -42.91 -39.69 12.78
N ASN F 92 -43.77 -38.69 12.66
CA ASN F 92 -44.15 -38.11 11.37
C ASN F 92 -43.52 -36.75 11.31
N VAL F 93 -42.86 -36.49 10.19
CA VAL F 93 -42.25 -35.15 9.99
C VAL F 93 -42.94 -34.60 8.77
N ALA F 94 -43.61 -33.46 8.95
CA ALA F 94 -44.39 -32.82 7.90
C ALA F 94 -44.00 -31.38 7.71
N TYR F 95 -44.04 -30.89 6.48
CA TYR F 95 -43.75 -29.44 6.27
C TYR F 95 -44.76 -28.88 5.26
N GLN F 96 -45.03 -27.59 5.27
CA GLN F 96 -45.71 -26.97 4.15
C GLN F 96 -44.92 -25.73 3.72
N LEU F 97 -44.85 -25.51 2.42
CA LEU F 97 -44.18 -24.33 1.87
C LEU F 97 -45.27 -23.39 1.39
N VAL F 98 -45.27 -22.16 1.94
CA VAL F 98 -46.37 -21.23 1.69
C VAL F 98 -45.79 -19.99 1.00
N ASP F 99 -46.44 -19.58 -0.08
CA ASP F 99 -45.94 -18.50 -0.89
C ASP F 99 -46.36 -17.23 -0.17
N THR F 100 -45.46 -16.26 -0.08
CA THR F 100 -45.87 -15.02 0.56
C THR F 100 -45.44 -13.86 -0.34
N GLY F 101 -45.54 -14.09 -1.64
CA GLY F 101 -45.06 -13.13 -2.64
C GLY F 101 -46.10 -12.92 -3.71
N GLY F 102 -45.95 -13.63 -4.83
CA GLY F 102 -46.79 -13.47 -5.99
C GLY F 102 -48.10 -14.24 -5.92
N ALA F 103 -48.17 -15.24 -5.04
CA ALA F 103 -49.39 -16.01 -4.87
C ALA F 103 -49.61 -16.17 -3.36
N PRO F 104 -49.83 -15.04 -2.64
CA PRO F 104 -49.77 -15.12 -1.17
C PRO F 104 -50.83 -16.05 -0.57
N GLY F 105 -50.40 -16.92 0.33
CA GLY F 105 -51.33 -17.89 0.90
C GLY F 105 -51.36 -19.23 0.19
N THR F 106 -50.84 -19.31 -1.03
CA THR F 106 -50.89 -20.59 -1.73
CA THR F 106 -50.86 -20.58 -1.80
C THR F 106 -49.80 -21.55 -1.25
N VAL F 107 -50.19 -22.78 -1.00
CA VAL F 107 -49.25 -23.75 -0.52
C VAL F 107 -48.60 -24.28 -1.79
N LEU F 108 -47.31 -23.96 -1.94
CA LEU F 108 -46.49 -24.40 -3.07
C LEU F 108 -46.04 -25.87 -3.06
N ALA F 109 -45.80 -26.47 -1.90
CA ALA F 109 -45.42 -27.88 -1.82
C ALA F 109 -45.76 -28.27 -0.42
N GLN F 110 -45.92 -29.57 -0.18
CA GLN F 110 -46.09 -30.07 1.17
CA GLN F 110 -46.12 -30.09 1.16
C GLN F 110 -45.82 -31.60 1.18
N ASN F 111 -45.36 -32.13 2.30
CA ASN F 111 -45.21 -33.58 2.36
C ASN F 111 -45.16 -33.97 3.82
N SER F 112 -45.24 -35.27 4.07
CA SER F 112 -45.02 -35.79 5.44
CA SER F 112 -45.00 -35.78 5.42
C SER F 112 -44.25 -37.12 5.36
N TYR F 113 -43.38 -37.37 6.31
CA TYR F 113 -42.58 -38.61 6.29
C TYR F 113 -42.67 -39.35 7.59
N LYS F 114 -42.73 -40.67 7.51
CA LYS F 114 -42.74 -41.46 8.77
C LYS F 114 -41.36 -42.03 8.99
N VAL F 115 -40.63 -41.65 10.04
CA VAL F 115 -39.27 -42.17 10.28
C VAL F 115 -38.98 -42.57 11.72
N ASN F 116 -38.03 -43.51 11.94
CA ASN F 116 -37.55 -43.78 13.30
CA ASN F 116 -37.53 -43.80 13.31
C ASN F 116 -36.67 -42.64 13.78
N LYS F 117 -36.47 -42.51 15.09
CA LYS F 117 -35.68 -41.37 15.58
C LYS F 117 -34.32 -41.26 14.93
N GLN F 118 -33.75 -42.41 14.57
CA GLN F 118 -32.40 -42.39 14.04
C GLN F 118 -32.36 -41.65 12.67
N TRP F 119 -33.50 -41.64 11.94
CA TRP F 119 -33.61 -40.95 10.64
C TRP F 119 -34.36 -39.61 10.61
N LEU F 120 -34.48 -38.94 11.74
CA LEU F 120 -35.05 -37.59 11.81
C LEU F 120 -34.25 -36.56 10.93
N ARG F 121 -32.90 -36.54 11.04
CA ARG F 121 -32.08 -35.63 10.17
C ARG F 121 -32.36 -35.88 8.70
N TYR F 122 -32.37 -37.15 8.36
CA TYR F 122 -32.78 -37.54 7.02
C TYR F 122 -34.11 -36.94 6.56
N ALA F 123 -35.14 -37.06 7.41
CA ALA F 123 -36.47 -36.53 7.05
C ALA F 123 -36.34 -35.02 6.86
N GLY F 124 -35.58 -34.35 7.70
CA GLY F 124 -35.56 -32.89 7.48
C GLY F 124 -34.80 -32.49 6.21
N HIS F 125 -33.67 -33.15 5.93
CA HIS F 125 -32.97 -32.94 4.64
C HIS F 125 -33.93 -33.21 3.47
N THR F 126 -34.89 -34.10 3.64
CA THR F 126 -35.84 -34.43 2.57
C THR F 126 -36.78 -33.26 2.31
N ALA F 127 -37.30 -32.67 3.38
CA ALA F 127 -38.10 -31.46 3.29
C ALA F 127 -37.22 -30.37 2.66
N SER F 128 -35.99 -30.24 3.18
CA SER F 128 -35.09 -29.29 2.54
C SER F 128 -35.03 -29.48 1.02
N ASP F 129 -34.84 -30.71 0.54
CA ASP F 129 -34.72 -30.99 -0.87
C ASP F 129 -35.92 -30.53 -1.67
N GLU F 130 -37.10 -30.80 -1.14
CA GLU F 130 -38.34 -30.46 -1.86
C GLU F 130 -38.52 -28.93 -1.86
N VAL F 131 -38.19 -28.25 -0.76
CA VAL F 131 -38.39 -26.80 -0.76
C VAL F 131 -37.39 -26.19 -1.78
N PHE F 132 -36.16 -26.61 -1.65
CA PHE F 132 -35.05 -26.14 -2.49
C PHE F 132 -35.39 -26.31 -4.01
N GLU F 133 -35.81 -27.51 -4.41
CA GLU F 133 -36.17 -27.73 -5.82
C GLU F 133 -37.41 -26.97 -6.31
N LYS F 134 -38.41 -26.81 -5.42
CA LYS F 134 -39.65 -26.10 -5.79
C LYS F 134 -39.27 -24.66 -6.04
N LEU F 135 -38.36 -24.13 -5.24
CA LEU F 135 -38.07 -22.72 -5.36
C LEU F 135 -36.95 -22.40 -6.35
N THR F 136 -36.05 -23.34 -6.64
CA THR F 136 -34.93 -22.99 -7.55
C THR F 136 -35.00 -23.74 -8.83
N GLY F 137 -35.69 -24.85 -8.83
CA GLY F 137 -35.81 -25.63 -10.09
C GLY F 137 -34.65 -26.59 -10.22
N ILE F 138 -33.80 -26.60 -9.18
CA ILE F 138 -32.58 -27.45 -9.14
C ILE F 138 -32.80 -28.53 -8.09
N LYS F 139 -32.45 -29.78 -8.39
CA LYS F 139 -32.67 -30.87 -7.47
C LYS F 139 -31.80 -30.73 -6.23
N GLY F 140 -32.35 -31.05 -5.08
CA GLY F 140 -31.63 -30.85 -3.85
C GLY F 140 -30.70 -31.99 -3.51
N ALA F 141 -29.65 -31.70 -2.75
CA ALA F 141 -28.63 -32.69 -2.47
C ALA F 141 -28.41 -32.71 -0.97
N PHE F 142 -29.44 -32.44 -0.16
CA PHE F 142 -29.21 -32.31 1.29
C PHE F 142 -29.08 -33.63 2.02
N ARG F 143 -29.41 -34.68 1.32
CA ARG F 143 -29.34 -36.00 1.85
CA ARG F 143 -29.33 -36.01 1.86
C ARG F 143 -28.02 -36.67 1.54
N THR F 144 -27.09 -35.94 0.96
CA THR F 144 -25.84 -36.61 0.54
C THR F 144 -24.90 -36.79 1.74
N ARG F 145 -23.86 -37.58 1.49
CA ARG F 145 -22.73 -37.77 2.39
C ARG F 145 -21.47 -37.32 1.74
N ILE F 146 -20.40 -37.17 2.52
CA ILE F 146 -19.13 -36.91 1.94
C ILE F 146 -18.14 -37.90 2.55
N ALA F 147 -17.07 -38.25 1.81
CA ALA F 147 -15.98 -39.07 2.35
C ALA F 147 -14.79 -38.20 2.48
N TYR F 148 -13.92 -38.51 3.45
CA TYR F 148 -12.64 -37.78 3.58
C TYR F 148 -11.63 -38.59 4.39
N VAL F 149 -10.37 -38.26 4.22
CA VAL F 149 -9.31 -39.03 4.88
C VAL F 149 -8.91 -38.15 6.05
N VAL F 150 -8.81 -38.69 7.27
CA VAL F 150 -8.43 -37.84 8.41
C VAL F 150 -7.05 -38.33 8.83
N GLN F 151 -6.11 -37.41 9.04
CA GLN F 151 -4.75 -37.79 9.43
C GLN F 151 -4.40 -37.29 10.84
N THR F 152 -4.31 -38.17 11.81
CA THR F 152 -3.90 -37.71 13.14
C THR F 152 -2.35 -37.77 13.17
N ASN F 153 -1.70 -37.32 14.24
CA ASN F 153 -0.21 -37.51 14.22
C ASN F 153 0.33 -38.77 14.89
N GLY F 154 -0.10 -39.04 16.12
CA GLY F 154 0.39 -40.22 16.79
C GLY F 154 -0.42 -41.39 16.32
N GLY F 155 -0.26 -42.55 16.98
CA GLY F 155 -1.15 -43.65 16.77
C GLY F 155 -0.52 -44.71 15.91
N GLN F 156 -0.87 -45.97 16.18
CA GLN F 156 -0.49 -47.07 15.28
C GLN F 156 -1.26 -46.87 13.96
N PHE F 157 -2.38 -46.15 13.98
CA PHE F 157 -3.19 -46.11 12.76
C PHE F 157 -3.52 -44.66 12.47
N PRO F 158 -2.52 -43.91 11.99
CA PRO F 158 -2.92 -42.49 12.00
C PRO F 158 -3.82 -42.09 10.82
N TYR F 159 -4.11 -42.97 9.87
CA TYR F 159 -4.87 -42.55 8.67
C TYR F 159 -6.25 -43.22 8.67
N GLU F 160 -7.29 -42.41 8.62
CA GLU F 160 -8.67 -42.95 8.65
C GLU F 160 -9.46 -42.44 7.48
N LEU F 161 -10.20 -43.31 6.80
CA LEU F 161 -11.13 -42.88 5.77
C LEU F 161 -12.47 -42.82 6.50
N ARG F 162 -13.10 -41.66 6.52
CA ARG F 162 -14.39 -41.49 7.23
C ARG F 162 -15.45 -41.06 6.30
N VAL F 163 -16.72 -41.25 6.72
CA VAL F 163 -17.86 -40.74 5.95
C VAL F 163 -18.74 -40.03 6.97
N SER F 164 -19.30 -38.89 6.56
CA SER F 164 -20.40 -38.25 7.29
C SER F 164 -21.48 -37.77 6.29
N ASP F 165 -22.60 -37.29 6.85
CA ASP F 165 -23.56 -36.47 6.13
C ASP F 165 -22.78 -35.23 5.62
N TYR F 166 -23.31 -34.59 4.59
CA TYR F 166 -22.56 -33.53 3.89
C TYR F 166 -22.28 -32.37 4.91
N ASP F 167 -23.13 -32.30 5.95
CA ASP F 167 -23.07 -31.21 6.96
C ASP F 167 -22.30 -31.66 8.22
N GLY F 168 -21.71 -32.87 8.14
CA GLY F 168 -20.76 -33.40 9.15
C GLY F 168 -21.41 -34.30 10.22
N TYR F 169 -22.74 -34.34 10.31
CA TYR F 169 -23.41 -35.23 11.28
C TYR F 169 -23.28 -36.71 10.90
N ASN F 170 -23.45 -37.62 11.85
CA ASN F 170 -23.44 -39.03 11.53
C ASN F 170 -22.16 -39.56 10.89
N GLN F 171 -21.03 -39.13 11.42
CA GLN F 171 -19.76 -39.60 10.96
C GLN F 171 -19.53 -41.06 11.40
N PHE F 172 -18.89 -41.86 10.55
CA PHE F 172 -18.41 -43.17 10.93
C PHE F 172 -17.06 -43.46 10.27
N VAL F 173 -16.31 -44.44 10.83
CA VAL F 173 -15.00 -44.80 10.24
C VAL F 173 -15.20 -45.92 9.26
N VAL F 174 -14.77 -45.70 8.02
CA VAL F 174 -14.76 -46.70 6.98
C VAL F 174 -13.51 -47.57 7.15
N HIS F 175 -12.35 -47.01 7.35
CA HIS F 175 -11.16 -47.84 7.39
C HIS F 175 -10.04 -47.11 8.10
N ARG F 176 -9.34 -47.78 9.02
CA ARG F 176 -8.12 -47.20 9.61
C ARG F 176 -6.88 -47.89 9.06
N SER F 177 -5.73 -47.21 9.05
CA SER F 177 -4.53 -47.69 8.33
C SER F 177 -3.30 -47.11 8.97
N PRO F 178 -2.22 -47.90 9.05
CA PRO F 178 -0.93 -47.35 9.51
C PRO F 178 -0.26 -46.55 8.43
N GLN F 179 -0.69 -46.72 7.19
CA GLN F 179 -0.04 -46.03 6.02
C GLN F 179 -1.09 -45.20 5.22
N PRO F 180 -0.62 -44.25 4.38
CA PRO F 180 -1.54 -43.30 3.70
C PRO F 180 -2.73 -43.96 2.99
N LEU F 181 -3.81 -43.24 2.91
CA LEU F 181 -4.98 -43.65 2.18
C LEU F 181 -5.19 -42.56 1.15
N MET F 182 -5.62 -42.92 -0.06
CA MET F 182 -5.90 -41.86 -1.05
C MET F 182 -7.19 -42.03 -1.78
N SER F 183 -7.72 -40.89 -2.24
CA SER F 183 -8.71 -40.84 -3.37
C SER F 183 -9.96 -41.68 -3.29
N PRO F 184 -10.78 -41.48 -2.25
CA PRO F 184 -12.08 -42.20 -2.21
C PRO F 184 -12.97 -41.76 -3.36
N ALA F 185 -13.77 -42.68 -3.85
CA ALA F 185 -14.66 -42.48 -4.97
C ALA F 185 -15.88 -43.27 -4.67
N TRP F 186 -17.04 -42.65 -4.85
CA TRP F 186 -18.31 -43.27 -4.51
C TRP F 186 -18.88 -44.05 -5.70
N SER F 187 -19.52 -45.18 -5.49
CA SER F 187 -20.31 -45.79 -6.57
C SER F 187 -21.60 -44.96 -6.75
N PRO F 188 -22.19 -44.95 -7.95
CA PRO F 188 -23.36 -44.09 -8.20
C PRO F 188 -24.57 -44.45 -7.38
N ASP F 189 -24.62 -45.67 -6.84
CA ASP F 189 -25.73 -46.01 -5.94
C ASP F 189 -25.40 -45.67 -4.48
N GLY F 190 -24.19 -45.19 -4.19
CA GLY F 190 -23.90 -44.72 -2.81
C GLY F 190 -23.43 -45.80 -1.84
N SER F 191 -23.47 -47.06 -2.29
CA SER F 191 -23.30 -48.22 -1.38
C SER F 191 -21.78 -48.61 -1.19
N LYS F 192 -20.93 -48.22 -2.15
N LYS F 192 -20.94 -48.21 -2.15
CA LYS F 192 -19.47 -48.60 -2.12
CA LYS F 192 -19.48 -48.54 -2.13
C LYS F 192 -18.49 -47.42 -2.34
C LYS F 192 -18.57 -47.30 -2.16
N LEU F 193 -17.37 -47.47 -1.62
CA LEU F 193 -16.30 -46.50 -1.78
C LEU F 193 -15.08 -47.23 -2.29
N ALA F 194 -14.49 -46.77 -3.40
CA ALA F 194 -13.17 -47.19 -3.86
C ALA F 194 -12.11 -46.33 -3.20
N TYR F 195 -10.95 -46.89 -2.87
CA TYR F 195 -9.90 -46.00 -2.31
C TYR F 195 -8.55 -46.69 -2.45
N VAL F 196 -7.47 -45.93 -2.23
CA VAL F 196 -6.14 -46.49 -2.30
C VAL F 196 -5.56 -46.62 -0.90
N THR F 197 -4.93 -47.76 -0.61
CA THR F 197 -4.27 -47.91 0.68
C THR F 197 -2.83 -48.37 0.46
N PHE F 198 -1.90 -47.83 1.24
CA PHE F 198 -0.50 -48.25 1.19
C PHE F 198 -0.14 -49.21 2.35
N GLU F 199 -1.13 -49.67 3.08
CA GLU F 199 -0.88 -50.53 4.26
C GLU F 199 -0.14 -51.83 3.93
N SER F 200 -0.28 -52.36 2.73
CA SER F 200 0.51 -53.57 2.42
C SER F 200 2.01 -53.28 2.23
N GLY F 201 2.38 -52.00 2.17
CA GLY F 201 3.75 -51.70 1.82
C GLY F 201 3.90 -51.18 0.39
N ARG F 202 2.81 -51.19 -0.37
CA ARG F 202 2.76 -50.61 -1.72
C ARG F 202 1.31 -50.24 -1.93
N SER F 203 1.02 -49.54 -3.01
CA SER F 203 -0.35 -49.08 -3.21
C SER F 203 -1.20 -50.32 -3.54
N ALA F 204 -2.46 -50.32 -3.09
CA ALA F 204 -3.45 -51.30 -3.57
C ALA F 204 -4.74 -50.51 -3.72
N LEU F 205 -5.52 -50.85 -4.75
CA LEU F 205 -6.78 -50.17 -4.98
C LEU F 205 -7.90 -51.16 -4.66
N VAL F 206 -8.82 -50.75 -3.80
CA VAL F 206 -9.88 -51.65 -3.32
C VAL F 206 -11.24 -50.95 -3.41
N ILE F 207 -12.29 -51.74 -3.31
CA ILE F 207 -13.62 -51.22 -3.20
C ILE F 207 -14.26 -51.79 -1.92
N GLN F 208 -14.65 -50.93 -0.99
CA GLN F 208 -15.26 -51.43 0.25
C GLN F 208 -16.76 -51.17 0.24
N THR F 209 -17.56 -52.20 0.59
CA THR F 209 -19.01 -52.04 0.71
C THR F 209 -19.28 -51.39 2.07
N LEU F 210 -19.95 -50.24 2.11
CA LEU F 210 -20.06 -49.50 3.38
C LEU F 210 -20.88 -50.22 4.44
N ALA F 211 -21.93 -50.92 4.02
CA ALA F 211 -22.89 -51.47 4.98
C ALA F 211 -22.28 -52.62 5.76
N ASN F 212 -21.35 -53.38 5.20
CA ASN F 212 -20.85 -54.52 5.99
C ASN F 212 -19.33 -54.54 6.05
N GLY F 213 -18.67 -53.51 5.48
CA GLY F 213 -17.20 -53.50 5.52
C GLY F 213 -16.54 -54.49 4.52
N ALA F 214 -17.28 -55.11 3.64
CA ALA F 214 -16.65 -56.04 2.70
C ALA F 214 -15.69 -55.34 1.76
N VAL F 215 -14.50 -55.91 1.61
CA VAL F 215 -13.46 -55.38 0.72
C VAL F 215 -13.17 -56.26 -0.54
N ARG F 216 -13.28 -55.62 -1.72
CA ARG F 216 -12.91 -56.26 -2.96
C ARG F 216 -11.58 -55.65 -3.44
N GLN F 217 -10.59 -56.52 -3.65
CA GLN F 217 -9.31 -56.15 -4.28
C GLN F 217 -9.48 -55.84 -5.78
N VAL F 218 -9.08 -54.65 -6.18
CA VAL F 218 -9.18 -54.31 -7.62
C VAL F 218 -7.82 -54.44 -8.33
N ALA F 219 -6.81 -53.79 -7.79
CA ALA F 219 -5.54 -53.83 -8.48
C ALA F 219 -4.47 -53.62 -7.48
N SER F 220 -3.51 -54.51 -7.45
CA SER F 220 -2.26 -54.22 -6.73
C SER F 220 -1.07 -54.69 -7.57
N PHE F 221 -0.93 -54.14 -8.76
CA PHE F 221 0.30 -54.39 -9.52
C PHE F 221 1.51 -53.65 -8.98
N PRO F 222 2.68 -54.04 -9.46
CA PRO F 222 3.85 -53.34 -9.01
C PRO F 222 3.59 -51.87 -9.32
N ARG F 223 4.34 -50.95 -8.70
CA ARG F 223 4.07 -49.51 -8.78
C ARG F 223 2.69 -49.01 -8.36
N HIS F 224 2.12 -48.06 -9.12
CA HIS F 224 0.96 -47.35 -8.59
C HIS F 224 -0.37 -47.92 -9.08
N ASN F 225 -1.32 -48.06 -8.14
CA ASN F 225 -2.68 -48.50 -8.39
C ASN F 225 -3.54 -47.46 -7.72
N GLY F 226 -4.18 -46.58 -8.48
CA GLY F 226 -5.02 -45.56 -7.83
C GLY F 226 -5.95 -44.69 -8.68
N ALA F 227 -6.37 -43.56 -8.12
CA ALA F 227 -7.24 -42.53 -8.79
C ALA F 227 -8.51 -43.17 -9.35
N PRO F 228 -9.34 -43.77 -8.46
CA PRO F 228 -10.57 -44.43 -9.03
C PRO F 228 -11.70 -43.50 -9.35
N ALA F 229 -12.65 -43.95 -10.21
CA ALA F 229 -13.86 -43.16 -10.48
C ALA F 229 -14.79 -44.19 -11.07
N PHE F 230 -15.98 -44.29 -10.50
CA PHE F 230 -17.04 -45.21 -10.97
C PHE F 230 -17.81 -44.54 -12.08
N SER F 231 -18.11 -45.27 -13.14
CA SER F 231 -18.95 -44.75 -14.23
C SER F 231 -20.32 -44.53 -13.70
N PRO F 232 -20.99 -43.48 -14.20
CA PRO F 232 -22.27 -43.17 -13.65
C PRO F 232 -23.28 -44.29 -13.92
N ASP F 233 -23.03 -45.18 -14.87
CA ASP F 233 -24.11 -46.16 -15.16
C ASP F 233 -23.94 -47.42 -14.32
N GLY F 234 -23.05 -47.35 -13.35
CA GLY F 234 -22.88 -48.46 -12.43
C GLY F 234 -22.03 -49.60 -12.97
N SER F 235 -21.62 -49.55 -14.24
CA SER F 235 -20.98 -50.77 -14.88
C SER F 235 -19.47 -50.87 -14.79
N LYS F 236 -18.81 -49.73 -14.61
CA LYS F 236 -17.36 -49.72 -14.71
C LYS F 236 -16.65 -49.00 -13.61
N LEU F 237 -15.35 -49.30 -13.44
CA LEU F 237 -14.48 -48.48 -12.58
C LEU F 237 -13.29 -48.05 -13.43
N ALA F 238 -13.02 -46.74 -13.51
CA ALA F 238 -11.81 -46.25 -14.24
C ALA F 238 -10.74 -46.01 -13.18
N PHE F 239 -9.46 -46.15 -13.54
CA PHE F 239 -8.45 -45.99 -12.51
C PHE F 239 -7.13 -45.86 -13.22
N ALA F 240 -6.05 -45.69 -12.50
CA ALA F 240 -4.80 -45.43 -13.17
C ALA F 240 -3.77 -46.42 -12.60
N LEU F 241 -2.93 -46.99 -13.46
CA LEU F 241 -1.84 -47.92 -13.04
C LEU F 241 -0.55 -47.46 -13.64
N SER F 242 0.53 -47.57 -12.89
CA SER F 242 1.79 -47.21 -13.50
C SER F 242 2.71 -48.40 -13.74
N LYS F 243 2.19 -49.62 -13.60
N LYS F 243 2.20 -49.64 -13.64
CA LYS F 243 3.01 -50.83 -13.91
CA LYS F 243 3.04 -50.86 -13.89
C LYS F 243 3.92 -50.62 -15.14
C LYS F 243 3.76 -50.91 -15.27
N THR F 244 3.33 -50.08 -16.23
CA THR F 244 3.99 -50.04 -17.53
C THR F 244 5.20 -49.13 -17.54
N GLY F 245 5.33 -48.28 -16.51
CA GLY F 245 6.49 -47.41 -16.45
C GLY F 245 6.15 -45.93 -16.37
N SER F 246 4.88 -45.60 -16.62
CA SER F 246 4.28 -44.26 -16.41
C SER F 246 2.82 -44.53 -16.13
N LEU F 247 2.09 -43.55 -15.56
CA LEU F 247 0.66 -43.78 -15.25
C LEU F 247 -0.17 -43.87 -16.54
N ASN F 248 -1.01 -44.87 -16.64
CA ASN F 248 -1.99 -44.89 -17.75
C ASN F 248 -3.36 -45.23 -17.23
N LEU F 249 -4.38 -44.99 -18.03
CA LEU F 249 -5.74 -45.25 -17.57
C LEU F 249 -6.21 -46.70 -17.88
N TYR F 250 -7.01 -47.29 -17.01
CA TYR F 250 -7.62 -48.62 -17.26
C TYR F 250 -9.03 -48.50 -16.82
N VAL F 251 -9.88 -49.41 -17.28
CA VAL F 251 -11.21 -49.48 -16.81
C VAL F 251 -11.44 -50.97 -16.46
N MET F 252 -12.19 -51.23 -15.40
CA MET F 252 -12.59 -52.59 -15.09
CA MET F 252 -12.59 -52.59 -15.09
C MET F 252 -14.10 -52.70 -15.22
N ASP F 253 -14.53 -53.77 -15.86
CA ASP F 253 -15.94 -54.08 -15.92
C ASP F 253 -16.26 -54.72 -14.53
N LEU F 254 -17.16 -54.10 -13.76
CA LEU F 254 -17.40 -54.57 -12.39
C LEU F 254 -17.98 -56.01 -12.33
N ALA F 255 -18.89 -56.32 -13.23
CA ALA F 255 -19.53 -57.63 -13.23
C ALA F 255 -18.48 -58.73 -13.48
N SER F 256 -17.59 -58.55 -14.46
CA SER F 256 -16.61 -59.64 -14.77
C SER F 256 -15.26 -59.55 -14.13
N GLY F 257 -14.86 -58.40 -13.63
CA GLY F 257 -13.47 -58.32 -13.13
C GLY F 257 -12.46 -57.99 -14.24
N GLN F 258 -12.90 -58.03 -15.50
CA GLN F 258 -11.98 -57.80 -16.61
C GLN F 258 -11.52 -56.36 -16.71
N ILE F 259 -10.20 -56.23 -16.78
CA ILE F 259 -9.53 -54.95 -16.85
C ILE F 259 -9.01 -54.71 -18.26
N ARG F 260 -9.32 -53.52 -18.83
CA ARG F 260 -8.88 -53.14 -20.17
C ARG F 260 -8.01 -51.84 -20.14
N GLN F 261 -6.94 -51.78 -20.90
CA GLN F 261 -6.15 -50.59 -20.88
C GLN F 261 -6.74 -49.51 -21.82
N VAL F 262 -6.79 -48.26 -21.34
CA VAL F 262 -7.41 -47.17 -22.11
C VAL F 262 -6.40 -46.26 -22.73
N THR F 263 -5.31 -45.96 -22.01
CA THR F 263 -4.28 -45.17 -22.62
C THR F 263 -2.96 -45.90 -22.54
N ASP F 264 -2.03 -45.59 -23.45
CA ASP F 264 -0.72 -46.25 -23.42
C ASP F 264 0.42 -45.32 -23.71
N GLY F 265 0.28 -44.04 -23.41
CA GLY F 265 1.38 -43.14 -23.64
C GLY F 265 2.53 -43.46 -22.69
N ARG F 266 3.70 -42.92 -23.01
CA ARG F 266 4.82 -42.85 -22.10
C ARG F 266 4.69 -41.66 -21.13
N SER F 267 3.70 -40.81 -21.38
CA SER F 267 3.45 -39.67 -20.50
C SER F 267 2.72 -40.28 -19.30
N ASN F 268 2.46 -39.47 -18.28
CA ASN F 268 1.56 -39.86 -17.18
C ASN F 268 0.12 -39.43 -17.41
N ASN F 269 -0.80 -40.35 -17.19
CA ASN F 269 -2.18 -40.10 -17.43
C ASN F 269 -2.90 -40.66 -16.26
N THR F 270 -3.57 -39.78 -15.50
CA THR F 270 -4.19 -40.19 -14.28
C THR F 270 -5.35 -39.26 -13.88
N GLU F 271 -5.92 -39.46 -12.68
CA GLU F 271 -7.04 -38.63 -12.21
C GLU F 271 -8.21 -38.61 -13.20
N PRO F 272 -8.73 -39.78 -13.59
CA PRO F 272 -9.86 -39.79 -14.57
C PRO F 272 -11.21 -39.34 -13.91
N THR F 273 -12.12 -38.72 -14.67
CA THR F 273 -13.48 -38.39 -14.19
C THR F 273 -14.39 -38.66 -15.39
N TRP F 274 -15.57 -39.23 -15.13
CA TRP F 274 -16.50 -39.70 -16.18
C TRP F 274 -17.37 -38.55 -16.68
N PHE F 275 -17.58 -38.49 -17.99
CA PHE F 275 -18.71 -37.76 -18.59
C PHE F 275 -19.97 -38.57 -18.29
N PRO F 276 -21.18 -37.94 -18.46
CA PRO F 276 -22.44 -38.58 -18.08
C PRO F 276 -22.80 -39.81 -18.87
N ASP F 277 -22.20 -39.99 -20.05
CA ASP F 277 -22.44 -41.10 -20.97
C ASP F 277 -21.72 -42.41 -20.58
N SER F 278 -20.84 -42.36 -19.59
CA SER F 278 -20.07 -43.56 -19.20
C SER F 278 -19.22 -44.16 -20.29
N GLN F 279 -18.68 -43.30 -21.17
CA GLN F 279 -17.88 -43.66 -22.34
C GLN F 279 -16.65 -42.80 -22.46
N ASN F 280 -16.79 -41.53 -22.09
CA ASN F 280 -15.67 -40.64 -22.12
C ASN F 280 -15.16 -40.26 -20.73
N LEU F 281 -13.84 -40.15 -20.62
CA LEU F 281 -13.17 -39.63 -19.43
C LEU F 281 -12.47 -38.30 -19.72
N ALA F 282 -12.55 -37.33 -18.80
CA ALA F 282 -11.53 -36.28 -18.77
C ALA F 282 -10.46 -36.75 -17.79
N PHE F 283 -9.26 -36.23 -17.92
CA PHE F 283 -8.19 -36.77 -17.09
C PHE F 283 -6.98 -35.93 -17.23
N THR F 284 -6.04 -36.16 -16.34
CA THR F 284 -4.82 -35.38 -16.30
C THR F 284 -3.75 -36.06 -17.12
N SER F 285 -3.11 -35.32 -18.04
CA SER F 285 -1.90 -35.87 -18.67
C SER F 285 -0.82 -34.82 -18.67
N ASP F 286 0.43 -35.26 -18.53
CA ASP F 286 1.59 -34.38 -18.77
C ASP F 286 2.21 -34.50 -20.19
N GLN F 287 1.47 -35.10 -21.13
CA GLN F 287 1.92 -35.18 -22.53
C GLN F 287 2.37 -33.83 -23.13
N ALA F 288 1.76 -32.72 -22.76
CA ALA F 288 2.15 -31.46 -23.37
C ALA F 288 3.22 -30.75 -22.59
N GLY F 289 3.69 -31.36 -21.49
CA GLY F 289 4.61 -30.68 -20.63
C GLY F 289 4.05 -30.56 -19.20
N ARG F 290 3.76 -29.34 -18.77
CA ARG F 290 2.98 -29.18 -17.53
C ARG F 290 1.62 -29.88 -17.71
N PRO F 291 1.05 -30.42 -16.62
CA PRO F 291 -0.24 -31.11 -16.67
C PRO F 291 -1.26 -30.22 -17.32
N GLN F 292 -2.10 -30.84 -18.16
CA GLN F 292 -3.29 -30.24 -18.74
C GLN F 292 -4.43 -31.30 -18.65
N VAL F 293 -5.69 -30.90 -18.86
CA VAL F 293 -6.80 -31.86 -18.83
C VAL F 293 -7.10 -32.33 -20.27
N TYR F 294 -7.24 -33.64 -20.45
CA TYR F 294 -7.48 -34.31 -21.69
C TYR F 294 -8.78 -35.08 -21.60
N LYS F 295 -9.34 -35.37 -22.78
CA LYS F 295 -10.56 -36.12 -22.91
C LYS F 295 -10.28 -37.37 -23.79
N VAL F 296 -10.80 -38.54 -23.41
CA VAL F 296 -10.68 -39.70 -24.29
C VAL F 296 -11.87 -40.64 -24.21
N ASN F 297 -12.32 -41.20 -25.34
CA ASN F 297 -13.41 -42.19 -25.35
C ASN F 297 -12.76 -43.53 -24.95
N ILE F 298 -13.38 -44.31 -24.07
CA ILE F 298 -12.70 -45.52 -23.58
C ILE F 298 -12.59 -46.57 -24.66
N ASN F 299 -13.37 -46.38 -25.73
CA ASN F 299 -13.35 -47.39 -26.80
C ASN F 299 -12.28 -47.22 -27.86
N GLY F 300 -11.97 -45.99 -28.26
CA GLY F 300 -10.85 -45.75 -29.19
C GLY F 300 -10.53 -44.29 -29.37
N GLY F 301 -9.35 -43.97 -29.91
CA GLY F 301 -9.04 -42.58 -30.19
C GLY F 301 -7.89 -42.11 -29.33
N ALA F 302 -7.11 -41.17 -29.86
CA ALA F 302 -5.94 -40.69 -29.16
C ALA F 302 -6.62 -39.64 -28.29
N PRO F 303 -6.13 -39.45 -27.05
CA PRO F 303 -6.71 -38.45 -26.17
C PRO F 303 -6.56 -37.08 -26.78
N GLN F 304 -7.41 -36.14 -26.38
CA GLN F 304 -7.36 -34.78 -26.91
C GLN F 304 -7.34 -33.73 -25.77
N ARG F 305 -6.38 -32.83 -25.81
CA ARG F 305 -6.24 -31.79 -24.81
C ARG F 305 -7.48 -30.92 -24.81
N ILE F 306 -8.09 -30.64 -23.64
CA ILE F 306 -9.29 -29.78 -23.59
C ILE F 306 -9.15 -28.49 -22.83
N THR F 307 -8.03 -28.31 -22.19
CA THR F 307 -7.82 -27.13 -21.37
C THR F 307 -6.69 -26.30 -22.05
N TRP F 308 -7.04 -25.20 -22.68
CA TRP F 308 -6.09 -24.46 -23.52
C TRP F 308 -5.82 -23.07 -22.91
N GLU F 309 -6.54 -22.75 -21.85
CA GLU F 309 -6.23 -21.51 -21.10
C GLU F 309 -5.44 -21.76 -19.81
N GLY F 310 -4.38 -21.01 -19.61
CA GLY F 310 -3.57 -21.13 -18.37
C GLY F 310 -2.37 -22.05 -18.47
N SER F 311 -1.39 -21.87 -17.60
CA SER F 311 -0.15 -22.63 -17.72
CA SER F 311 -0.16 -22.63 -17.75
C SER F 311 -0.28 -24.09 -17.30
N GLN F 312 -1.30 -24.41 -16.50
CA GLN F 312 -1.37 -25.78 -15.95
C GLN F 312 -2.72 -26.07 -15.35
N ASN F 313 -3.31 -27.22 -15.68
CA ASN F 313 -4.65 -27.56 -15.19
C ASN F 313 -4.67 -29.06 -14.98
N GLN F 314 -5.31 -29.51 -13.92
CA GLN F 314 -5.30 -30.92 -13.63
C GLN F 314 -6.41 -31.27 -12.61
N ASP F 315 -6.58 -32.56 -12.39
CA ASP F 315 -7.32 -33.11 -11.23
C ASP F 315 -8.78 -32.62 -11.34
N ALA F 316 -9.39 -32.96 -12.47
CA ALA F 316 -10.71 -32.47 -12.87
C ALA F 316 -11.88 -33.29 -12.33
N ASP F 317 -13.05 -32.68 -12.27
CA ASP F 317 -14.24 -33.42 -11.88
C ASP F 317 -15.34 -32.89 -12.82
N VAL F 318 -15.80 -33.74 -13.72
CA VAL F 318 -16.93 -33.35 -14.61
C VAL F 318 -18.33 -33.35 -13.95
N SER F 319 -19.13 -32.34 -14.24
CA SER F 319 -20.43 -32.21 -13.58
C SER F 319 -21.38 -33.37 -13.98
N SER F 320 -22.41 -33.61 -13.16
CA SER F 320 -23.35 -34.71 -13.43
C SER F 320 -24.06 -34.48 -14.77
N ASP F 321 -24.21 -33.24 -15.17
CA ASP F 321 -24.87 -32.94 -16.43
C ASP F 321 -23.92 -32.71 -17.61
N GLY F 322 -22.61 -32.87 -17.38
CA GLY F 322 -21.68 -32.81 -18.48
C GLY F 322 -21.45 -31.40 -19.00
N LYS F 323 -22.09 -30.40 -18.45
CA LYS F 323 -21.91 -29.04 -19.01
C LYS F 323 -20.59 -28.34 -18.64
N PHE F 324 -19.94 -28.75 -17.56
CA PHE F 324 -18.76 -28.04 -17.05
C PHE F 324 -17.96 -29.01 -16.21
N MET F 325 -16.73 -28.62 -15.87
CA MET F 325 -15.90 -29.40 -14.97
C MET F 325 -15.22 -28.39 -14.03
N VAL F 326 -14.84 -28.86 -12.86
CA VAL F 326 -14.03 -28.06 -11.96
C VAL F 326 -12.70 -28.76 -11.92
N MET F 327 -11.66 -28.03 -11.55
CA MET F 327 -10.34 -28.57 -11.69
C MET F 327 -9.42 -27.69 -10.91
N VAL F 328 -8.15 -28.11 -10.89
CA VAL F 328 -7.10 -27.39 -10.17
C VAL F 328 -6.25 -26.67 -11.23
N SER F 329 -6.16 -25.35 -11.09
CA SER F 329 -5.43 -24.54 -12.12
C SER F 329 -4.28 -23.85 -11.45
N SER F 330 -3.08 -24.02 -12.01
CA SER F 330 -1.85 -23.51 -11.39
CA SER F 330 -1.87 -23.49 -11.37
C SER F 330 -1.26 -22.43 -12.26
N ASN F 331 -0.87 -21.33 -11.62
CA ASN F 331 -0.23 -20.18 -12.29
C ASN F 331 0.52 -19.36 -11.24
N GLY F 332 1.71 -18.92 -11.58
CA GLY F 332 2.38 -17.94 -10.74
C GLY F 332 2.64 -18.42 -9.31
N GLY F 333 3.04 -19.67 -9.16
CA GLY F 333 3.32 -20.23 -7.85
C GLY F 333 2.09 -20.66 -7.04
N GLN F 334 0.88 -20.42 -7.54
CA GLN F 334 -0.28 -20.75 -6.74
C GLN F 334 -1.21 -21.72 -7.50
N GLN F 335 -2.14 -22.34 -6.76
CA GLN F 335 -3.07 -23.29 -7.36
C GLN F 335 -4.45 -23.14 -6.67
N HIS F 336 -5.52 -23.14 -7.46
CA HIS F 336 -6.88 -22.85 -7.01
C HIS F 336 -7.83 -23.68 -7.79
N ILE F 337 -9.05 -23.75 -7.28
CA ILE F 337 -10.15 -24.43 -7.95
C ILE F 337 -10.76 -23.52 -8.98
N ALA F 338 -10.93 -24.02 -10.20
CA ALA F 338 -11.50 -23.26 -11.29
C ALA F 338 -12.58 -24.10 -11.94
N LYS F 339 -13.55 -23.43 -12.54
CA LYS F 339 -14.59 -24.12 -13.29
C LYS F 339 -14.33 -23.87 -14.79
N GLN F 340 -14.46 -24.87 -15.69
CA GLN F 340 -14.44 -24.60 -17.14
C GLN F 340 -15.76 -25.04 -17.78
N ASP F 341 -16.38 -24.16 -18.53
CA ASP F 341 -17.64 -24.48 -19.24
C ASP F 341 -17.19 -25.36 -20.42
N LEU F 342 -17.72 -26.56 -20.58
CA LEU F 342 -17.12 -27.42 -21.56
C LEU F 342 -17.55 -27.07 -23.01
N ALA F 343 -18.67 -26.35 -23.16
CA ALA F 343 -19.13 -25.92 -24.51
C ALA F 343 -18.28 -24.77 -25.02
N THR F 344 -18.12 -23.73 -24.19
CA THR F 344 -17.46 -22.52 -24.65
C THR F 344 -15.98 -22.52 -24.35
N GLY F 345 -15.54 -23.32 -23.38
CA GLY F 345 -14.19 -23.21 -22.93
C GLY F 345 -14.00 -22.10 -21.90
N GLY F 346 -15.05 -21.38 -21.52
CA GLY F 346 -14.85 -20.29 -20.49
C GLY F 346 -14.37 -20.81 -19.12
N VAL F 347 -13.39 -20.14 -18.52
CA VAL F 347 -12.86 -20.50 -17.20
C VAL F 347 -13.28 -19.42 -16.18
N GLN F 348 -13.69 -19.82 -14.97
CA GLN F 348 -13.85 -18.86 -13.88
C GLN F 348 -13.09 -19.49 -12.71
N VAL F 349 -12.18 -18.73 -12.11
CA VAL F 349 -11.49 -19.13 -10.89
C VAL F 349 -12.44 -19.04 -9.71
N LEU F 350 -12.53 -20.10 -8.90
CA LEU F 350 -13.56 -20.12 -7.83
C LEU F 350 -13.03 -19.81 -6.46
N SER F 351 -11.84 -20.28 -6.14
CA SER F 351 -11.39 -20.11 -4.78
C SER F 351 -10.07 -19.32 -4.73
N SER F 352 -9.71 -18.77 -3.56
CA SER F 352 -8.44 -18.08 -3.38
C SER F 352 -7.73 -18.58 -2.15
N THR F 353 -8.12 -19.75 -1.65
CA THR F 353 -7.36 -20.38 -0.57
C THR F 353 -6.02 -20.96 -1.03
N PHE F 354 -5.26 -21.48 -0.08
CA PHE F 354 -3.92 -21.88 -0.35
C PHE F 354 -3.77 -23.39 -0.62
N LEU F 355 -3.18 -23.68 -1.76
CA LEU F 355 -2.76 -25.08 -2.16
C LEU F 355 -4.04 -25.88 -2.35
N ASP F 356 -4.96 -25.33 -3.13
CA ASP F 356 -6.24 -25.97 -3.38
C ASP F 356 -6.05 -27.23 -4.19
N GLU F 357 -6.78 -28.29 -3.82
CA GLU F 357 -6.64 -29.56 -4.58
C GLU F 357 -7.87 -30.43 -4.44
N THR F 358 -7.92 -31.51 -5.22
CA THR F 358 -8.99 -32.53 -5.15
C THR F 358 -10.45 -32.05 -5.02
N PRO F 359 -10.95 -31.29 -6.02
CA PRO F 359 -12.32 -30.80 -5.96
C PRO F 359 -13.33 -31.91 -6.37
N SER F 360 -14.48 -31.92 -5.70
CA SER F 360 -15.50 -32.90 -5.98
C SER F 360 -16.84 -32.18 -5.95
N LEU F 361 -17.62 -32.38 -7.02
CA LEU F 361 -18.93 -31.74 -7.14
C LEU F 361 -20.05 -32.42 -6.40
N ALA F 362 -20.85 -31.62 -5.73
CA ALA F 362 -22.12 -32.13 -5.26
C ALA F 362 -22.95 -32.62 -6.48
N PRO F 363 -23.91 -33.55 -6.26
CA PRO F 363 -24.56 -34.22 -7.39
C PRO F 363 -25.48 -33.30 -8.18
N ASN F 364 -25.77 -32.12 -7.63
CA ASN F 364 -26.61 -31.17 -8.38
C ASN F 364 -25.82 -30.14 -9.08
N GLY F 365 -24.49 -30.27 -9.06
CA GLY F 365 -23.62 -29.30 -9.73
C GLY F 365 -23.52 -27.89 -9.11
N THR F 366 -24.01 -27.66 -7.90
CA THR F 366 -24.09 -26.26 -7.46
C THR F 366 -22.92 -25.93 -6.50
N MET F 367 -22.19 -26.96 -6.07
CA MET F 367 -21.27 -26.71 -4.92
C MET F 367 -20.02 -27.60 -5.01
N VAL F 368 -18.89 -27.12 -4.51
CA VAL F 368 -17.66 -27.91 -4.61
C VAL F 368 -17.07 -28.11 -3.24
N ILE F 369 -16.81 -29.34 -2.86
CA ILE F 369 -16.00 -29.58 -1.67
C ILE F 369 -14.57 -29.83 -2.16
N TYR F 370 -13.56 -29.33 -1.47
CA TYR F 370 -12.15 -29.53 -1.92
C TYR F 370 -11.25 -29.41 -0.66
N SER F 371 -9.94 -29.56 -0.78
CA SER F 371 -9.12 -29.32 0.40
CA SER F 371 -9.03 -29.42 0.38
C SER F 371 -8.00 -28.34 0.10
N SER F 372 -7.57 -27.61 1.13
CA SER F 372 -6.48 -26.62 0.97
C SER F 372 -5.63 -26.73 2.20
N SER F 373 -4.59 -25.91 2.33
CA SER F 373 -3.84 -25.98 3.57
CA SER F 373 -3.75 -25.95 3.52
C SER F 373 -3.97 -24.71 4.41
N GLN F 374 -4.10 -24.90 5.72
CA GLN F 374 -4.19 -23.75 6.66
C GLN F 374 -3.14 -23.99 7.70
N GLY F 375 -2.26 -23.03 7.94
CA GLY F 375 -1.13 -23.31 8.81
C GLY F 375 -0.46 -24.59 8.30
N MET F 376 -0.11 -25.52 9.19
CA MET F 376 0.64 -26.72 8.80
C MET F 376 -0.14 -27.96 8.36
N GLY F 377 -1.45 -27.85 8.15
CA GLY F 377 -2.23 -29.04 7.84
C GLY F 377 -3.28 -28.80 6.78
N SER F 378 -3.74 -29.92 6.20
CA SER F 378 -4.86 -29.89 5.24
C SER F 378 -6.16 -29.71 5.97
N VAL F 379 -7.08 -29.01 5.30
CA VAL F 379 -8.47 -28.83 5.76
C VAL F 379 -9.46 -28.91 4.60
N LEU F 380 -10.78 -28.92 4.88
CA LEU F 380 -11.79 -28.99 3.81
C LEU F 380 -12.44 -27.62 3.64
N ASN F 381 -12.79 -27.36 2.39
CA ASN F 381 -13.45 -26.12 1.97
C ASN F 381 -14.63 -26.42 1.08
N LEU F 382 -15.61 -25.50 1.06
CA LEU F 382 -16.75 -25.52 0.13
C LEU F 382 -16.77 -24.23 -0.63
N VAL F 383 -16.98 -24.29 -1.95
CA VAL F 383 -17.21 -23.08 -2.71
C VAL F 383 -18.30 -23.39 -3.70
N SER F 384 -19.26 -22.47 -3.82
CA SER F 384 -20.34 -22.68 -4.80
C SER F 384 -19.78 -22.54 -6.22
N THR F 385 -20.47 -23.13 -7.19
CA THR F 385 -19.89 -23.16 -8.54
C THR F 385 -20.04 -21.79 -9.19
N ASP F 386 -20.78 -20.92 -8.55
CA ASP F 386 -20.82 -19.56 -9.02
C ASP F 386 -19.87 -18.65 -8.22
N GLY F 387 -19.10 -19.19 -7.27
CA GLY F 387 -18.01 -18.41 -6.73
C GLY F 387 -18.45 -17.47 -5.61
N ARG F 388 -19.74 -17.36 -5.39
CA ARG F 388 -20.34 -16.44 -4.41
C ARG F 388 -20.34 -16.90 -2.93
N PHE F 389 -20.35 -18.19 -2.70
CA PHE F 389 -20.58 -18.76 -1.38
C PHE F 389 -19.30 -19.50 -1.02
N LYS F 390 -18.77 -19.21 0.18
CA LYS F 390 -17.61 -19.87 0.71
C LYS F 390 -17.78 -20.27 2.16
N ALA F 391 -17.42 -21.52 2.41
CA ALA F 391 -17.59 -22.14 3.72
C ALA F 391 -16.44 -23.11 3.99
N ARG F 392 -16.35 -23.55 5.25
CA ARG F 392 -15.42 -24.54 5.62
C ARG F 392 -16.08 -25.65 6.42
N LEU F 393 -15.34 -26.75 6.57
CA LEU F 393 -15.78 -27.82 7.45
C LEU F 393 -14.70 -28.10 8.49
N PRO F 394 -14.54 -27.20 9.49
CA PRO F 394 -13.39 -27.35 10.42
C PRO F 394 -13.51 -28.65 11.19
N ALA F 395 -12.36 -29.27 11.50
CA ALA F 395 -12.38 -30.56 12.24
C ALA F 395 -11.66 -30.49 13.58
N THR F 396 -11.87 -31.50 14.41
CA THR F 396 -11.24 -31.49 15.72
C THR F 396 -10.09 -32.49 15.79
N ASP F 397 -10.15 -33.55 15.01
CA ASP F 397 -9.29 -34.74 15.23
C ASP F 397 -7.90 -34.74 14.55
N GLY F 398 -7.58 -33.76 13.71
CA GLY F 398 -6.39 -33.90 12.82
C GLY F 398 -6.55 -33.25 11.45
N GLN F 399 -5.60 -33.43 10.55
CA GLN F 399 -5.72 -32.86 9.22
C GLN F 399 -6.83 -33.59 8.49
N VAL F 400 -7.53 -32.89 7.59
N VAL F 400 -7.41 -32.92 7.49
CA VAL F 400 -8.51 -33.59 6.74
CA VAL F 400 -8.49 -33.55 6.74
C VAL F 400 -8.36 -33.22 5.27
C VAL F 400 -8.39 -33.21 5.26
N LYS F 401 -8.48 -34.24 4.42
CA LYS F 401 -8.25 -34.08 3.00
C LYS F 401 -9.03 -35.15 2.19
N PHE F 402 -8.68 -35.26 0.90
CA PHE F 402 -9.26 -36.24 -0.01
C PHE F 402 -10.78 -36.32 0.12
N PRO F 403 -11.45 -35.19 0.05
CA PRO F 403 -12.91 -35.24 0.17
C PRO F 403 -13.57 -35.80 -1.11
N ALA F 404 -14.71 -36.49 -1.00
CA ALA F 404 -15.44 -36.87 -2.20
C ALA F 404 -16.96 -36.78 -1.92
N TRP F 405 -17.71 -36.10 -2.79
CA TRP F 405 -19.14 -35.90 -2.55
C TRP F 405 -19.89 -37.11 -3.07
N SER F 406 -20.86 -37.64 -2.31
CA SER F 406 -21.57 -38.83 -2.75
C SER F 406 -22.59 -38.41 -3.86
N PRO F 407 -23.10 -39.42 -4.56
CA PRO F 407 -24.24 -39.21 -5.47
C PRO F 407 -25.48 -38.91 -4.61
N TYR F 408 -26.57 -38.55 -5.25
CA TYR F 408 -27.87 -38.41 -4.61
C TYR F 408 -28.14 -39.66 -3.78
N LEU F 409 -28.70 -39.41 -2.63
CA LEU F 409 -29.10 -40.50 -1.78
C LEU F 409 -30.54 -40.18 -1.39
N GLN G 4 23.23 -37.94 5.48
CA GLN G 4 22.76 -39.36 5.71
C GLN G 4 23.08 -40.18 4.47
N ASN G 5 22.98 -41.51 4.58
CA ASN G 5 23.53 -42.34 3.52
C ASN G 5 22.53 -43.15 2.68
N ASN G 6 21.25 -42.80 2.71
CA ASN G 6 20.31 -43.57 1.88
C ASN G 6 19.22 -42.73 1.34
N ILE G 7 19.51 -41.47 1.11
CA ILE G 7 18.54 -40.56 0.51
C ILE G 7 19.12 -39.78 -0.67
N VAL G 8 18.46 -39.84 -1.82
CA VAL G 8 18.86 -38.94 -2.91
C VAL G 8 17.89 -37.75 -2.92
N TYR G 9 18.44 -36.53 -3.03
CA TYR G 9 17.62 -35.32 -3.11
C TYR G 9 17.48 -34.79 -4.52
N PHE G 10 16.38 -34.09 -4.84
CA PHE G 10 16.24 -33.54 -6.16
C PHE G 10 15.76 -32.10 -6.14
N ASP G 11 16.10 -31.35 -7.20
CA ASP G 11 15.53 -30.01 -7.42
C ASP G 11 14.11 -30.13 -7.97
N LEU G 12 13.45 -28.97 -8.09
CA LEU G 12 12.07 -28.87 -8.59
C LEU G 12 11.91 -29.53 -9.94
N ASP G 13 10.99 -30.50 -10.03
CA ASP G 13 10.75 -31.20 -11.31
C ASP G 13 11.99 -31.89 -11.91
N LYS G 14 13.04 -32.15 -11.12
CA LYS G 14 14.20 -32.94 -11.59
C LYS G 14 14.18 -34.33 -10.95
N TYR G 15 14.76 -35.30 -11.68
CA TYR G 15 14.84 -36.68 -11.21
C TYR G 15 16.14 -37.33 -11.69
N ASP G 16 17.07 -36.51 -12.15
CA ASP G 16 18.42 -36.99 -12.45
C ASP G 16 19.17 -37.29 -11.14
N ILE G 17 19.83 -38.44 -11.06
CA ILE G 17 20.73 -38.70 -9.93
C ILE G 17 21.95 -37.80 -10.12
N ARG G 18 22.16 -36.79 -9.28
CA ARG G 18 23.34 -35.94 -9.48
C ARG G 18 24.63 -36.53 -8.86
N SER G 19 25.82 -36.03 -9.24
CA SER G 19 27.13 -36.70 -8.94
C SER G 19 27.34 -36.93 -7.46
N ASP G 20 26.93 -35.99 -6.65
CA ASP G 20 27.13 -36.07 -5.22
C ASP G 20 26.53 -37.32 -4.59
N PHE G 21 25.56 -37.94 -5.25
CA PHE G 21 24.93 -39.11 -4.64
C PHE G 21 25.46 -40.43 -5.23
N ALA G 22 26.41 -40.28 -6.17
CA ALA G 22 27.00 -41.42 -6.91
C ALA G 22 27.71 -42.37 -5.97
N GLN G 23 28.61 -41.84 -5.15
CA GLN G 23 29.32 -42.71 -4.23
C GLN G 23 28.36 -43.42 -3.26
N MET G 24 27.48 -42.66 -2.59
CA MET G 24 26.61 -43.30 -1.61
CA MET G 24 26.51 -43.20 -1.64
C MET G 24 25.80 -44.39 -2.29
N LEU G 25 25.37 -44.15 -3.51
CA LEU G 25 24.63 -45.15 -4.26
C LEU G 25 25.48 -46.34 -4.62
N ASP G 26 26.78 -46.11 -4.87
CA ASP G 26 27.70 -47.19 -5.23
C ASP G 26 27.82 -48.11 -4.02
N ALA G 27 27.80 -47.53 -2.82
CA ALA G 27 27.83 -48.34 -1.61
C ALA G 27 26.66 -49.29 -1.62
N HIS G 28 25.47 -48.77 -1.94
CA HIS G 28 24.29 -49.62 -1.93
C HIS G 28 24.41 -50.71 -3.02
N ALA G 29 24.91 -50.33 -4.19
CA ALA G 29 25.06 -51.31 -5.27
C ALA G 29 26.07 -52.43 -4.89
N ASN G 30 27.24 -52.11 -4.36
CA ASN G 30 28.11 -53.26 -4.03
C ASN G 30 27.57 -54.06 -2.86
N PHE G 31 26.88 -53.40 -1.92
CA PHE G 31 26.21 -54.20 -0.93
C PHE G 31 25.24 -55.21 -1.57
N LEU G 32 24.51 -54.78 -2.61
CA LEU G 32 23.43 -55.61 -3.16
C LEU G 32 23.99 -56.75 -4.03
N ARG G 33 25.09 -56.48 -4.73
CA ARG G 33 25.77 -57.53 -5.47
C ARG G 33 26.35 -58.53 -4.47
N SER G 34 27.03 -58.01 -3.44
CA SER G 34 27.66 -58.87 -2.46
C SER G 34 26.65 -59.67 -1.65
N ASN G 35 25.39 -59.23 -1.63
CA ASN G 35 24.35 -59.94 -0.90
C ASN G 35 23.11 -60.10 -1.75
N PRO G 36 23.16 -61.04 -2.71
CA PRO G 36 22.28 -61.12 -3.88
C PRO G 36 20.87 -61.61 -3.55
N SER G 37 20.66 -61.96 -2.28
CA SER G 37 19.33 -62.26 -1.75
C SER G 37 18.59 -60.97 -1.38
N TYR G 38 19.34 -59.89 -1.07
CA TYR G 38 18.72 -58.67 -0.54
C TYR G 38 17.88 -57.85 -1.52
N LYS G 39 16.72 -57.41 -1.01
CA LYS G 39 15.80 -56.47 -1.67
C LYS G 39 15.95 -55.03 -1.13
N VAL G 40 16.01 -54.04 -2.02
CA VAL G 40 15.92 -52.64 -1.58
C VAL G 40 14.66 -52.07 -2.20
N THR G 41 13.91 -51.31 -1.43
CA THR G 41 12.74 -50.62 -1.88
C THR G 41 13.15 -49.15 -1.99
N VAL G 42 12.97 -48.56 -3.18
CA VAL G 42 13.24 -47.13 -3.37
C VAL G 42 11.89 -46.40 -3.25
N GLU G 43 11.75 -45.65 -2.15
CA GLU G 43 10.52 -44.96 -1.88
C GLU G 43 10.74 -43.54 -2.41
N GLY G 44 9.94 -43.13 -3.40
CA GLY G 44 10.11 -41.84 -4.08
C GLY G 44 9.04 -40.84 -3.67
N HIS G 45 9.35 -39.54 -3.72
CA HIS G 45 8.44 -38.55 -3.16
C HIS G 45 8.48 -37.29 -3.98
N ALA G 46 7.52 -36.42 -3.72
CA ALA G 46 7.45 -35.13 -4.43
C ALA G 46 7.08 -34.14 -3.38
N ASP G 47 7.15 -32.85 -3.70
CA ASP G 47 6.73 -31.86 -2.72
C ASP G 47 5.23 -31.54 -2.90
N GLU G 48 4.67 -30.64 -2.10
CA GLU G 48 3.21 -30.55 -2.02
C GLU G 48 2.56 -29.81 -3.19
N ARG G 49 3.36 -29.15 -4.04
CA ARG G 49 2.73 -28.36 -5.10
C ARG G 49 2.24 -29.31 -6.21
N GLY G 50 0.96 -29.24 -6.59
CA GLY G 50 0.46 -30.26 -7.52
C GLY G 50 -0.75 -30.92 -6.90
N THR G 51 -1.09 -32.13 -7.33
CA THR G 51 -2.20 -32.84 -6.75
C THR G 51 -1.73 -34.24 -6.45
N PRO G 52 -2.42 -34.93 -5.55
CA PRO G 52 -1.87 -36.17 -4.96
C PRO G 52 -1.63 -37.26 -6.01
N GLU G 53 -2.64 -37.53 -6.86
CA GLU G 53 -2.54 -38.66 -7.82
C GLU G 53 -1.56 -38.28 -8.95
N TYR G 54 -1.60 -37.04 -9.46
CA TYR G 54 -0.59 -36.66 -10.44
C TYR G 54 0.83 -36.66 -9.85
N ASN G 55 1.05 -36.12 -8.64
CA ASN G 55 2.40 -36.10 -8.04
C ASN G 55 3.05 -37.46 -7.74
N ILE G 56 2.27 -38.56 -7.75
CA ILE G 56 2.86 -39.90 -7.71
C ILE G 56 3.92 -40.01 -8.82
N SER G 57 3.67 -39.35 -9.93
CA SER G 57 4.51 -39.55 -11.08
C SER G 57 5.91 -38.98 -10.81
N LEU G 58 5.98 -37.86 -10.05
CA LEU G 58 7.28 -37.24 -9.76
C LEU G 58 8.12 -38.16 -8.85
N GLY G 59 7.46 -38.72 -7.82
CA GLY G 59 8.17 -39.75 -7.01
C GLY G 59 8.63 -40.98 -7.77
N GLU G 60 7.82 -41.47 -8.74
CA GLU G 60 8.26 -42.60 -9.60
C GLU G 60 9.49 -42.33 -10.48
N ARG G 61 9.52 -41.16 -11.13
CA ARG G 61 10.72 -40.83 -11.95
C ARG G 61 12.00 -40.84 -11.13
N ARG G 62 11.91 -40.31 -9.90
CA ARG G 62 13.05 -40.27 -8.96
C ARG G 62 13.48 -41.68 -8.49
N ALA G 63 12.50 -42.46 -7.99
CA ALA G 63 12.85 -43.83 -7.56
C ALA G 63 13.35 -44.63 -8.77
N ASN G 64 12.68 -44.46 -9.92
CA ASN G 64 13.17 -45.11 -11.16
C ASN G 64 14.60 -44.80 -11.54
N ALA G 65 14.98 -43.54 -11.38
CA ALA G 65 16.33 -43.09 -11.69
C ALA G 65 17.32 -43.83 -10.79
N VAL G 66 16.96 -43.98 -9.53
CA VAL G 66 17.83 -44.70 -8.58
C VAL G 66 17.87 -46.16 -9.02
N LYS G 67 16.73 -46.70 -9.44
CA LYS G 67 16.73 -48.07 -9.92
C LYS G 67 17.70 -48.21 -11.09
N MET G 68 17.59 -47.33 -12.07
CA MET G 68 18.40 -47.53 -13.26
C MET G 68 19.88 -47.38 -12.88
N TYR G 69 20.17 -46.43 -12.01
CA TYR G 69 21.52 -46.24 -11.55
C TYR G 69 22.08 -47.56 -11.01
N LEU G 70 21.34 -48.20 -10.09
CA LEU G 70 21.81 -49.46 -9.52
C LEU G 70 21.97 -50.58 -10.59
N GLN G 71 21.05 -50.62 -11.56
CA GLN G 71 21.10 -51.66 -12.61
C GLN G 71 22.34 -51.42 -13.44
N GLY G 72 22.69 -50.15 -13.59
CA GLY G 72 23.89 -49.79 -14.28
C GLY G 72 25.11 -50.25 -13.52
N LYS G 73 24.99 -50.46 -12.21
CA LYS G 73 26.14 -50.87 -11.37
C LYS G 73 26.11 -52.37 -11.08
N GLY G 74 25.34 -53.09 -11.90
CA GLY G 74 25.35 -54.51 -11.84
C GLY G 74 24.36 -55.09 -10.86
N VAL G 75 23.37 -54.30 -10.41
CA VAL G 75 22.39 -54.88 -9.50
C VAL G 75 21.25 -55.52 -10.28
N SER G 76 20.83 -56.68 -9.82
CA SER G 76 19.69 -57.41 -10.38
C SER G 76 18.36 -56.64 -10.30
N ALA G 77 17.68 -56.50 -11.43
CA ALA G 77 16.42 -55.79 -11.47
C ALA G 77 15.53 -56.35 -10.38
N ASP G 78 15.65 -57.65 -10.19
CA ASP G 78 14.77 -58.40 -9.30
C ASP G 78 15.06 -58.11 -7.80
N GLN G 79 16.14 -57.41 -7.55
CA GLN G 79 16.48 -56.98 -6.20
C GLN G 79 16.00 -55.55 -5.87
N ILE G 80 15.21 -54.94 -6.75
CA ILE G 80 14.79 -53.54 -6.58
C ILE G 80 13.33 -53.32 -6.91
N SER G 81 12.58 -52.79 -5.95
CA SER G 81 11.22 -52.38 -6.26
CA SER G 81 11.19 -52.41 -6.15
C SER G 81 11.06 -50.88 -6.04
N ILE G 82 10.12 -50.27 -6.75
CA ILE G 82 9.88 -48.87 -6.44
C ILE G 82 8.45 -48.66 -5.93
N VAL G 83 8.32 -47.73 -4.97
CA VAL G 83 7.05 -47.33 -4.45
C VAL G 83 7.10 -45.83 -4.31
N SER G 84 6.26 -45.18 -5.09
CA SER G 84 6.13 -43.74 -4.95
C SER G 84 4.97 -43.38 -4.06
N TYR G 85 5.27 -42.52 -3.08
CA TYR G 85 4.25 -41.88 -2.22
C TYR G 85 3.74 -40.53 -2.66
N GLY G 86 4.22 -40.05 -3.81
CA GLY G 86 3.85 -38.73 -4.25
C GLY G 86 4.08 -37.72 -3.13
N LYS G 87 3.03 -36.98 -2.76
CA LYS G 87 3.18 -35.94 -1.75
C LYS G 87 2.53 -36.42 -0.46
N GLU G 88 2.28 -37.73 -0.35
CA GLU G 88 1.53 -38.24 0.81
C GLU G 88 2.36 -38.48 2.06
N LYS G 89 3.66 -38.56 1.90
CA LYS G 89 4.46 -38.87 3.05
C LYS G 89 5.64 -37.91 3.24
N PRO G 90 5.34 -36.62 3.49
CA PRO G 90 6.42 -35.65 3.58
C PRO G 90 7.36 -36.01 4.72
N ALA G 91 8.62 -35.58 4.63
CA ALA G 91 9.58 -35.75 5.75
C ALA G 91 9.41 -34.59 6.71
N VAL G 92 8.99 -33.47 6.20
CA VAL G 92 8.93 -32.29 7.01
C VAL G 92 7.64 -31.53 6.58
N LEU G 93 7.01 -30.82 7.49
CA LEU G 93 5.79 -30.08 7.16
C LEU G 93 6.30 -28.71 6.80
N GLY G 94 5.55 -27.96 6.00
CA GLY G 94 5.80 -26.51 5.85
C GLY G 94 5.56 -26.15 4.42
N HIS G 95 5.62 -24.87 4.14
CA HIS G 95 5.20 -24.36 2.83
C HIS G 95 6.26 -23.52 2.19
N ASP G 96 7.50 -23.86 2.42
CA ASP G 96 8.51 -23.14 1.71
C ASP G 96 9.59 -24.07 1.21
N GLU G 97 10.49 -23.51 0.44
CA GLU G 97 11.56 -24.25 -0.18
C GLU G 97 12.38 -25.08 0.81
N ALA G 98 12.50 -24.60 2.05
CA ALA G 98 13.14 -25.41 3.11
C ALA G 98 12.46 -26.78 3.27
N ALA G 99 11.14 -26.76 3.28
CA ALA G 99 10.40 -27.97 3.50
C ALA G 99 10.42 -28.79 2.19
N TYR G 100 10.13 -28.10 1.09
CA TYR G 100 10.02 -28.73 -0.22
C TYR G 100 11.27 -29.47 -0.57
N SER G 101 12.42 -28.84 -0.34
CA SER G 101 13.67 -29.46 -0.71
CA SER G 101 13.70 -29.43 -0.67
C SER G 101 13.93 -30.70 0.14
N LYS G 102 13.49 -30.71 1.41
CA LYS G 102 13.69 -31.91 2.23
C LYS G 102 12.69 -32.97 1.81
N ASN G 103 11.62 -32.57 1.10
CA ASN G 103 10.63 -33.57 0.75
C ASN G 103 10.85 -34.15 -0.65
N ARG G 104 11.70 -33.52 -1.45
CA ARG G 104 11.95 -34.02 -2.80
C ARG G 104 13.05 -35.05 -2.75
N ARG G 105 12.72 -36.35 -2.67
CA ARG G 105 13.76 -37.30 -2.32
C ARG G 105 13.37 -38.73 -2.69
N ALA G 106 14.35 -39.61 -2.74
CA ALA G 106 14.08 -41.02 -2.96
C ALA G 106 14.81 -41.68 -1.84
N VAL G 107 14.12 -42.54 -1.10
CA VAL G 107 14.73 -43.23 0.05
C VAL G 107 14.97 -44.71 -0.22
N LEU G 108 16.17 -45.16 0.07
CA LEU G 108 16.50 -46.56 -0.12
C LEU G 108 16.25 -47.31 1.20
N VAL G 109 15.37 -48.28 1.20
CA VAL G 109 14.96 -48.92 2.43
C VAL G 109 15.13 -50.43 2.23
N TYR G 110 15.64 -51.13 3.24
CA TYR G 110 15.82 -52.58 3.16
C TYR G 110 14.85 -53.27 4.09
N LEU G 111 13.69 -53.64 3.58
CA LEU G 111 12.58 -54.07 4.44
C LEU G 111 12.80 -55.37 5.24
N GLN H 4 11.76 61.42 26.39
CA GLN H 4 11.16 61.59 27.77
C GLN H 4 9.71 62.13 27.84
N ASN H 5 9.34 63.18 27.11
CA ASN H 5 7.92 63.66 27.25
C ASN H 5 6.90 63.10 26.22
N ASN H 6 7.38 62.29 25.28
CA ASN H 6 6.48 61.82 24.20
C ASN H 6 6.64 60.33 23.86
N ILE H 7 6.98 59.53 24.88
CA ILE H 7 7.20 58.10 24.69
C ILE H 7 6.64 57.29 25.81
N VAL H 8 5.81 56.34 25.47
CA VAL H 8 5.35 55.41 26.46
C VAL H 8 6.10 54.05 26.32
N TYR H 9 6.59 53.48 27.43
CA TYR H 9 7.34 52.24 27.41
C TYR H 9 6.46 51.12 27.94
N PHE H 10 6.77 49.90 27.54
CA PHE H 10 5.97 48.73 27.86
C PHE H 10 6.87 47.53 28.19
N ASP H 11 6.39 46.64 29.04
CA ASP H 11 7.11 45.40 29.34
C ASP H 11 6.79 44.38 28.27
N LEU H 12 7.54 43.27 28.30
CA LEU H 12 7.43 42.22 27.29
C LEU H 12 5.99 41.76 27.17
N ASP H 13 5.49 41.68 25.94
CA ASP H 13 4.05 41.38 25.68
C ASP H 13 3.03 42.14 26.54
N LYS H 14 3.34 43.36 26.95
CA LYS H 14 2.33 44.23 27.56
C LYS H 14 2.06 45.45 26.68
N TYR H 15 0.82 45.94 26.74
CA TYR H 15 0.31 46.98 25.84
C TYR H 15 -0.55 47.99 26.56
N ASP H 16 -0.69 47.89 27.87
CA ASP H 16 -1.49 48.87 28.64
C ASP H 16 -0.68 50.12 28.98
N ILE H 17 -1.33 51.28 29.07
CA ILE H 17 -0.64 52.52 29.48
C ILE H 17 -0.54 52.45 30.99
N ARG H 18 0.66 52.39 31.55
CA ARG H 18 0.74 52.31 33.03
C ARG H 18 0.77 53.73 33.71
N SER H 19 0.48 53.79 35.02
CA SER H 19 0.15 55.10 35.65
C SER H 19 1.22 56.19 35.41
N ASP H 20 2.49 55.80 35.41
CA ASP H 20 3.56 56.78 35.26
C ASP H 20 3.50 57.60 33.98
N PHE H 21 2.80 57.11 32.96
CA PHE H 21 2.72 57.83 31.68
C PHE H 21 1.43 58.68 31.57
N ALA H 22 0.49 58.47 32.50
CA ALA H 22 -0.78 59.18 32.53
C ALA H 22 -0.60 60.68 32.43
N GLN H 23 0.24 61.19 33.31
CA GLN H 23 0.52 62.60 33.36
C GLN H 23 1.02 63.08 31.98
N MET H 24 2.06 62.43 31.47
CA MET H 24 2.64 62.81 30.19
C MET H 24 1.57 62.83 29.08
N LEU H 25 0.77 61.77 29.02
CA LEU H 25 -0.24 61.68 27.96
C LEU H 25 -1.29 62.81 28.06
N ASP H 26 -1.66 63.18 29.29
CA ASP H 26 -2.63 64.24 29.55
C ASP H 26 -2.18 65.55 28.93
N ALA H 27 -0.88 65.86 29.02
CA ALA H 27 -0.41 67.08 28.38
C ALA H 27 -0.74 66.97 26.91
N HIS H 28 -0.50 65.80 26.33
CA HIS H 28 -0.83 65.62 24.92
C HIS H 28 -2.32 65.84 24.65
N ALA H 29 -3.19 65.22 25.46
CA ALA H 29 -4.64 65.35 25.27
C ALA H 29 -5.02 66.84 25.38
N ASN H 30 -4.46 67.49 26.39
CA ASN H 30 -4.77 68.89 26.63
C ASN H 30 -4.50 69.62 25.37
N PHE H 31 -3.25 69.51 24.92
CA PHE H 31 -2.86 70.14 23.69
C PHE H 31 -3.78 69.87 22.48
N LEU H 32 -4.13 68.61 22.24
CA LEU H 32 -4.89 68.26 21.04
C LEU H 32 -6.34 68.76 21.15
N ARG H 33 -6.93 68.62 22.34
CA ARG H 33 -8.27 69.15 22.57
C ARG H 33 -8.29 70.63 22.21
N SER H 34 -7.21 71.33 22.54
CA SER H 34 -7.16 72.76 22.30
C SER H 34 -6.99 73.11 20.84
N ASN H 35 -6.26 72.30 20.07
CA ASN H 35 -5.97 72.65 18.68
C ASN H 35 -6.49 71.68 17.66
N PRO H 36 -7.83 71.49 17.62
CA PRO H 36 -8.53 70.42 16.86
C PRO H 36 -8.09 70.34 15.39
N SER H 37 -7.31 71.35 14.98
CA SER H 37 -6.57 71.39 13.70
C SER H 37 -5.48 70.31 13.64
N TYR H 38 -4.97 69.93 14.81
CA TYR H 38 -3.75 69.13 14.95
C TYR H 38 -3.91 67.62 14.94
N LYS H 39 -2.93 66.95 14.34
CA LYS H 39 -2.98 65.50 14.17
C LYS H 39 -1.78 64.83 14.80
N VAL H 40 -2.00 63.83 15.66
CA VAL H 40 -0.86 63.13 16.26
C VAL H 40 -0.66 61.75 15.62
N THR H 41 0.58 61.34 15.45
CA THR H 41 0.80 60.03 14.88
C THR H 41 1.49 59.23 15.95
N VAL H 42 0.86 58.12 16.32
CA VAL H 42 1.38 57.24 17.35
C VAL H 42 2.13 56.09 16.67
N GLU H 43 3.46 56.13 16.77
CA GLU H 43 4.31 55.12 16.20
C GLU H 43 4.57 54.05 17.21
N GLY H 44 4.15 52.82 16.94
CA GLY H 44 4.36 51.77 17.91
C GLY H 44 5.42 50.73 17.53
N HIS H 45 6.04 50.08 18.54
CA HIS H 45 7.17 49.25 18.24
C HIS H 45 7.17 48.04 19.14
N ALA H 46 8.01 47.07 18.76
CA ALA H 46 8.18 45.87 19.52
C ALA H 46 9.68 45.58 19.53
N ASP H 47 10.13 44.72 20.42
CA ASP H 47 11.54 44.31 20.39
C ASP H 47 11.69 43.15 19.39
N GLU H 48 12.91 42.68 19.21
CA GLU H 48 13.28 41.83 18.09
C GLU H 48 12.82 40.40 18.23
N ARG H 49 12.49 39.96 19.43
CA ARG H 49 12.11 38.57 19.56
C ARG H 49 10.74 38.40 18.85
N GLY H 50 10.66 37.43 17.95
CA GLY H 50 9.46 37.27 17.17
C GLY H 50 9.80 37.31 15.70
N THR H 51 8.83 37.62 14.84
CA THR H 51 9.13 37.71 13.44
C THR H 51 8.55 38.98 12.93
N PRO H 52 9.04 39.48 11.79
CA PRO H 52 8.69 40.90 11.56
C PRO H 52 7.21 41.18 11.33
N GLU H 53 6.50 40.36 10.56
CA GLU H 53 5.13 40.73 10.17
C GLU H 53 4.22 40.46 11.39
N TYR H 54 4.52 39.41 12.17
CA TYR H 54 3.73 39.18 13.37
C TYR H 54 3.97 40.31 14.38
N ASN H 55 5.23 40.74 14.57
CA ASN H 55 5.47 41.73 15.62
C ASN H 55 4.91 43.11 15.32
N ILE H 56 4.43 43.32 14.09
CA ILE H 56 3.63 44.52 13.81
C ILE H 56 2.50 44.65 14.83
N SER H 57 1.87 43.53 15.16
CA SER H 57 0.70 43.55 16.05
C SER H 57 1.01 44.04 17.46
N LEU H 58 2.26 43.85 17.92
CA LEU H 58 2.64 44.19 19.32
C LEU H 58 2.77 45.70 19.35
N GLY H 59 3.47 46.23 18.34
CA GLY H 59 3.47 47.68 18.05
C GLY H 59 2.07 48.30 17.96
N GLU H 60 1.15 47.68 17.21
CA GLU H 60 -0.20 48.23 17.04
C GLU H 60 -0.99 48.22 18.38
N ARG H 61 -0.90 47.15 19.18
CA ARG H 61 -1.58 47.16 20.50
C ARG H 61 -1.11 48.31 21.38
N ARG H 62 0.20 48.60 21.37
CA ARG H 62 0.72 49.75 22.10
C ARG H 62 0.22 51.11 21.56
N ALA H 63 0.39 51.35 20.26
CA ALA H 63 -0.12 52.57 19.68
C ALA H 63 -1.63 52.72 19.93
N ASN H 64 -2.41 51.65 19.68
CA ASN H 64 -3.84 51.69 19.92
C ASN H 64 -4.17 52.10 21.37
N ALA H 65 -3.44 51.54 22.33
CA ALA H 65 -3.73 51.82 23.70
C ALA H 65 -3.50 53.29 24.00
N VAL H 66 -2.49 53.90 23.35
CA VAL H 66 -2.32 55.35 23.50
C VAL H 66 -3.53 56.07 22.92
N LYS H 67 -4.00 55.58 21.77
CA LYS H 67 -5.13 56.19 21.10
C LYS H 67 -6.37 56.12 21.98
N MET H 68 -6.62 54.96 22.56
CA MET H 68 -7.79 54.85 23.39
C MET H 68 -7.68 55.81 24.59
N TYR H 69 -6.53 55.85 25.24
CA TYR H 69 -6.35 56.73 26.37
C TYR H 69 -6.65 58.20 26.01
N LEU H 70 -6.05 58.69 24.94
CA LEU H 70 -6.32 60.05 24.51
C LEU H 70 -7.81 60.24 24.20
N GLN H 71 -8.47 59.24 23.61
CA GLN H 71 -9.89 59.40 23.30
C GLN H 71 -10.69 59.45 24.62
N GLY H 72 -10.22 58.71 25.61
CA GLY H 72 -10.68 58.80 26.97
C GLY H 72 -10.51 60.20 27.54
N LYS H 73 -9.53 60.94 27.05
CA LYS H 73 -9.35 62.31 27.55
C LYS H 73 -10.07 63.33 26.70
N GLY H 74 -11.01 62.91 25.84
CA GLY H 74 -11.75 63.85 25.00
C GLY H 74 -11.14 64.15 23.61
N VAL H 75 -10.07 63.45 23.22
CA VAL H 75 -9.49 63.74 21.92
C VAL H 75 -10.31 63.16 20.76
N SER H 76 -10.42 63.91 19.68
CA SER H 76 -11.10 63.45 18.46
C SER H 76 -10.39 62.26 17.79
N ALA H 77 -11.13 61.17 17.56
CA ALA H 77 -10.59 60.01 16.87
C ALA H 77 -9.84 60.43 15.65
N ASP H 78 -10.30 61.50 15.00
CA ASP H 78 -9.77 61.90 13.69
C ASP H 78 -8.53 62.79 13.81
N GLN H 79 -8.10 63.04 15.06
CA GLN H 79 -6.83 63.72 15.33
C GLN H 79 -5.69 62.70 15.63
N ILE H 80 -5.98 61.40 15.50
CA ILE H 80 -5.06 60.37 15.94
C ILE H 80 -4.96 59.24 14.95
N SER H 81 -3.78 59.09 14.34
CA SER H 81 -3.55 57.93 13.49
CA SER H 81 -3.47 57.97 13.45
C SER H 81 -2.51 57.00 14.13
N ILE H 82 -2.50 55.74 13.72
CA ILE H 82 -1.50 54.87 14.32
C ILE H 82 -0.68 54.16 13.25
N VAL H 83 0.62 54.07 13.44
CA VAL H 83 1.44 53.38 12.51
C VAL H 83 2.31 52.43 13.28
N SER H 84 2.17 51.12 13.08
CA SER H 84 3.13 50.23 13.78
C SER H 84 4.33 49.89 12.91
N TYR H 85 5.53 50.03 13.48
CA TYR H 85 6.73 49.58 12.80
C TYR H 85 7.19 48.18 13.19
N GLY H 86 6.45 47.51 14.05
CA GLY H 86 6.90 46.23 14.59
C GLY H 86 8.32 46.37 15.11
N LYS H 87 9.20 45.48 14.69
CA LYS H 87 10.59 45.48 15.14
C LYS H 87 11.54 46.05 14.08
N GLU H 88 11.01 46.73 13.05
CA GLU H 88 11.80 47.31 11.96
C GLU H 88 12.52 48.64 12.28
N LYS H 89 12.11 49.38 13.30
CA LYS H 89 12.80 50.62 13.61
C LYS H 89 13.22 50.70 15.08
N PRO H 90 14.20 49.89 15.48
CA PRO H 90 14.61 49.90 16.89
C PRO H 90 15.22 51.27 17.26
N ALA H 91 15.06 51.68 18.50
CA ALA H 91 15.72 52.89 19.03
C ALA H 91 17.19 52.58 19.25
N VAL H 92 17.51 51.36 19.65
CA VAL H 92 18.92 51.00 19.86
C VAL H 92 19.17 49.53 19.51
N LEU H 93 20.43 49.18 19.23
CA LEU H 93 20.77 47.83 18.73
C LEU H 93 21.17 47.07 19.97
N GLY H 94 21.21 45.76 19.94
CA GLY H 94 21.63 45.02 21.13
C GLY H 94 20.67 43.86 21.33
N HIS H 95 21.09 42.88 22.11
CA HIS H 95 20.34 41.64 22.20
C HIS H 95 20.06 41.29 23.64
N ASP H 96 20.01 42.26 24.52
CA ASP H 96 19.51 41.93 25.86
C ASP H 96 18.44 42.93 26.22
N GLU H 97 17.95 42.78 27.45
CA GLU H 97 16.78 43.48 27.95
C GLU H 97 17.05 45.00 28.00
N ALA H 98 18.31 45.41 28.12
CA ALA H 98 18.58 46.83 28.12
C ALA H 98 18.11 47.36 26.73
N ALA H 99 18.48 46.68 25.65
CA ALA H 99 18.10 47.11 24.31
C ALA H 99 16.59 46.92 24.14
N TYR H 100 16.07 45.78 24.59
CA TYR H 100 14.68 45.47 24.31
C TYR H 100 13.74 46.45 25.01
N SER H 101 13.96 46.76 26.28
CA SER H 101 13.06 47.69 26.98
CA SER H 101 13.10 47.70 27.01
C SER H 101 13.09 49.05 26.32
N LYS H 102 14.21 49.43 25.78
CA LYS H 102 14.31 50.70 25.05
C LYS H 102 13.45 50.70 23.74
N ASN H 103 13.24 49.51 23.18
CA ASN H 103 12.63 49.43 21.86
C ASN H 103 11.13 49.14 21.96
N ARG H 104 10.69 48.68 23.13
CA ARG H 104 9.27 48.43 23.37
C ARG H 104 8.57 49.74 23.74
N ARG H 105 8.03 50.45 22.76
CA ARG H 105 7.57 51.79 23.03
C ARG H 105 6.55 52.30 21.97
N ALA H 106 5.88 53.38 22.31
CA ALA H 106 4.98 54.07 21.40
C ALA H 106 5.39 55.50 21.48
N VAL H 107 5.60 56.10 20.31
CA VAL H 107 6.12 57.42 20.23
C VAL H 107 5.03 58.29 19.62
N LEU H 108 4.80 59.45 20.25
CA LEU H 108 3.76 60.38 19.84
C LEU H 108 4.46 61.40 18.97
N VAL H 109 4.18 61.47 17.70
CA VAL H 109 4.83 62.53 16.94
C VAL H 109 3.88 63.36 16.09
N TYR H 110 4.19 64.66 16.00
CA TYR H 110 3.35 65.61 15.29
C TYR H 110 3.95 65.82 13.91
N LEU H 111 3.34 65.20 12.90
CA LEU H 111 3.84 65.26 11.52
C LEU H 111 3.24 66.46 10.78
S SO4 I . 20.99 25.33 -3.76
O1 SO4 I . 22.18 24.58 -4.26
O2 SO4 I . 21.46 26.44 -2.88
O3 SO4 I . 20.24 25.80 -4.98
O4 SO4 I . 20.32 24.29 -2.99
S SO4 J . -6.97 54.01 13.17
O1 SO4 J . -5.58 53.56 13.06
O2 SO4 J . -7.47 53.85 14.52
O3 SO4 J . -6.99 55.41 12.77
O4 SO4 J . -7.82 53.22 12.28
S SO4 K . -13.28 35.80 17.12
O1 SO4 K . -11.95 35.56 16.51
O2 SO4 K . -13.13 36.96 17.98
O3 SO4 K . -14.35 36.13 16.16
O4 SO4 K . -13.71 34.65 17.90
C1 GOL L . 27.37 41.47 -7.95
O1 GOL L . 27.95 41.22 -6.67
C2 GOL L . 28.44 41.01 -8.88
O2 GOL L . 28.82 39.88 -8.17
C3 GOL L . 27.85 40.61 -10.23
O3 GOL L . 28.35 39.33 -10.66
C ACT M . 15.85 26.53 -12.00
O ACT M . 15.04 26.08 -12.92
OXT ACT M . 15.46 27.37 -11.20
CH3 ACT M . 17.22 26.14 -11.89
S SO4 N . -49.04 9.41 1.57
O1 SO4 N . -47.56 9.40 1.61
O2 SO4 N . -49.53 10.77 1.39
O3 SO4 N . -49.50 8.61 0.43
O4 SO4 N . -49.64 8.91 2.80
S SO4 O . -37.30 17.42 -29.78
O1 SO4 O . -36.68 17.59 -28.48
O2 SO4 O . -38.32 18.46 -29.93
O3 SO4 O . -36.27 17.56 -30.82
O4 SO4 O . -37.94 16.09 -29.77
C1 GOL P . -16.65 -1.60 -21.25
O1 GOL P . -15.80 -0.52 -21.43
C2 GOL P . -16.27 -2.04 -19.85
O2 GOL P . -15.32 -1.07 -19.37
C3 GOL P . -16.18 -3.59 -19.80
O3 GOL P . -17.17 -4.42 -20.55
C1 GOL Q . -9.18 14.67 -24.24
O1 GOL Q . -8.55 14.47 -23.00
C2 GOL Q . -8.19 14.20 -25.25
O2 GOL Q . -7.85 12.91 -24.85
C3 GOL Q . -8.78 14.00 -26.62
O3 GOL Q . -8.43 12.66 -26.97
C ACT R . -20.85 -0.27 -28.31
O ACT R . -21.32 0.69 -27.65
OXT ACT R . -21.57 -0.85 -29.25
CH3 ACT R . -19.47 -0.65 -27.95
C1 GOL S . -40.93 28.08 -3.50
O1 GOL S . -40.40 28.92 -4.50
C2 GOL S . -42.41 28.33 -3.34
O2 GOL S . -42.65 29.21 -2.26
C3 GOL S . -43.01 27.00 -2.99
O3 GOL S . -44.32 27.20 -2.54
S SO4 T . 14.31 15.12 18.86
O1 SO4 T . 15.75 14.84 18.89
O2 SO4 T . 14.16 16.58 18.88
O3 SO4 T . 13.62 14.63 17.66
O4 SO4 T . 13.71 14.46 20.05
C1 GOL U . 16.47 -9.63 31.63
O1 GOL U . 16.43 -8.57 30.69
C2 GOL U . 15.13 -10.36 31.59
O2 GOL U . 15.19 -11.06 30.41
C3 GOL U . 13.93 -9.46 31.49
O3 GOL U . 12.83 -10.15 30.91
C1 GOL V . 41.86 -13.26 -9.07
O1 GOL V . 40.98 -12.46 -8.28
C2 GOL V . 41.17 -14.59 -9.25
O2 GOL V . 40.39 -14.51 -10.38
C3 GOL V . 42.01 -15.86 -9.36
O3 GOL V . 41.29 -17.12 -9.33
C ACT W . 6.26 -9.33 14.08
O ACT W . 5.43 -9.92 13.25
OXT ACT W . 7.46 -9.72 14.17
CH3 ACT W . 5.92 -8.20 14.94
S SO4 X . -28.55 -28.46 12.24
O1 SO4 X . -27.53 -27.41 12.36
O2 SO4 X . -29.83 -27.99 12.80
O3 SO4 X . -28.64 -28.81 10.82
O4 SO4 X . -28.16 -29.60 13.08
C1 GOL Y . -21.61 -35.74 14.76
O1 GOL Y . -20.19 -35.85 14.90
C2 GOL Y . -22.42 -36.90 15.30
O2 GOL Y . -23.72 -36.91 14.71
C3 GOL Y . -21.66 -38.09 14.76
O3 GOL Y . -20.68 -37.48 13.96
S SO4 Z . 17.94 -29.89 10.44
O1 SO4 Z . 18.64 -28.69 10.93
O2 SO4 Z . 16.64 -29.92 11.14
O3 SO4 Z . 17.74 -29.83 8.98
O4 SO4 Z . 18.74 -31.07 10.77
C ACT AA . 7.58 42.72 22.47
O ACT AA . 6.89 42.71 23.54
OXT ACT AA . 7.76 43.85 21.87
CH3 ACT AA . 8.19 41.43 21.98
#